data_2G7H
#
_entry.id   2G7H
#
_entity_poly.entity_id   1
_entity_poly.type   'polypeptide(L)'
_entity_poly.pdbx_seq_one_letter_code
;MIIQIEEYFIGMIFKGNQLVRNTIPLRREEIFNFMDGEVVSNPEDEHLKVAEIILKLYFAEIDDKKVRELISYKLEVPEF
TKKVLDIVKDIEFGKTLTYGDIAKKLNTSPRAVGMALKRNPLPLIIPCHRVVAKNSLGGYSYGLDKKKFILERERLNMVS
FKFNKVY
;
_entity_poly.pdbx_strand_id   A
#
# COMPACT_ATOMS: atom_id res chain seq x y z
N MET A 1 -0.61 18.59 -0.31
CA MET A 1 -0.01 17.25 -0.58
C MET A 1 0.63 16.65 0.66
N ILE A 2 1.33 17.49 1.42
CA ILE A 2 2.01 17.03 2.63
C ILE A 2 1.06 17.09 3.84
N ILE A 3 1.05 16.04 4.67
CA ILE A 3 0.18 16.01 5.84
C ILE A 3 0.69 15.04 6.89
N GLN A 4 0.73 15.50 8.14
CA GLN A 4 1.21 14.67 9.25
C GLN A 4 0.02 14.09 10.02
N ILE A 5 0.08 12.79 10.31
CA ILE A 5 -0.99 12.12 11.04
C ILE A 5 -0.48 10.92 11.82
N GLU A 6 -0.87 10.83 13.09
CA GLU A 6 -0.46 9.73 13.96
C GLU A 6 1.06 9.64 14.05
N GLU A 7 1.67 8.93 13.11
CA GLU A 7 3.12 8.78 13.09
C GLU A 7 3.63 8.63 11.66
N TYR A 8 2.95 9.26 10.72
CA TYR A 8 3.34 9.18 9.32
C TYR A 8 2.96 10.43 8.56
N PHE A 9 3.83 10.83 7.65
CA PHE A 9 3.57 11.98 6.80
C PHE A 9 3.15 11.48 5.43
N ILE A 10 1.86 11.56 5.14
CA ILE A 10 1.35 11.07 3.88
C ILE A 10 1.50 12.10 2.77
N GLY A 11 2.10 11.66 1.67
CA GLY A 11 2.31 12.52 0.53
C GLY A 11 1.28 12.27 -0.55
N MET A 12 0.05 12.69 -0.29
CA MET A 12 -1.04 12.50 -1.24
C MET A 12 -1.02 13.58 -2.31
N ILE A 13 -0.81 13.16 -3.56
CA ILE A 13 -0.77 14.08 -4.68
C ILE A 13 -1.48 13.48 -5.88
N PHE A 14 -2.41 14.23 -6.45
CA PHE A 14 -3.17 13.77 -7.61
C PHE A 14 -3.32 14.87 -8.66
N LYS A 15 -3.81 14.50 -9.83
CA LYS A 15 -4.02 15.46 -10.91
C LYS A 15 -5.49 15.84 -11.02
N GLY A 16 -6.21 15.72 -9.91
CA GLY A 16 -7.63 16.05 -9.89
C GLY A 16 -8.47 14.93 -9.31
N ASN A 17 -9.30 14.31 -10.15
CA ASN A 17 -10.16 13.22 -9.70
C ASN A 17 -9.48 11.86 -9.90
N GLN A 18 -8.16 11.86 -9.98
CA GLN A 18 -7.41 10.62 -10.18
C GLN A 18 -6.05 10.69 -9.50
N LEU A 19 -5.81 9.75 -8.58
CA LEU A 19 -4.55 9.69 -7.84
C LEU A 19 -3.38 9.38 -8.77
N VAL A 20 -2.18 9.54 -8.24
CA VAL A 20 -0.95 9.26 -8.99
C VAL A 20 0.15 8.80 -8.06
N ARG A 21 0.19 9.42 -6.89
CA ARG A 21 1.18 9.10 -5.89
C ARG A 21 0.72 9.63 -4.52
N ASN A 22 0.64 8.74 -3.55
CA ASN A 22 0.21 9.11 -2.20
C ASN A 22 0.76 8.13 -1.18
N THR A 23 1.95 8.42 -0.65
CA THR A 23 2.58 7.53 0.33
C THR A 23 3.63 8.27 1.17
N ILE A 24 4.41 7.49 1.92
CA ILE A 24 5.48 8.00 2.79
C ILE A 24 5.03 8.11 4.25
N PRO A 25 5.85 7.57 5.19
CA PRO A 25 5.56 7.58 6.61
C PRO A 25 6.27 8.75 7.33
N LEU A 26 6.57 8.57 8.61
CA LEU A 26 7.25 9.62 9.37
C LEU A 26 8.75 9.57 9.15
N ARG A 27 9.41 10.71 9.33
CA ARG A 27 10.85 10.82 9.17
C ARG A 27 11.37 12.12 9.77
N ARG A 28 11.24 13.19 8.99
CA ARG A 28 11.70 14.50 9.42
C ARG A 28 10.52 15.40 9.79
N GLU A 29 10.37 15.67 11.07
CA GLU A 29 9.29 16.52 11.56
C GLU A 29 9.33 17.89 10.91
N GLU A 30 10.53 18.32 10.52
CA GLU A 30 10.70 19.62 9.88
C GLU A 30 10.81 19.48 8.37
N ILE A 31 10.20 18.42 7.84
CA ILE A 31 10.23 18.15 6.40
C ILE A 31 9.46 19.22 5.62
N PHE A 32 8.71 20.05 6.34
CA PHE A 32 7.93 21.12 5.72
C PHE A 32 8.82 22.07 4.93
N ASN A 33 10.13 22.04 5.18
CA ASN A 33 11.07 22.89 4.48
C ASN A 33 11.41 22.33 3.10
N PHE A 34 11.00 21.08 2.85
CA PHE A 34 11.25 20.43 1.57
C PHE A 34 10.16 20.79 0.55
N MET A 35 9.44 21.88 0.81
CA MET A 35 8.38 22.33 -0.07
C MET A 35 7.88 23.71 0.34
N ASP A 36 8.42 24.74 -0.32
CA ASP A 36 8.04 26.12 -0.03
C ASP A 36 6.84 26.55 -0.86
N GLY A 37 5.67 26.04 -0.50
CA GLY A 37 4.46 26.39 -1.22
C GLY A 37 3.27 25.58 -0.75
N GLU A 38 3.48 24.28 -0.56
CA GLU A 38 2.42 23.39 -0.10
C GLU A 38 2.30 23.43 1.43
N VAL A 39 2.20 22.25 2.07
CA VAL A 39 2.07 22.16 3.51
C VAL A 39 0.64 22.43 3.94
N VAL A 40 -0.30 21.78 3.26
CA VAL A 40 -1.72 21.94 3.57
C VAL A 40 -2.54 20.77 3.06
N SER A 41 -2.91 20.83 1.78
CA SER A 41 -3.72 19.76 1.16
C SER A 41 -5.17 19.83 1.60
N ASN A 42 -5.53 20.87 2.35
CA ASN A 42 -6.90 21.04 2.84
C ASN A 42 -7.27 19.94 3.82
N PRO A 43 -6.65 19.96 5.02
CA PRO A 43 -6.92 18.95 6.06
C PRO A 43 -8.40 18.77 6.34
N GLU A 44 -9.17 19.80 6.06
CA GLU A 44 -10.62 19.78 6.28
C GLU A 44 -11.33 18.70 5.47
N ASP A 45 -11.99 17.78 6.18
CA ASP A 45 -12.76 16.69 5.58
C ASP A 45 -11.94 15.88 4.56
N GLU A 46 -11.76 16.44 3.37
CA GLU A 46 -11.05 15.76 2.28
C GLU A 46 -9.79 15.02 2.76
N HIS A 47 -9.20 15.47 3.86
CA HIS A 47 -8.00 14.82 4.38
C HIS A 47 -8.30 13.87 5.52
N LEU A 48 -9.12 14.30 6.47
CA LEU A 48 -9.47 13.47 7.61
C LEU A 48 -10.22 12.21 7.15
N LYS A 49 -11.22 12.41 6.30
CA LYS A 49 -12.02 11.30 5.78
C LYS A 49 -11.15 10.25 5.10
N VAL A 50 -10.20 10.70 4.28
CA VAL A 50 -9.31 9.79 3.57
C VAL A 50 -8.29 9.16 4.51
N ALA A 51 -7.76 9.97 5.41
CA ALA A 51 -6.76 9.49 6.37
C ALA A 51 -7.25 8.25 7.10
N GLU A 52 -8.42 8.36 7.72
CA GLU A 52 -9.01 7.24 8.44
C GLU A 52 -9.22 6.04 7.52
N ILE A 53 -9.51 6.32 6.25
CA ILE A 53 -9.71 5.27 5.27
C ILE A 53 -8.41 4.52 5.02
N ILE A 54 -7.34 5.27 4.76
CA ILE A 54 -6.03 4.68 4.50
C ILE A 54 -5.63 3.79 5.65
N LEU A 55 -5.58 4.35 6.86
CA LEU A 55 -5.21 3.59 8.05
C LEU A 55 -6.12 2.37 8.22
N LYS A 56 -7.35 2.48 7.73
CA LYS A 56 -8.32 1.41 7.85
C LYS A 56 -7.82 0.12 7.19
N LEU A 57 -7.65 0.14 5.87
CA LEU A 57 -7.18 -1.03 5.14
C LEU A 57 -5.80 -1.48 5.64
N TYR A 58 -5.05 -0.54 6.23
CA TYR A 58 -3.73 -0.84 6.75
C TYR A 58 -3.80 -1.86 7.88
N PHE A 59 -4.62 -1.55 8.88
CA PHE A 59 -4.78 -2.43 10.05
C PHE A 59 -5.84 -3.50 9.80
N ALA A 60 -5.91 -4.01 8.57
CA ALA A 60 -6.89 -5.03 8.21
C ALA A 60 -8.23 -4.82 8.90
N GLU A 61 -8.96 -3.81 8.45
CA GLU A 61 -10.28 -3.50 9.02
C GLU A 61 -11.09 -2.62 8.08
N ILE A 62 -10.84 -2.77 6.78
CA ILE A 62 -11.55 -1.99 5.79
C ILE A 62 -12.77 -2.74 5.24
N ASP A 63 -12.65 -4.05 5.14
CA ASP A 63 -13.74 -4.88 4.64
C ASP A 63 -14.09 -4.47 3.20
N ASP A 64 -14.88 -5.31 2.54
CA ASP A 64 -15.28 -5.04 1.16
C ASP A 64 -14.06 -4.98 0.25
N LYS A 65 -14.26 -4.56 -1.00
CA LYS A 65 -13.18 -4.48 -1.97
C LYS A 65 -12.20 -3.36 -1.61
N LYS A 66 -12.74 -2.22 -1.19
CA LYS A 66 -11.92 -1.05 -0.81
C LYS A 66 -11.44 -0.28 -2.04
N VAL A 67 -11.35 -0.96 -3.18
CA VAL A 67 -10.91 -0.33 -4.41
C VAL A 67 -11.86 0.78 -4.84
N ARG A 68 -11.70 1.96 -4.25
CA ARG A 68 -12.55 3.10 -4.57
C ARG A 68 -12.11 4.33 -3.78
N GLU A 69 -12.31 4.29 -2.47
CA GLU A 69 -11.94 5.40 -1.60
C GLU A 69 -10.47 5.78 -1.75
N LEU A 70 -9.68 4.85 -2.27
CA LEU A 70 -8.24 5.08 -2.46
C LEU A 70 -7.98 5.97 -3.68
N ILE A 71 -9.04 6.35 -4.39
CA ILE A 71 -8.91 7.19 -5.56
C ILE A 71 -8.21 6.41 -6.66
N SER A 72 -8.70 6.55 -7.88
CA SER A 72 -8.12 5.83 -9.00
C SER A 72 -6.74 6.39 -9.37
N TYR A 73 -5.74 5.52 -9.38
CA TYR A 73 -4.37 5.92 -9.72
C TYR A 73 -4.16 5.90 -11.23
N LYS A 74 -3.29 6.77 -11.72
CA LYS A 74 -3.00 6.85 -13.13
C LYS A 74 -1.50 7.04 -13.37
N LEU A 75 -0.94 6.28 -14.32
CA LEU A 75 0.48 6.38 -14.64
C LEU A 75 1.33 6.07 -13.42
N GLU A 76 2.60 6.47 -13.46
CA GLU A 76 3.52 6.25 -12.35
C GLU A 76 3.87 4.76 -12.24
N VAL A 77 5.04 4.40 -12.75
CA VAL A 77 5.50 3.01 -12.68
C VAL A 77 7.03 2.93 -12.78
N PRO A 78 7.69 2.24 -11.83
CA PRO A 78 9.15 2.12 -11.82
C PRO A 78 9.63 0.97 -12.72
N GLU A 79 9.52 1.18 -14.03
CA GLU A 79 9.92 0.17 -15.02
C GLU A 79 8.82 -0.86 -15.24
N PHE A 80 7.85 -0.91 -14.34
CA PHE A 80 6.74 -1.86 -14.45
C PHE A 80 5.83 -1.76 -13.23
N THR A 81 4.56 -2.10 -13.41
CA THR A 81 3.59 -2.03 -12.33
C THR A 81 2.20 -2.53 -12.78
N LYS A 82 1.95 -2.50 -14.09
CA LYS A 82 0.66 -2.94 -14.62
C LYS A 82 0.39 -4.41 -14.28
N LYS A 83 1.37 -5.26 -14.52
CA LYS A 83 1.23 -6.69 -14.24
C LYS A 83 0.91 -6.94 -12.77
N VAL A 84 1.76 -6.41 -11.89
CA VAL A 84 1.56 -6.56 -10.47
C VAL A 84 0.18 -6.10 -10.05
N LEU A 85 -0.25 -4.98 -10.62
CA LEU A 85 -1.57 -4.44 -10.32
C LEU A 85 -2.63 -5.51 -10.59
N ASP A 86 -2.44 -6.26 -11.67
CA ASP A 86 -3.35 -7.33 -12.02
C ASP A 86 -3.40 -8.36 -10.89
N ILE A 87 -2.34 -8.38 -10.07
CA ILE A 87 -2.27 -9.30 -8.95
C ILE A 87 -3.27 -8.93 -7.86
N VAL A 88 -3.32 -7.65 -7.51
CA VAL A 88 -4.24 -7.19 -6.47
C VAL A 88 -5.68 -7.51 -6.84
N LYS A 89 -6.00 -7.39 -8.13
CA LYS A 89 -7.34 -7.68 -8.62
C LYS A 89 -7.80 -9.08 -8.22
N ASP A 90 -6.86 -9.96 -7.94
CA ASP A 90 -7.19 -11.34 -7.56
C ASP A 90 -6.90 -11.64 -6.10
N ILE A 91 -5.65 -11.49 -5.69
CA ILE A 91 -5.27 -11.78 -4.30
C ILE A 91 -5.76 -10.71 -3.34
N GLU A 92 -6.17 -11.16 -2.16
CA GLU A 92 -6.66 -10.26 -1.12
C GLU A 92 -6.00 -10.60 0.22
N PHE A 93 -6.65 -10.24 1.32
CA PHE A 93 -6.12 -10.51 2.65
C PHE A 93 -6.23 -12.00 2.97
N GLY A 94 -5.18 -12.75 2.66
CA GLY A 94 -5.18 -14.17 2.92
C GLY A 94 -4.20 -14.95 2.05
N LYS A 95 -3.79 -14.34 0.95
CA LYS A 95 -2.85 -14.99 0.04
C LYS A 95 -1.43 -14.46 0.24
N THR A 96 -0.45 -15.30 -0.06
CA THR A 96 0.96 -14.91 0.09
C THR A 96 1.85 -15.75 -0.81
N LEU A 97 2.57 -15.09 -1.72
CA LEU A 97 3.46 -15.78 -2.64
C LEU A 97 4.62 -14.85 -3.01
N THR A 98 5.57 -15.35 -3.79
CA THR A 98 6.72 -14.56 -4.19
C THR A 98 6.51 -13.90 -5.55
N TYR A 99 7.59 -13.36 -6.12
CA TYR A 99 7.53 -12.69 -7.41
C TYR A 99 7.53 -13.69 -8.58
N GLY A 100 8.29 -14.77 -8.43
CA GLY A 100 8.37 -15.77 -9.47
C GLY A 100 7.02 -16.20 -10.03
N ASP A 101 6.17 -16.74 -9.17
CA ASP A 101 4.85 -17.20 -9.58
C ASP A 101 4.03 -16.08 -10.21
N ILE A 102 4.24 -14.86 -9.75
CA ILE A 102 3.50 -13.70 -10.26
C ILE A 102 3.93 -13.35 -11.68
N ALA A 103 5.19 -12.95 -11.82
CA ALA A 103 5.73 -12.56 -13.11
C ALA A 103 5.48 -13.64 -14.16
N LYS A 104 5.84 -14.87 -13.82
CA LYS A 104 5.65 -16.00 -14.72
C LYS A 104 4.18 -16.15 -15.11
N LYS A 105 3.29 -15.65 -14.26
CA LYS A 105 1.86 -15.74 -14.51
C LYS A 105 1.44 -14.85 -15.68
N LEU A 106 2.10 -13.71 -15.83
CA LEU A 106 1.79 -12.78 -16.90
C LEU A 106 2.66 -13.05 -18.12
N ASN A 107 3.87 -12.52 -18.09
CA ASN A 107 4.81 -12.69 -19.21
C ASN A 107 6.14 -12.02 -18.92
N THR A 108 6.60 -12.12 -17.67
CA THR A 108 7.86 -11.49 -17.27
C THR A 108 8.62 -12.36 -16.27
N SER A 109 9.31 -11.73 -15.33
CA SER A 109 10.08 -12.45 -14.31
C SER A 109 10.08 -11.69 -12.99
N PRO A 110 10.43 -12.37 -11.88
CA PRO A 110 10.46 -11.74 -10.56
C PRO A 110 11.51 -10.63 -10.44
N ARG A 111 12.37 -10.51 -11.45
CA ARG A 111 13.40 -9.50 -11.44
C ARG A 111 12.80 -8.12 -11.72
N ALA A 112 12.10 -8.00 -12.85
CA ALA A 112 11.47 -6.75 -13.23
C ALA A 112 10.32 -6.40 -12.29
N VAL A 113 9.56 -7.42 -11.90
CA VAL A 113 8.43 -7.22 -11.01
C VAL A 113 8.90 -6.74 -9.63
N GLY A 114 10.15 -7.01 -9.31
CA GLY A 114 10.69 -6.57 -8.03
C GLY A 114 10.62 -5.07 -7.88
N MET A 115 11.34 -4.37 -8.75
CA MET A 115 11.36 -2.91 -8.74
C MET A 115 9.95 -2.34 -8.88
N ALA A 116 9.05 -3.14 -9.45
CA ALA A 116 7.67 -2.71 -9.64
C ALA A 116 6.99 -2.42 -8.30
N LEU A 117 6.44 -3.45 -7.67
CA LEU A 117 5.77 -3.28 -6.39
C LEU A 117 6.70 -2.67 -5.33
N LYS A 118 8.01 -2.70 -5.58
CA LYS A 118 8.96 -2.14 -4.65
C LYS A 118 8.74 -0.66 -4.43
N ARG A 119 8.89 0.12 -5.51
CA ARG A 119 8.68 1.56 -5.43
C ARG A 119 7.29 1.94 -5.93
N ASN A 120 6.32 1.08 -5.64
CA ASN A 120 4.95 1.30 -6.05
C ASN A 120 4.44 2.65 -5.57
N PRO A 121 3.79 3.44 -6.46
CA PRO A 121 3.26 4.76 -6.11
C PRO A 121 2.20 4.70 -5.01
N LEU A 122 1.57 3.53 -4.86
CA LEU A 122 0.55 3.35 -3.84
C LEU A 122 0.75 2.02 -3.10
N PRO A 123 1.62 2.02 -2.07
CA PRO A 123 1.93 0.82 -1.29
C PRO A 123 0.78 0.35 -0.40
N LEU A 124 -0.05 1.29 0.05
CA LEU A 124 -1.18 0.95 0.91
C LEU A 124 -2.40 0.51 0.11
N ILE A 125 -2.18 -0.44 -0.80
CA ILE A 125 -3.24 -0.98 -1.65
C ILE A 125 -2.69 -2.11 -2.51
N ILE A 126 -1.43 -1.98 -2.92
CA ILE A 126 -0.78 -3.00 -3.73
C ILE A 126 -0.35 -4.16 -2.85
N PRO A 127 -0.60 -5.41 -3.27
CA PRO A 127 -0.25 -6.61 -2.50
C PRO A 127 1.24 -6.93 -2.50
N CYS A 128 2.07 -5.89 -2.46
CA CYS A 128 3.52 -6.08 -2.43
C CYS A 128 3.91 -6.96 -1.24
N HIS A 129 3.11 -6.89 -0.18
CA HIS A 129 3.35 -7.68 1.02
C HIS A 129 3.27 -9.17 0.70
N ARG A 130 2.29 -9.53 -0.14
CA ARG A 130 2.10 -10.92 -0.53
C ARG A 130 3.05 -11.31 -1.67
N VAL A 131 4.23 -10.69 -1.69
CA VAL A 131 5.23 -10.97 -2.71
C VAL A 131 6.62 -10.93 -2.10
N VAL A 132 6.99 -12.01 -1.42
CA VAL A 132 8.29 -12.10 -0.77
C VAL A 132 9.30 -12.83 -1.67
N ALA A 133 10.54 -12.86 -1.23
CA ALA A 133 11.60 -13.53 -1.99
C ALA A 133 11.61 -15.03 -1.70
N LYS A 134 12.58 -15.73 -2.27
CA LYS A 134 12.71 -17.17 -2.08
C LYS A 134 12.63 -17.54 -0.61
N ASN A 135 13.50 -16.93 0.19
CA ASN A 135 13.53 -17.21 1.63
C ASN A 135 12.29 -16.65 2.32
N SER A 136 12.36 -15.38 2.71
CA SER A 136 11.25 -14.73 3.39
C SER A 136 11.52 -13.24 3.57
N LEU A 137 10.50 -12.41 3.31
CA LEU A 137 10.63 -10.97 3.44
C LEU A 137 11.68 -10.42 2.48
N GLY A 138 11.29 -9.41 1.71
CA GLY A 138 12.21 -8.80 0.76
C GLY A 138 11.83 -7.38 0.41
N GLY A 139 12.27 -6.43 1.22
CA GLY A 139 11.96 -5.03 0.97
C GLY A 139 13.12 -4.11 1.30
N TYR A 140 13.13 -2.93 0.67
CA TYR A 140 14.19 -1.96 0.91
C TYR A 140 13.61 -0.62 1.34
N SER A 141 12.66 -0.12 0.55
CA SER A 141 12.02 1.16 0.85
C SER A 141 10.77 0.95 1.69
N TYR A 142 10.91 1.12 3.00
CA TYR A 142 9.79 0.95 3.92
C TYR A 142 9.29 -0.48 3.89
N GLY A 143 9.20 -1.09 5.06
CA GLY A 143 8.73 -2.46 5.15
C GLY A 143 9.43 -3.24 6.24
N LEU A 144 9.38 -4.57 6.14
CA LEU A 144 10.00 -5.45 7.14
C LEU A 144 9.17 -5.47 8.42
N ASP A 145 9.29 -4.41 9.22
CA ASP A 145 8.54 -4.32 10.46
C ASP A 145 7.04 -4.24 10.17
N LYS A 146 6.67 -3.32 9.29
CA LYS A 146 5.28 -3.12 8.91
C LYS A 146 4.78 -4.31 8.10
N LYS A 147 5.54 -4.67 7.06
CA LYS A 147 5.19 -5.79 6.20
C LYS A 147 5.03 -7.06 7.04
N LYS A 148 5.75 -7.12 8.14
CA LYS A 148 5.67 -8.27 9.05
C LYS A 148 4.33 -8.25 9.76
N PHE A 149 4.04 -7.11 10.41
CA PHE A 149 2.79 -6.93 11.14
C PHE A 149 1.58 -7.19 10.25
N ILE A 150 1.55 -6.54 9.09
CA ILE A 150 0.43 -6.69 8.15
C ILE A 150 0.33 -8.13 7.63
N LEU A 151 1.46 -8.83 7.61
CA LEU A 151 1.48 -10.21 7.14
C LEU A 151 0.77 -11.14 8.11
N GLU A 152 0.96 -10.90 9.41
CA GLU A 152 0.34 -11.72 10.44
C GLU A 152 -1.08 -11.25 10.73
N ARG A 153 -1.27 -9.93 10.70
CA ARG A 153 -2.58 -9.34 10.96
C ARG A 153 -3.64 -9.88 9.99
N GLU A 154 -3.30 -9.87 8.70
CA GLU A 154 -4.22 -10.35 7.67
C GLU A 154 -4.67 -11.78 7.97
N ARG A 155 -3.70 -12.67 8.19
CA ARG A 155 -3.99 -14.07 8.49
C ARG A 155 -4.90 -14.18 9.71
N LEU A 156 -4.67 -13.30 10.69
CA LEU A 156 -5.47 -13.29 11.91
C LEU A 156 -6.73 -12.45 11.73
N ASN A 157 -7.75 -12.74 12.55
CA ASN A 157 -9.00 -12.01 12.49
C ASN A 157 -9.69 -12.21 11.14
N MET A 158 -10.43 -13.31 11.02
CA MET A 158 -11.12 -13.62 9.78
C MET A 158 -12.54 -13.04 9.79
N VAL A 159 -12.78 -12.07 8.91
CA VAL A 159 -14.10 -11.44 8.81
C VAL A 159 -14.99 -12.16 7.81
N SER A 160 -16.14 -12.62 8.27
CA SER A 160 -17.09 -13.32 7.42
C SER A 160 -18.42 -12.59 7.36
N PHE A 161 -19.18 -12.83 6.29
CA PHE A 161 -20.48 -12.19 6.11
C PHE A 161 -21.51 -12.77 7.07
N LYS A 162 -22.67 -12.12 7.15
CA LYS A 162 -23.74 -12.57 8.02
C LYS A 162 -24.52 -13.71 7.39
N PHE A 163 -24.91 -14.69 8.21
CA PHE A 163 -25.65 -15.84 7.74
C PHE A 163 -27.12 -15.47 7.49
N ASN A 164 -27.39 -14.99 6.27
CA ASN A 164 -28.75 -14.60 5.90
C ASN A 164 -29.29 -15.49 4.80
N LYS A 165 -29.98 -16.56 5.19
CA LYS A 165 -30.56 -17.49 4.23
C LYS A 165 -32.06 -17.30 4.10
N VAL A 166 -32.50 -16.89 2.92
CA VAL A 166 -33.92 -16.66 2.67
C VAL A 166 -34.44 -17.58 1.56
N TYR A 167 -34.94 -18.75 1.96
CA TYR A 167 -35.47 -19.71 1.00
C TYR A 167 -36.98 -19.56 0.85
N MET A 1 -1.58 18.44 -0.30
CA MET A 1 -0.71 17.36 -0.83
C MET A 1 0.06 16.68 0.30
N ILE A 2 0.61 17.50 1.19
CA ILE A 2 1.37 16.97 2.32
C ILE A 2 0.45 16.70 3.52
N ILE A 3 0.65 15.57 4.20
CA ILE A 3 -0.19 15.22 5.35
C ILE A 3 0.60 14.41 6.37
N GLN A 4 0.99 15.06 7.46
CA GLN A 4 1.75 14.40 8.51
C GLN A 4 0.81 13.91 9.61
N ILE A 5 1.07 12.72 10.15
CA ILE A 5 0.25 12.15 11.20
C ILE A 5 1.05 11.19 12.07
N GLU A 6 1.06 11.45 13.37
CA GLU A 6 1.78 10.61 14.33
C GLU A 6 3.24 10.43 13.90
N GLU A 7 3.50 9.39 13.11
CA GLU A 7 4.86 9.12 12.64
C GLU A 7 4.88 8.76 11.15
N TYR A 8 3.72 8.50 10.57
CA TYR A 8 3.65 8.13 9.16
C TYR A 8 3.38 9.35 8.29
N PHE A 9 4.26 9.60 7.33
CA PHE A 9 4.09 10.73 6.41
C PHE A 9 3.23 10.30 5.23
N ILE A 10 2.23 11.10 4.89
CA ILE A 10 1.36 10.78 3.76
C ILE A 10 1.75 11.59 2.53
N GLY A 11 2.31 10.89 1.54
CA GLY A 11 2.73 11.55 0.32
C GLY A 11 1.59 11.69 -0.67
N MET A 12 0.55 12.43 -0.28
CA MET A 12 -0.62 12.62 -1.14
C MET A 12 -0.36 13.63 -2.25
N ILE A 13 -0.20 13.11 -3.46
CA ILE A 13 0.02 13.96 -4.63
C ILE A 13 -0.75 13.42 -5.82
N PHE A 14 -1.74 14.19 -6.27
CA PHE A 14 -2.57 13.78 -7.40
C PHE A 14 -2.65 14.90 -8.45
N LYS A 15 -3.20 14.57 -9.60
CA LYS A 15 -3.33 15.55 -10.68
C LYS A 15 -4.69 16.26 -10.65
N GLY A 16 -5.66 15.64 -9.96
CA GLY A 16 -6.99 16.24 -9.88
C GLY A 16 -8.01 15.27 -9.31
N ASN A 17 -8.92 14.80 -10.16
CA ASN A 17 -9.96 13.88 -9.74
C ASN A 17 -9.49 12.42 -9.86
N GLN A 18 -8.18 12.23 -9.98
CA GLN A 18 -7.60 10.89 -10.09
C GLN A 18 -6.24 10.85 -9.41
N LEU A 19 -6.15 10.02 -8.37
CA LEU A 19 -4.91 9.89 -7.62
C LEU A 19 -3.79 9.37 -8.51
N VAL A 20 -2.57 9.41 -7.98
CA VAL A 20 -1.41 8.95 -8.72
C VAL A 20 -0.36 8.40 -7.77
N ARG A 21 -0.27 9.03 -6.61
CA ARG A 21 0.67 8.62 -5.58
C ARG A 21 0.30 9.30 -4.27
N ASN A 22 0.12 8.51 -3.22
CA ASN A 22 -0.25 9.07 -1.91
C ASN A 22 0.17 8.16 -0.76
N THR A 23 1.48 8.06 -0.53
CA THR A 23 2.00 7.22 0.56
C THR A 23 3.40 7.66 1.00
N ILE A 24 4.04 6.80 1.80
CA ILE A 24 5.40 7.04 2.34
C ILE A 24 5.36 7.47 3.81
N PRO A 25 5.00 6.53 4.72
CA PRO A 25 4.95 6.80 6.17
C PRO A 25 6.29 7.32 6.69
N LEU A 26 6.57 7.11 7.98
CA LEU A 26 7.84 7.55 8.60
C LEU A 26 8.32 8.88 8.04
N ARG A 27 9.62 9.16 8.21
CA ARG A 27 10.24 10.39 7.73
C ARG A 27 9.96 11.57 8.65
N ARG A 28 10.93 12.47 8.74
CA ARG A 28 10.83 13.66 9.56
C ARG A 28 11.98 14.63 9.28
N GLU A 29 12.43 14.61 8.03
CA GLU A 29 13.53 15.47 7.59
C GLU A 29 13.13 16.94 7.58
N GLU A 30 11.88 17.24 7.93
CA GLU A 30 11.40 18.62 7.94
C GLU A 30 11.34 19.17 6.52
N ILE A 31 10.84 18.34 5.61
CA ILE A 31 10.72 18.73 4.21
C ILE A 31 9.81 19.96 4.04
N PHE A 32 8.99 20.23 5.05
CA PHE A 32 8.07 21.36 5.00
C PHE A 32 8.77 22.63 4.51
N ASN A 33 10.01 22.81 4.93
CA ASN A 33 10.79 23.97 4.54
C ASN A 33 11.45 23.75 3.18
N PHE A 34 11.69 22.49 2.83
CA PHE A 34 12.32 22.14 1.56
C PHE A 34 11.29 22.12 0.43
N MET A 35 10.02 22.04 0.79
CA MET A 35 8.94 22.01 -0.20
C MET A 35 8.90 23.31 -0.98
N ASP A 36 8.59 23.22 -2.27
CA ASP A 36 8.51 24.39 -3.13
C ASP A 36 7.08 24.93 -3.17
N GLY A 37 6.43 24.92 -2.01
CA GLY A 37 5.06 25.40 -1.92
C GLY A 37 4.22 24.56 -0.98
N GLU A 38 3.13 24.02 -1.51
CA GLU A 38 2.24 23.17 -0.72
C GLU A 38 1.79 23.88 0.57
N VAL A 39 2.60 23.77 1.63
CA VAL A 39 2.28 24.39 2.91
C VAL A 39 0.77 24.42 3.15
N VAL A 40 0.15 23.25 3.04
CA VAL A 40 -1.30 23.12 3.22
C VAL A 40 -1.79 23.94 4.41
N SER A 41 -1.13 23.77 5.53
CA SER A 41 -1.48 24.48 6.76
C SER A 41 -2.66 23.83 7.48
N ASN A 42 -3.62 23.37 6.69
CA ASN A 42 -4.82 22.73 7.23
C ASN A 42 -5.48 21.86 6.17
N PRO A 43 -5.15 20.55 6.16
CA PRO A 43 -5.72 19.61 5.18
C PRO A 43 -7.22 19.78 4.98
N GLU A 44 -7.94 19.83 6.09
CA GLU A 44 -9.40 20.00 6.09
C GLU A 44 -10.10 18.64 6.14
N ASP A 45 -11.43 18.67 6.21
CA ASP A 45 -12.22 17.46 6.26
C ASP A 45 -11.97 16.58 5.04
N GLU A 46 -11.98 17.21 3.87
CA GLU A 46 -11.75 16.48 2.61
C GLU A 46 -10.45 15.70 2.64
N HIS A 47 -9.51 16.12 3.49
CA HIS A 47 -8.22 15.45 3.60
C HIS A 47 -8.19 14.45 4.77
N LEU A 48 -8.72 14.87 5.91
CA LEU A 48 -8.74 14.00 7.09
C LEU A 48 -9.52 12.72 6.79
N LYS A 49 -10.51 12.83 5.91
CA LYS A 49 -11.32 11.68 5.53
C LYS A 49 -10.45 10.54 5.04
N VAL A 50 -9.52 10.86 4.14
CA VAL A 50 -8.62 9.86 3.60
C VAL A 50 -7.59 9.42 4.65
N ALA A 51 -7.45 10.23 5.71
CA ALA A 51 -6.52 9.89 6.78
C ALA A 51 -6.88 8.55 7.41
N GLU A 52 -8.05 8.52 8.03
CA GLU A 52 -8.55 7.31 8.67
C GLU A 52 -8.69 6.18 7.65
N ILE A 53 -8.93 6.54 6.39
CA ILE A 53 -9.08 5.55 5.34
C ILE A 53 -7.76 4.80 5.11
N ILE A 54 -6.70 5.55 4.87
CA ILE A 54 -5.39 4.95 4.64
C ILE A 54 -4.99 4.05 5.81
N LEU A 55 -5.22 4.53 7.03
CA LEU A 55 -4.90 3.77 8.22
C LEU A 55 -5.54 2.38 8.18
N LYS A 56 -6.81 2.34 7.80
CA LYS A 56 -7.54 1.06 7.70
C LYS A 56 -6.82 0.11 6.76
N LEU A 57 -6.32 0.65 5.65
CA LEU A 57 -5.60 -0.15 4.66
C LEU A 57 -4.37 -0.80 5.29
N TYR A 58 -3.58 0.03 5.98
CA TYR A 58 -2.37 -0.44 6.64
C TYR A 58 -2.68 -1.40 7.77
N PHE A 59 -3.90 -1.32 8.30
CA PHE A 59 -4.32 -2.18 9.39
C PHE A 59 -4.79 -3.53 8.88
N ALA A 60 -5.39 -3.54 7.69
CA ALA A 60 -5.89 -4.76 7.07
C ALA A 60 -7.27 -5.12 7.61
N GLU A 61 -8.06 -4.10 7.95
CA GLU A 61 -9.40 -4.31 8.49
C GLU A 61 -10.38 -3.31 7.88
N ILE A 62 -10.23 -3.06 6.59
CA ILE A 62 -11.10 -2.13 5.88
C ILE A 62 -12.37 -2.81 5.38
N ASP A 63 -12.35 -4.14 5.35
CA ASP A 63 -13.50 -4.90 4.88
C ASP A 63 -13.74 -4.65 3.40
N ASP A 64 -14.36 -5.63 2.73
CA ASP A 64 -14.63 -5.51 1.30
C ASP A 64 -13.34 -5.44 0.50
N LYS A 65 -13.46 -5.21 -0.80
CA LYS A 65 -12.29 -5.13 -1.67
C LYS A 65 -11.48 -3.87 -1.39
N LYS A 66 -12.16 -2.82 -0.97
CA LYS A 66 -11.52 -1.53 -0.66
C LYS A 66 -11.19 -0.74 -1.94
N VAL A 67 -11.34 -1.38 -3.10
CA VAL A 67 -11.08 -0.72 -4.37
C VAL A 67 -12.05 0.44 -4.62
N ARG A 68 -11.77 1.58 -4.00
CA ARG A 68 -12.62 2.75 -4.16
C ARG A 68 -12.06 3.96 -3.41
N GLU A 69 -12.10 3.91 -2.09
CA GLU A 69 -11.60 5.00 -1.26
C GLU A 69 -10.15 5.34 -1.59
N LEU A 70 -9.44 4.40 -2.22
CA LEU A 70 -8.04 4.61 -2.57
C LEU A 70 -7.90 5.55 -3.77
N ILE A 71 -9.01 5.90 -4.40
CA ILE A 71 -8.99 6.77 -5.56
C ILE A 71 -8.33 6.07 -6.72
N SER A 72 -8.89 6.24 -7.90
CA SER A 72 -8.34 5.60 -9.09
C SER A 72 -7.03 6.26 -9.51
N TYR A 73 -6.08 5.44 -9.94
CA TYR A 73 -4.78 5.93 -10.38
C TYR A 73 -4.81 6.28 -11.87
N LYS A 74 -4.11 7.35 -12.24
CA LYS A 74 -4.07 7.78 -13.63
C LYS A 74 -2.65 8.18 -14.02
N LEU A 75 -2.13 7.58 -15.08
CA LEU A 75 -0.79 7.88 -15.57
C LEU A 75 0.25 7.63 -14.49
N GLU A 76 0.67 6.38 -14.36
CA GLU A 76 1.66 5.98 -13.36
C GLU A 76 1.88 4.48 -13.38
N VAL A 77 3.00 4.05 -13.96
CA VAL A 77 3.32 2.63 -14.02
C VAL A 77 4.83 2.40 -14.17
N PRO A 78 5.55 2.16 -13.06
CA PRO A 78 6.98 1.92 -13.10
C PRO A 78 7.33 0.61 -13.78
N GLU A 79 8.00 0.70 -14.94
CA GLU A 79 8.38 -0.48 -15.70
C GLU A 79 7.15 -1.15 -16.32
N PHE A 80 6.24 -1.62 -15.47
CA PHE A 80 5.02 -2.27 -15.93
C PHE A 80 4.19 -2.76 -14.74
N THR A 81 3.77 -1.83 -13.89
CA THR A 81 2.96 -2.15 -12.71
C THR A 81 1.57 -2.65 -13.10
N LYS A 82 1.25 -2.65 -14.39
CA LYS A 82 -0.04 -3.10 -14.87
C LYS A 82 -0.30 -4.54 -14.46
N LYS A 83 0.69 -5.40 -14.67
CA LYS A 83 0.56 -6.81 -14.33
C LYS A 83 0.32 -7.02 -12.84
N VAL A 84 1.20 -6.44 -12.01
CA VAL A 84 1.07 -6.56 -10.57
C VAL A 84 -0.29 -6.04 -10.13
N LEU A 85 -0.73 -4.97 -10.75
CA LEU A 85 -2.04 -4.41 -10.45
C LEU A 85 -3.10 -5.48 -10.70
N ASP A 86 -2.90 -6.25 -11.76
CA ASP A 86 -3.80 -7.34 -12.10
C ASP A 86 -3.83 -8.36 -10.96
N ILE A 87 -2.81 -8.33 -10.11
CA ILE A 87 -2.72 -9.22 -8.98
C ILE A 87 -3.77 -8.86 -7.94
N VAL A 88 -3.87 -7.57 -7.63
CA VAL A 88 -4.84 -7.09 -6.66
C VAL A 88 -6.28 -7.37 -7.10
N LYS A 89 -6.48 -7.47 -8.41
CA LYS A 89 -7.80 -7.72 -8.98
C LYS A 89 -8.45 -8.98 -8.41
N ASP A 90 -7.67 -10.06 -8.35
CA ASP A 90 -8.19 -11.34 -7.85
C ASP A 90 -7.60 -11.71 -6.50
N ILE A 91 -6.35 -11.33 -6.26
CA ILE A 91 -5.69 -11.64 -5.00
C ILE A 91 -6.24 -10.79 -3.86
N GLU A 92 -6.84 -11.46 -2.88
CA GLU A 92 -7.42 -10.78 -1.73
C GLU A 92 -6.74 -11.23 -0.43
N PHE A 93 -7.38 -10.93 0.70
CA PHE A 93 -6.85 -11.30 2.00
C PHE A 93 -6.89 -12.82 2.19
N GLY A 94 -5.73 -13.46 2.06
CA GLY A 94 -5.66 -14.90 2.22
C GLY A 94 -4.59 -15.53 1.35
N LYS A 95 -4.14 -14.80 0.34
CA LYS A 95 -3.12 -15.30 -0.57
C LYS A 95 -1.76 -14.70 -0.24
N THR A 96 -0.70 -15.42 -0.59
CA THR A 96 0.66 -14.96 -0.33
C THR A 96 1.63 -15.59 -1.33
N LEU A 97 1.70 -15.01 -2.53
CA LEU A 97 2.59 -15.52 -3.57
C LEU A 97 3.94 -14.80 -3.48
N THR A 98 4.87 -15.20 -4.34
CA THR A 98 6.19 -14.58 -4.36
C THR A 98 6.34 -13.69 -5.58
N TYR A 99 7.54 -13.16 -5.78
CA TYR A 99 7.81 -12.28 -6.92
C TYR A 99 7.94 -13.08 -8.21
N GLY A 100 8.73 -14.14 -8.17
CA GLY A 100 8.94 -14.97 -9.34
C GLY A 100 7.66 -15.52 -9.93
N ASP A 101 6.73 -15.91 -9.07
CA ASP A 101 5.46 -16.47 -9.50
C ASP A 101 4.69 -15.49 -10.39
N ILE A 102 4.61 -14.24 -9.95
CA ILE A 102 3.90 -13.21 -10.69
C ILE A 102 4.64 -12.82 -11.96
N ALA A 103 5.91 -12.47 -11.80
CA ALA A 103 6.75 -12.07 -12.92
C ALA A 103 6.72 -13.15 -14.00
N LYS A 104 7.01 -14.38 -13.60
CA LYS A 104 7.00 -15.51 -14.53
C LYS A 104 5.63 -15.67 -15.16
N LYS A 105 4.61 -15.11 -14.51
CA LYS A 105 3.24 -15.20 -15.00
C LYS A 105 3.06 -14.44 -16.30
N LEU A 106 3.70 -13.27 -16.40
CA LEU A 106 3.59 -12.47 -17.60
C LEU A 106 4.73 -12.79 -18.57
N ASN A 107 5.88 -12.19 -18.34
CA ASN A 107 7.04 -12.41 -19.19
C ASN A 107 8.27 -11.66 -18.66
N THR A 108 8.45 -11.67 -17.34
CA THR A 108 9.57 -10.98 -16.73
C THR A 108 10.18 -11.80 -15.58
N SER A 109 10.66 -11.12 -14.54
CA SER A 109 11.26 -11.80 -13.40
C SER A 109 10.99 -11.02 -12.11
N PRO A 110 11.27 -11.64 -10.94
CA PRO A 110 11.05 -11.00 -9.65
C PRO A 110 11.97 -9.81 -9.40
N ARG A 111 12.97 -9.64 -10.28
CA ARG A 111 13.91 -8.53 -10.15
C ARG A 111 13.26 -7.22 -10.56
N ALA A 112 12.67 -7.22 -11.76
CA ALA A 112 12.00 -6.03 -12.28
C ALA A 112 10.74 -5.71 -11.48
N VAL A 113 9.89 -6.72 -11.30
CA VAL A 113 8.65 -6.54 -10.56
C VAL A 113 8.93 -6.24 -9.09
N GLY A 114 10.09 -6.65 -8.61
CA GLY A 114 10.45 -6.39 -7.23
C GLY A 114 10.42 -4.91 -6.91
N MET A 115 11.33 -4.17 -7.52
CA MET A 115 11.42 -2.73 -7.31
C MET A 115 10.09 -2.04 -7.66
N ALA A 116 9.28 -2.71 -8.49
CA ALA A 116 8.00 -2.15 -8.90
C ALA A 116 7.10 -1.89 -7.71
N LEU A 117 6.35 -2.91 -7.28
CA LEU A 117 5.44 -2.77 -6.14
C LEU A 117 6.17 -2.30 -4.88
N LYS A 118 7.49 -2.48 -4.86
CA LYS A 118 8.30 -2.08 -3.70
C LYS A 118 8.29 -0.57 -3.52
N ARG A 119 8.18 0.17 -4.61
CA ARG A 119 8.17 1.63 -4.56
C ARG A 119 7.11 2.22 -5.50
N ASN A 120 6.07 1.42 -5.78
CA ASN A 120 5.00 1.87 -6.66
C ASN A 120 4.36 3.17 -6.14
N PRO A 121 3.58 3.85 -7.00
CA PRO A 121 2.92 5.10 -6.61
C PRO A 121 1.88 4.87 -5.52
N LEU A 122 1.34 3.65 -5.48
CA LEU A 122 0.34 3.27 -4.48
C LEU A 122 0.75 1.97 -3.78
N PRO A 123 1.83 2.00 -2.98
CA PRO A 123 2.32 0.82 -2.26
C PRO A 123 1.35 0.29 -1.21
N LEU A 124 0.09 0.75 -1.26
CA LEU A 124 -0.92 0.29 -0.32
C LEU A 124 -2.03 -0.41 -1.08
N ILE A 125 -2.46 0.20 -2.18
CA ILE A 125 -3.50 -0.36 -3.02
C ILE A 125 -3.10 -1.75 -3.52
N ILE A 126 -1.84 -1.87 -3.94
CA ILE A 126 -1.32 -3.14 -4.43
C ILE A 126 -0.92 -4.05 -3.28
N PRO A 127 -1.28 -5.34 -3.35
CA PRO A 127 -0.96 -6.32 -2.31
C PRO A 127 0.49 -6.77 -2.36
N CYS A 128 1.41 -5.81 -2.37
CA CYS A 128 2.84 -6.11 -2.40
C CYS A 128 3.22 -7.03 -1.25
N HIS A 129 2.43 -6.99 -0.18
CA HIS A 129 2.68 -7.82 1.00
C HIS A 129 2.63 -9.30 0.62
N ARG A 130 1.69 -9.64 -0.25
CA ARG A 130 1.53 -11.02 -0.70
C ARG A 130 2.52 -11.34 -1.81
N VAL A 131 3.75 -10.84 -1.66
CA VAL A 131 4.81 -11.06 -2.64
C VAL A 131 6.17 -10.99 -1.96
N VAL A 132 6.54 -12.06 -1.27
CA VAL A 132 7.82 -12.12 -0.57
C VAL A 132 8.88 -12.82 -1.41
N ALA A 133 10.09 -12.90 -0.87
CA ALA A 133 11.20 -13.54 -1.56
C ALA A 133 11.16 -15.05 -1.37
N LYS A 134 12.15 -15.74 -1.95
CA LYS A 134 12.24 -17.19 -1.84
C LYS A 134 12.10 -17.66 -0.39
N ASN A 135 12.86 -17.03 0.50
CA ASN A 135 12.82 -17.38 1.91
C ASN A 135 11.53 -16.89 2.56
N SER A 136 11.56 -15.66 3.06
CA SER A 136 10.40 -15.07 3.70
C SER A 136 10.62 -13.60 4.01
N LEU A 137 9.57 -12.79 3.87
CA LEU A 137 9.65 -11.36 4.12
C LEU A 137 10.63 -10.69 3.16
N GLY A 138 10.17 -9.64 2.49
CA GLY A 138 11.00 -8.92 1.55
C GLY A 138 12.24 -8.32 2.20
N GLY A 139 12.69 -7.19 1.67
CA GLY A 139 13.88 -6.54 2.21
C GLY A 139 13.54 -5.37 3.11
N TYR A 140 12.55 -4.57 2.69
CA TYR A 140 12.13 -3.41 3.46
C TYR A 140 10.97 -2.70 2.78
N SER A 141 11.16 -2.35 1.51
CA SER A 141 10.13 -1.67 0.74
C SER A 141 9.79 -0.31 1.36
N TYR A 142 8.85 -0.30 2.30
CA TYR A 142 8.44 0.94 2.96
C TYR A 142 7.97 0.68 4.39
N GLY A 143 8.60 -0.27 5.06
CA GLY A 143 8.22 -0.59 6.42
C GLY A 143 8.53 -2.03 6.79
N LEU A 144 9.77 -2.27 7.20
CA LEU A 144 10.21 -3.60 7.58
C LEU A 144 9.35 -4.14 8.72
N ASP A 145 9.35 -3.45 9.85
CA ASP A 145 8.56 -3.87 11.00
C ASP A 145 7.06 -3.81 10.68
N LYS A 146 6.70 -2.89 9.79
CA LYS A 146 5.30 -2.72 9.39
C LYS A 146 4.83 -3.92 8.59
N LYS A 147 5.57 -4.27 7.55
CA LYS A 147 5.23 -5.42 6.71
C LYS A 147 5.14 -6.70 7.54
N LYS A 148 5.90 -6.71 8.64
CA LYS A 148 5.89 -7.87 9.54
C LYS A 148 4.55 -7.94 10.27
N PHE A 149 4.15 -6.84 10.88
CA PHE A 149 2.89 -6.76 11.60
C PHE A 149 1.71 -7.17 10.72
N ILE A 150 1.57 -6.50 9.58
CA ILE A 150 0.49 -6.78 8.65
C ILE A 150 0.48 -8.25 8.24
N LEU A 151 1.67 -8.78 7.94
CA LEU A 151 1.80 -10.18 7.54
C LEU A 151 1.20 -11.11 8.59
N GLU A 152 1.16 -10.63 9.84
CA GLU A 152 0.62 -11.43 10.94
C GLU A 152 -0.86 -11.10 11.18
N ARG A 153 -1.26 -9.88 10.81
CA ARG A 153 -2.63 -9.45 10.99
C ARG A 153 -3.60 -10.37 10.24
N GLU A 154 -3.31 -10.63 8.97
CA GLU A 154 -4.15 -11.50 8.16
C GLU A 154 -4.35 -12.86 8.82
N ARG A 155 -3.24 -13.54 9.10
CA ARG A 155 -3.29 -14.85 9.73
C ARG A 155 -4.06 -14.80 11.05
N LEU A 156 -4.09 -13.62 11.67
CA LEU A 156 -4.80 -13.44 12.93
C LEU A 156 -6.31 -13.35 12.71
N ASN A 157 -6.72 -12.68 11.63
CA ASN A 157 -8.13 -12.53 11.32
C ASN A 157 -8.61 -13.66 10.41
N MET A 158 -8.32 -14.89 10.81
CA MET A 158 -8.74 -16.06 10.03
C MET A 158 -9.51 -17.04 10.90
N VAL A 159 -10.52 -17.68 10.32
CA VAL A 159 -11.35 -18.65 11.04
C VAL A 159 -11.71 -18.15 12.43
N SER A 160 -12.08 -16.88 12.52
CA SER A 160 -12.46 -16.27 13.80
C SER A 160 -13.63 -17.02 14.43
N PHE A 161 -14.79 -16.92 13.80
CA PHE A 161 -15.99 -17.59 14.30
C PHE A 161 -16.18 -18.95 13.63
N LYS A 162 -16.86 -19.85 14.33
CA LYS A 162 -17.11 -21.19 13.80
C LYS A 162 -18.33 -21.81 14.46
N PHE A 163 -19.24 -22.35 13.64
CA PHE A 163 -20.45 -22.97 14.15
C PHE A 163 -20.13 -24.27 14.90
N ASN A 164 -20.51 -24.32 16.17
CA ASN A 164 -20.25 -25.49 17.00
C ASN A 164 -21.12 -25.46 18.26
N LYS A 165 -22.14 -26.31 18.29
CA LYS A 165 -23.04 -26.39 19.44
C LYS A 165 -23.65 -27.77 19.56
N VAL A 166 -23.37 -28.45 20.66
CA VAL A 166 -23.89 -29.79 20.91
C VAL A 166 -24.82 -29.80 22.11
N TYR A 167 -26.07 -30.21 21.88
CA TYR A 167 -27.06 -30.27 22.95
C TYR A 167 -27.28 -28.89 23.57
N MET A 1 -0.58 18.55 0.01
CA MET A 1 0.06 17.32 -0.54
C MET A 1 0.46 16.36 0.58
N ILE A 2 1.26 16.85 1.51
CA ILE A 2 1.72 16.04 2.63
C ILE A 2 0.75 16.15 3.81
N ILE A 3 0.76 15.15 4.69
CA ILE A 3 -0.12 15.17 5.85
C ILE A 3 0.46 14.32 6.98
N GLN A 4 0.52 14.91 8.17
CA GLN A 4 1.05 14.21 9.34
C GLN A 4 -0.07 13.64 10.20
N ILE A 5 0.13 12.41 10.69
CA ILE A 5 -0.86 11.76 11.52
C ILE A 5 -0.20 10.80 12.51
N GLU A 6 0.02 11.27 13.73
CA GLU A 6 0.64 10.47 14.77
C GLU A 6 2.09 10.15 14.41
N GLU A 7 2.29 9.10 13.61
CA GLU A 7 3.63 8.70 13.20
C GLU A 7 3.69 8.43 11.70
N TYR A 8 2.55 8.12 11.10
CA TYR A 8 2.49 7.84 9.68
C TYR A 8 2.14 9.10 8.87
N PHE A 9 3.03 9.48 7.95
CA PHE A 9 2.78 10.64 7.11
C PHE A 9 2.34 10.19 5.72
N ILE A 10 1.12 10.51 5.36
CA ILE A 10 0.59 10.11 4.06
C ILE A 10 1.01 11.08 2.96
N GLY A 11 1.61 10.52 1.90
CA GLY A 11 2.07 11.30 0.79
C GLY A 11 1.01 11.47 -0.27
N MET A 12 -0.06 12.21 0.06
CA MET A 12 -1.16 12.44 -0.85
C MET A 12 -0.85 13.50 -1.90
N ILE A 13 -0.53 13.06 -3.11
CA ILE A 13 -0.22 13.95 -4.21
C ILE A 13 -0.82 13.42 -5.51
N PHE A 14 -1.59 14.26 -6.19
CA PHE A 14 -2.22 13.86 -7.44
C PHE A 14 -2.20 14.99 -8.47
N LYS A 15 -2.58 14.66 -9.70
CA LYS A 15 -2.62 15.65 -10.78
C LYS A 15 -4.01 16.26 -10.92
N GLY A 16 -4.99 15.44 -11.28
CA GLY A 16 -6.35 15.93 -11.44
C GLY A 16 -7.38 14.82 -11.51
N ASN A 17 -8.13 14.65 -10.43
CA ASN A 17 -9.18 13.63 -10.36
C ASN A 17 -8.61 12.21 -10.50
N GLN A 18 -7.29 12.09 -10.38
CA GLN A 18 -6.64 10.79 -10.48
C GLN A 18 -5.36 10.76 -9.65
N LEU A 19 -5.36 9.92 -8.62
CA LEU A 19 -4.20 9.80 -7.74
C LEU A 19 -2.98 9.30 -8.49
N VAL A 20 -1.82 9.45 -7.89
CA VAL A 20 -0.57 9.01 -8.50
C VAL A 20 0.43 8.59 -7.43
N ARG A 21 0.25 9.13 -6.23
CA ARG A 21 1.10 8.82 -5.10
C ARG A 21 0.43 9.29 -3.82
N ASN A 22 0.17 8.36 -2.92
CA ASN A 22 -0.51 8.69 -1.66
C ASN A 22 -0.08 7.75 -0.55
N THR A 23 1.22 7.77 -0.21
CA THR A 23 1.75 6.91 0.85
C THR A 23 3.06 7.44 1.43
N ILE A 24 3.73 6.59 2.22
CA ILE A 24 5.00 6.91 2.86
C ILE A 24 4.81 7.41 4.30
N PRO A 25 4.37 6.51 5.21
CA PRO A 25 4.15 6.86 6.63
C PRO A 25 5.40 7.49 7.28
N LEU A 26 5.67 7.15 8.55
CA LEU A 26 6.84 7.65 9.27
C LEU A 26 7.24 9.09 8.86
N ARG A 27 8.51 9.43 9.13
CA ARG A 27 9.06 10.73 8.80
C ARG A 27 8.18 11.87 9.29
N ARG A 28 8.42 12.31 10.52
CA ARG A 28 7.64 13.41 11.10
C ARG A 28 8.50 14.64 11.29
N GLU A 29 9.30 14.64 12.35
CA GLU A 29 10.17 15.78 12.66
C GLU A 29 11.17 16.05 11.53
N GLU A 30 11.29 15.12 10.59
CA GLU A 30 12.23 15.28 9.49
C GLU A 30 11.54 15.81 8.23
N ILE A 31 10.23 16.04 8.30
CA ILE A 31 9.49 16.54 7.15
C ILE A 31 9.79 18.01 6.89
N PHE A 32 10.12 18.74 7.96
CA PHE A 32 10.43 20.15 7.85
C PHE A 32 11.95 20.38 7.73
N ASN A 33 12.64 19.38 7.20
CA ASN A 33 14.09 19.46 7.03
C ASN A 33 14.54 18.57 5.87
N PHE A 34 13.60 18.25 4.99
CA PHE A 34 13.88 17.41 3.82
C PHE A 34 12.81 17.60 2.76
N MET A 35 12.22 18.79 2.73
CA MET A 35 11.17 19.10 1.76
C MET A 35 10.80 20.58 1.84
N ASP A 36 11.67 21.44 1.34
CA ASP A 36 11.43 22.88 1.36
C ASP A 36 10.74 23.33 0.08
N GLY A 37 9.77 22.54 -0.38
CA GLY A 37 9.05 22.88 -1.59
C GLY A 37 7.61 22.38 -1.55
N GLU A 38 7.11 22.10 -0.35
CA GLU A 38 5.75 21.62 -0.19
C GLU A 38 5.24 21.92 1.22
N VAL A 39 5.66 21.11 2.19
CA VAL A 39 5.25 21.28 3.58
C VAL A 39 3.79 21.73 3.69
N VAL A 40 2.94 21.17 2.85
CA VAL A 40 1.52 21.52 2.85
C VAL A 40 0.69 20.46 3.57
N SER A 41 0.37 20.72 4.82
CA SER A 41 -0.42 19.79 5.62
C SER A 41 -1.89 19.87 5.25
N ASN A 42 -2.56 20.92 5.70
CA ASN A 42 -3.98 21.13 5.41
C ASN A 42 -4.78 19.85 5.64
N PRO A 43 -4.90 19.41 6.90
CA PRO A 43 -5.64 18.19 7.25
C PRO A 43 -7.12 18.31 6.91
N GLU A 44 -7.72 19.41 7.37
CA GLU A 44 -9.14 19.70 7.15
C GLU A 44 -10.00 18.43 7.06
N ASP A 45 -11.19 18.56 6.49
CA ASP A 45 -12.10 17.43 6.35
C ASP A 45 -11.81 16.65 5.08
N GLU A 46 -11.37 17.36 4.04
CA GLU A 46 -11.06 16.74 2.76
C GLU A 46 -10.06 15.59 2.94
N HIS A 47 -9.29 15.65 4.01
CA HIS A 47 -8.30 14.61 4.29
C HIS A 47 -8.67 13.82 5.55
N LEU A 48 -9.70 14.27 6.25
CA LEU A 48 -10.16 13.58 7.46
C LEU A 48 -10.66 12.18 7.15
N LYS A 49 -11.71 12.11 6.33
CA LYS A 49 -12.32 10.84 5.94
C LYS A 49 -11.29 9.86 5.37
N VAL A 50 -10.38 10.38 4.56
CA VAL A 50 -9.36 9.54 3.94
C VAL A 50 -8.30 9.11 4.95
N ALA A 51 -7.96 10.02 5.86
CA ALA A 51 -6.96 9.73 6.88
C ALA A 51 -7.32 8.45 7.64
N GLU A 52 -8.52 8.43 8.21
CA GLU A 52 -8.98 7.27 8.97
C GLU A 52 -9.01 6.03 8.09
N ILE A 53 -9.24 6.23 6.80
CA ILE A 53 -9.27 5.12 5.85
C ILE A 53 -7.89 4.48 5.73
N ILE A 54 -6.86 5.32 5.60
CA ILE A 54 -5.50 4.84 5.49
C ILE A 54 -5.14 3.95 6.68
N LEU A 55 -5.51 4.40 7.87
CA LEU A 55 -5.24 3.65 9.09
C LEU A 55 -5.89 2.26 9.02
N LYS A 56 -7.10 2.21 8.48
CA LYS A 56 -7.84 0.96 8.37
C LYS A 56 -7.07 -0.11 7.58
N LEU A 57 -6.77 0.18 6.32
CA LEU A 57 -6.04 -0.77 5.49
C LEU A 57 -4.67 -1.07 6.07
N TYR A 58 -4.12 -0.12 6.80
CA TYR A 58 -2.80 -0.30 7.42
C TYR A 58 -2.84 -1.44 8.43
N PHE A 59 -3.87 -1.44 9.27
CA PHE A 59 -4.04 -2.48 10.29
C PHE A 59 -4.77 -3.69 9.70
N ALA A 60 -5.39 -3.51 8.54
CA ALA A 60 -6.14 -4.58 7.87
C ALA A 60 -7.53 -4.76 8.48
N GLU A 61 -8.45 -3.89 8.06
CA GLU A 61 -9.82 -3.95 8.56
C GLU A 61 -10.80 -3.38 7.55
N ILE A 62 -10.69 -3.84 6.30
CA ILE A 62 -11.57 -3.37 5.23
C ILE A 62 -11.42 -4.25 3.98
N ASP A 63 -12.25 -3.98 2.98
CA ASP A 63 -12.21 -4.74 1.74
C ASP A 63 -13.26 -4.23 0.75
N ASP A 64 -14.41 -3.83 1.27
CA ASP A 64 -15.49 -3.32 0.45
C ASP A 64 -15.61 -1.80 0.56
N LYS A 65 -14.50 -1.16 0.90
CA LYS A 65 -14.47 0.29 1.05
C LYS A 65 -13.04 0.77 1.29
N LYS A 66 -12.21 0.69 0.26
CA LYS A 66 -10.82 1.10 0.38
C LYS A 66 -10.21 1.42 -0.98
N VAL A 67 -10.27 0.46 -1.87
CA VAL A 67 -9.73 0.62 -3.21
C VAL A 67 -10.38 1.80 -3.93
N ARG A 68 -11.61 2.11 -3.57
CA ARG A 68 -12.33 3.21 -4.19
C ARG A 68 -11.96 4.54 -3.55
N GLU A 69 -12.16 4.64 -2.25
CA GLU A 69 -11.85 5.85 -1.50
C GLU A 69 -10.41 6.30 -1.71
N LEU A 70 -9.54 5.36 -2.10
CA LEU A 70 -8.13 5.67 -2.32
C LEU A 70 -7.90 6.35 -3.67
N ILE A 71 -8.99 6.62 -4.39
CA ILE A 71 -8.88 7.24 -5.69
C ILE A 71 -8.18 6.31 -6.66
N SER A 72 -8.65 6.27 -7.89
CA SER A 72 -8.07 5.40 -8.88
C SER A 72 -6.69 5.88 -9.31
N TYR A 73 -5.80 4.93 -9.58
CA TYR A 73 -4.44 5.26 -10.01
C TYR A 73 -4.39 5.47 -11.52
N LYS A 74 -3.61 6.46 -11.94
CA LYS A 74 -3.48 6.78 -13.36
C LYS A 74 -2.02 7.08 -13.70
N LEU A 75 -1.60 6.61 -14.87
CA LEU A 75 -0.23 6.83 -15.33
C LEU A 75 0.78 6.29 -14.32
N GLU A 76 2.06 6.63 -14.53
CA GLU A 76 3.11 6.18 -13.63
C GLU A 76 3.22 4.66 -13.63
N VAL A 77 4.30 4.14 -14.22
CA VAL A 77 4.53 2.70 -14.26
C VAL A 77 6.01 2.37 -14.39
N PRO A 78 6.87 3.02 -13.57
CA PRO A 78 8.31 2.78 -13.58
C PRO A 78 8.66 1.31 -13.35
N GLU A 79 9.47 0.76 -14.25
CA GLU A 79 9.88 -0.65 -14.15
C GLU A 79 8.71 -1.58 -14.47
N PHE A 80 7.64 -1.48 -13.67
CA PHE A 80 6.46 -2.30 -13.87
C PHE A 80 5.42 -2.00 -12.80
N THR A 81 4.17 -2.33 -13.09
CA THR A 81 3.07 -2.08 -12.16
C THR A 81 1.74 -2.61 -12.71
N LYS A 82 1.58 -2.56 -14.02
CA LYS A 82 0.36 -3.02 -14.67
C LYS A 82 0.13 -4.51 -14.41
N LYS A 83 1.15 -5.32 -14.68
CA LYS A 83 1.05 -6.76 -14.50
C LYS A 83 0.72 -7.12 -13.06
N VAL A 84 1.51 -6.60 -12.13
CA VAL A 84 1.31 -6.86 -10.73
C VAL A 84 -0.13 -6.57 -10.32
N LEU A 85 -0.65 -5.43 -10.77
CA LEU A 85 -2.03 -5.06 -10.48
C LEU A 85 -2.96 -6.17 -10.93
N ASP A 86 -2.57 -6.85 -12.00
CA ASP A 86 -3.34 -7.96 -12.53
C ASP A 86 -3.42 -9.08 -11.49
N ILE A 87 -2.43 -9.13 -10.60
CA ILE A 87 -2.40 -10.16 -9.56
C ILE A 87 -3.48 -9.90 -8.50
N VAL A 88 -3.56 -8.67 -8.01
CA VAL A 88 -4.55 -8.32 -6.99
C VAL A 88 -5.96 -8.65 -7.46
N LYS A 89 -6.19 -8.53 -8.77
CA LYS A 89 -7.50 -8.82 -9.34
C LYS A 89 -7.98 -10.21 -8.96
N ASP A 90 -7.04 -11.13 -8.72
CA ASP A 90 -7.39 -12.49 -8.36
C ASP A 90 -7.16 -12.77 -6.88
N ILE A 91 -5.95 -12.48 -6.40
CA ILE A 91 -5.61 -12.70 -5.01
C ILE A 91 -6.30 -11.70 -4.09
N GLU A 92 -6.63 -12.15 -2.88
CA GLU A 92 -7.30 -11.30 -1.90
C GLU A 92 -6.75 -11.58 -0.49
N PHE A 93 -7.56 -11.29 0.53
CA PHE A 93 -7.15 -11.51 1.90
C PHE A 93 -7.08 -13.00 2.22
N GLY A 94 -5.86 -13.54 2.26
CA GLY A 94 -5.69 -14.95 2.56
C GLY A 94 -4.62 -15.60 1.69
N LYS A 95 -4.32 -14.97 0.56
CA LYS A 95 -3.33 -15.50 -0.36
C LYS A 95 -2.03 -14.70 -0.26
N THR A 96 -0.92 -15.34 -0.61
CA THR A 96 0.39 -14.69 -0.56
C THR A 96 1.34 -15.33 -1.58
N LEU A 97 1.40 -14.74 -2.77
CA LEU A 97 2.26 -15.22 -3.83
C LEU A 97 3.62 -14.53 -3.76
N THR A 98 4.53 -14.91 -4.65
CA THR A 98 5.85 -14.32 -4.68
C THR A 98 6.23 -13.96 -6.11
N TYR A 99 7.05 -12.92 -6.26
CA TYR A 99 7.49 -12.44 -7.58
C TYR A 99 7.73 -13.60 -8.56
N GLY A 100 8.40 -14.65 -8.08
CA GLY A 100 8.71 -15.79 -8.91
C GLY A 100 7.52 -16.28 -9.74
N ASP A 101 6.55 -16.88 -9.08
CA ASP A 101 5.37 -17.42 -9.76
C ASP A 101 4.57 -16.33 -10.47
N ILE A 102 4.62 -15.11 -9.95
CA ILE A 102 3.88 -13.99 -10.52
C ILE A 102 4.50 -13.51 -11.83
N ALA A 103 5.74 -13.06 -11.76
CA ALA A 103 6.44 -12.56 -12.93
C ALA A 103 6.42 -13.56 -14.07
N LYS A 104 6.76 -14.80 -13.76
CA LYS A 104 6.79 -15.87 -14.76
C LYS A 104 5.41 -16.02 -15.42
N LYS A 105 4.36 -15.78 -14.65
CA LYS A 105 2.99 -15.89 -15.15
C LYS A 105 2.68 -14.76 -16.13
N LEU A 106 3.27 -13.59 -15.89
CA LEU A 106 3.03 -12.43 -16.73
C LEU A 106 4.00 -12.39 -17.92
N ASN A 107 4.76 -13.46 -18.11
CA ASN A 107 5.72 -13.54 -19.21
C ASN A 107 6.83 -12.49 -19.05
N THR A 108 7.33 -12.37 -17.82
CA THR A 108 8.39 -11.41 -17.53
C THR A 108 9.42 -12.02 -16.56
N SER A 109 9.87 -11.24 -15.58
CA SER A 109 10.85 -11.72 -14.61
C SER A 109 10.58 -11.13 -13.23
N PRO A 110 10.76 -11.93 -12.17
CA PRO A 110 10.53 -11.48 -10.79
C PRO A 110 11.45 -10.34 -10.38
N ARG A 111 12.49 -10.11 -11.17
CA ARG A 111 13.44 -9.04 -10.88
C ARG A 111 12.81 -7.68 -11.16
N ALA A 112 12.17 -7.56 -12.33
CA ALA A 112 11.53 -6.31 -12.72
C ALA A 112 10.30 -6.04 -11.85
N VAL A 113 9.56 -7.11 -11.54
CA VAL A 113 8.36 -6.98 -10.70
C VAL A 113 8.72 -6.56 -9.29
N GLY A 114 9.97 -6.79 -8.89
CA GLY A 114 10.39 -6.42 -7.56
C GLY A 114 10.23 -4.93 -7.32
N MET A 115 11.07 -4.14 -7.98
CA MET A 115 11.02 -2.69 -7.85
C MET A 115 9.64 -2.15 -8.27
N ALA A 116 8.90 -2.95 -9.02
CA ALA A 116 7.57 -2.54 -9.48
C ALA A 116 6.65 -2.24 -8.30
N LEU A 117 6.02 -3.28 -7.75
CA LEU A 117 5.11 -3.12 -6.63
C LEU A 117 5.77 -2.37 -5.47
N LYS A 118 7.10 -2.39 -5.42
CA LYS A 118 7.83 -1.70 -4.37
C LYS A 118 7.64 -0.19 -4.47
N ARG A 119 7.74 0.34 -5.68
CA ARG A 119 7.58 1.77 -5.91
C ARG A 119 6.19 2.07 -6.47
N ASN A 120 5.22 1.24 -6.10
CA ASN A 120 3.85 1.40 -6.56
C ASN A 120 3.31 2.79 -6.24
N PRO A 121 2.38 3.30 -7.06
CA PRO A 121 1.79 4.63 -6.86
C PRO A 121 0.81 4.65 -5.68
N LEU A 122 0.06 3.55 -5.51
CA LEU A 122 -0.90 3.44 -4.43
C LEU A 122 -0.61 2.20 -3.56
N PRO A 123 0.56 2.16 -2.92
CA PRO A 123 0.95 1.04 -2.05
C PRO A 123 -0.17 0.61 -1.12
N LEU A 124 0.08 -0.47 -0.38
CA LEU A 124 -0.91 -1.00 0.57
C LEU A 124 -2.11 -1.58 -0.17
N ILE A 125 -2.89 -0.72 -0.82
CA ILE A 125 -4.07 -1.16 -1.55
C ILE A 125 -3.67 -2.14 -2.65
N ILE A 126 -2.46 -1.98 -3.17
CA ILE A 126 -1.97 -2.85 -4.22
C ILE A 126 -1.57 -4.22 -3.66
N PRO A 127 -1.37 -5.23 -4.53
CA PRO A 127 -1.04 -6.60 -4.11
C PRO A 127 0.42 -6.79 -3.67
N CYS A 128 1.14 -5.70 -3.41
CA CYS A 128 2.54 -5.82 -2.97
C CYS A 128 2.65 -6.75 -1.76
N HIS A 129 1.63 -6.74 -0.91
CA HIS A 129 1.62 -7.56 0.30
C HIS A 129 1.66 -9.05 -0.06
N ARG A 130 0.89 -9.45 -1.05
CA ARG A 130 0.85 -10.85 -1.47
C ARG A 130 2.02 -11.20 -2.41
N VAL A 131 3.19 -10.61 -2.14
CA VAL A 131 4.37 -10.86 -2.95
C VAL A 131 5.64 -10.68 -2.13
N VAL A 132 6.11 -11.76 -1.52
CA VAL A 132 7.30 -11.72 -0.70
C VAL A 132 8.53 -12.19 -1.49
N ALA A 133 9.68 -12.23 -0.82
CA ALA A 133 10.91 -12.67 -1.47
C ALA A 133 11.03 -14.18 -1.49
N LYS A 134 12.16 -14.69 -1.96
CA LYS A 134 12.39 -16.13 -2.03
C LYS A 134 12.08 -16.80 -0.70
N ASN A 135 12.71 -16.31 0.37
CA ASN A 135 12.51 -16.86 1.70
C ASN A 135 11.16 -16.42 2.26
N SER A 136 11.07 -15.16 2.63
CA SER A 136 9.84 -14.60 3.18
C SER A 136 9.93 -13.08 3.30
N LEU A 137 11.12 -12.58 3.55
CA LEU A 137 11.34 -11.14 3.69
C LEU A 137 12.72 -10.76 3.17
N GLY A 138 12.74 -9.82 2.22
CA GLY A 138 14.01 -9.38 1.66
C GLY A 138 14.85 -8.61 2.66
N GLY A 139 14.76 -7.28 2.60
CA GLY A 139 15.53 -6.45 3.52
C GLY A 139 14.90 -5.08 3.71
N TYR A 140 15.74 -4.04 3.68
CA TYR A 140 15.27 -2.67 3.85
C TYR A 140 14.78 -2.09 2.53
N SER A 141 13.46 -2.13 2.32
CA SER A 141 12.87 -1.60 1.10
C SER A 141 11.98 -0.40 1.40
N TYR A 142 10.80 -0.67 1.94
CA TYR A 142 9.85 0.40 2.26
C TYR A 142 10.02 0.84 3.72
N GLY A 143 10.02 -0.11 4.63
CA GLY A 143 10.17 0.21 6.04
C GLY A 143 10.47 -1.00 6.90
N LEU A 144 9.99 -2.17 6.48
CA LEU A 144 10.20 -3.42 7.21
C LEU A 144 9.15 -3.60 8.31
N ASP A 145 8.98 -2.55 9.13
CA ASP A 145 8.01 -2.60 10.22
C ASP A 145 6.59 -2.77 9.68
N LYS A 146 6.32 -2.17 8.52
CA LYS A 146 5.01 -2.26 7.90
C LYS A 146 4.74 -3.68 7.41
N LYS A 147 5.64 -4.18 6.56
CA LYS A 147 5.49 -5.54 6.03
C LYS A 147 5.46 -6.56 7.16
N LYS A 148 6.16 -6.25 8.25
CA LYS A 148 6.20 -7.14 9.41
C LYS A 148 4.83 -7.18 10.10
N PHE A 149 4.42 -6.04 10.63
CA PHE A 149 3.14 -5.92 11.33
C PHE A 149 1.98 -6.40 10.46
N ILE A 150 1.86 -5.81 9.28
CA ILE A 150 0.78 -6.17 8.35
C ILE A 150 0.67 -7.68 8.17
N LEU A 151 1.70 -8.28 7.59
CA LEU A 151 1.72 -9.72 7.36
C LEU A 151 1.40 -10.50 8.64
N GLU A 152 1.70 -9.90 9.78
CA GLU A 152 1.44 -10.53 11.06
C GLU A 152 -0.04 -10.51 11.40
N ARG A 153 -0.62 -9.31 11.44
CA ARG A 153 -2.04 -9.14 11.74
C ARG A 153 -2.90 -9.92 10.76
N GLU A 154 -2.57 -9.83 9.47
CA GLU A 154 -3.32 -10.51 8.44
C GLU A 154 -3.22 -12.03 8.61
N ARG A 155 -2.02 -12.51 8.90
CA ARG A 155 -1.80 -13.94 9.08
C ARG A 155 -2.74 -14.52 10.14
N LEU A 156 -3.11 -13.68 11.11
CA LEU A 156 -4.00 -14.11 12.18
C LEU A 156 -5.46 -13.83 11.82
N ASN A 157 -5.82 -12.55 11.81
CA ASN A 157 -7.19 -12.14 11.49
C ASN A 157 -7.40 -12.14 9.98
N MET A 158 -8.65 -12.37 9.57
CA MET A 158 -8.99 -12.38 8.15
C MET A 158 -10.39 -11.82 7.92
N VAL A 159 -11.35 -12.28 8.72
CA VAL A 159 -12.73 -11.82 8.60
C VAL A 159 -13.02 -10.72 9.61
N SER A 160 -12.51 -10.87 10.82
CA SER A 160 -12.73 -9.88 11.87
C SER A 160 -14.20 -9.73 12.17
N PHE A 161 -14.65 -10.33 13.26
CA PHE A 161 -16.06 -10.26 13.66
C PHE A 161 -16.18 -10.09 15.17
N LYS A 162 -17.24 -9.42 15.60
CA LYS A 162 -17.48 -9.19 17.03
C LYS A 162 -16.33 -8.41 17.65
N PHE A 163 -16.57 -7.12 17.89
CA PHE A 163 -15.55 -6.26 18.49
C PHE A 163 -15.55 -6.39 20.01
N ASN A 164 -14.40 -6.13 20.62
CA ASN A 164 -14.26 -6.22 22.07
C ASN A 164 -13.20 -5.25 22.57
N LYS A 165 -13.27 -4.93 23.86
CA LYS A 165 -12.31 -4.01 24.46
C LYS A 165 -12.01 -4.40 25.91
N VAL A 166 -10.73 -4.57 26.22
CA VAL A 166 -10.32 -4.95 27.56
C VAL A 166 -9.01 -4.28 27.95
N TYR A 167 -9.00 -3.63 29.10
CA TYR A 167 -7.81 -2.94 29.59
C TYR A 167 -7.55 -3.26 31.05
N MET A 1 -0.27 17.03 -1.04
CA MET A 1 -0.98 17.06 0.27
C MET A 1 -0.35 16.08 1.26
N ILE A 2 0.60 16.56 2.04
CA ILE A 2 1.28 15.74 3.03
C ILE A 2 0.55 15.79 4.38
N ILE A 3 0.76 14.77 5.20
CA ILE A 3 0.11 14.70 6.50
C ILE A 3 0.95 13.88 7.48
N GLN A 4 1.37 14.52 8.57
CA GLN A 4 2.18 13.86 9.59
C GLN A 4 1.30 13.36 10.73
N ILE A 5 0.44 12.39 10.43
CA ILE A 5 -0.46 11.83 11.44
C ILE A 5 0.22 10.74 12.26
N GLU A 6 0.03 10.79 13.58
CA GLU A 6 0.62 9.81 14.49
C GLU A 6 2.12 9.71 14.32
N GLU A 7 2.56 8.87 13.39
CA GLU A 7 3.99 8.69 13.15
C GLU A 7 4.26 8.31 11.69
N TYR A 8 3.38 8.74 10.80
CA TYR A 8 3.53 8.43 9.39
C TYR A 8 3.23 9.66 8.52
N PHE A 9 4.09 9.88 7.52
CA PHE A 9 3.91 11.01 6.62
C PHE A 9 3.44 10.51 5.26
N ILE A 10 2.15 10.69 4.97
CA ILE A 10 1.58 10.24 3.71
C ILE A 10 1.74 11.30 2.62
N GLY A 11 2.16 10.84 1.45
CA GLY A 11 2.34 11.73 0.32
C GLY A 11 1.14 11.71 -0.61
N MET A 12 0.10 12.46 -0.25
CA MET A 12 -1.13 12.54 -1.04
C MET A 12 -1.02 13.54 -2.18
N ILE A 13 -0.88 13.04 -3.40
CA ILE A 13 -0.79 13.90 -4.57
C ILE A 13 -1.56 13.31 -5.74
N PHE A 14 -2.63 13.98 -6.16
CA PHE A 14 -3.43 13.49 -7.27
C PHE A 14 -3.89 14.61 -8.18
N LYS A 15 -3.33 14.67 -9.39
CA LYS A 15 -3.67 15.70 -10.36
C LYS A 15 -4.56 15.13 -11.47
N GLY A 16 -5.30 16.01 -12.14
CA GLY A 16 -6.15 15.59 -13.23
C GLY A 16 -7.40 14.85 -12.76
N ASN A 17 -7.91 15.24 -11.59
CA ASN A 17 -9.10 14.60 -11.03
C ASN A 17 -8.93 13.10 -10.95
N GLN A 18 -7.69 12.65 -10.83
CA GLN A 18 -7.38 11.23 -10.74
C GLN A 18 -6.16 11.01 -9.85
N LEU A 19 -6.20 9.97 -9.04
CA LEU A 19 -5.09 9.67 -8.14
C LEU A 19 -3.84 9.34 -8.92
N VAL A 20 -2.71 9.36 -8.23
CA VAL A 20 -1.44 9.08 -8.84
C VAL A 20 -0.49 8.46 -7.82
N ARG A 21 -0.50 9.05 -6.63
CA ARG A 21 0.32 8.59 -5.53
C ARG A 21 -0.14 9.28 -4.25
N ASN A 22 -0.47 8.50 -3.23
CA ASN A 22 -0.94 9.08 -1.97
C ASN A 22 -0.77 8.13 -0.79
N THR A 23 0.48 7.91 -0.40
CA THR A 23 0.78 7.02 0.71
C THR A 23 2.20 7.22 1.24
N ILE A 24 2.64 6.29 2.10
CA ILE A 24 3.98 6.31 2.72
C ILE A 24 3.92 6.82 4.16
N PRO A 25 4.42 6.03 5.12
CA PRO A 25 4.42 6.39 6.54
C PRO A 25 5.74 7.02 6.98
N LEU A 26 6.12 6.83 8.26
CA LEU A 26 7.37 7.37 8.79
C LEU A 26 7.63 8.80 8.34
N ARG A 27 8.88 9.25 8.52
CA ARG A 27 9.28 10.61 8.15
C ARG A 27 8.96 11.59 9.26
N ARG A 28 9.66 12.73 9.26
CA ARG A 28 9.46 13.75 10.28
C ARG A 28 9.88 15.12 9.75
N GLU A 29 10.60 15.91 10.56
CA GLU A 29 11.05 17.23 10.16
C GLU A 29 12.09 17.16 9.04
N GLU A 30 12.34 15.97 8.50
CA GLU A 30 13.32 15.80 7.44
C GLU A 30 12.66 15.77 6.05
N ILE A 31 11.33 15.81 6.01
CA ILE A 31 10.61 15.79 4.74
C ILE A 31 10.66 17.16 4.05
N PHE A 32 11.07 18.18 4.79
CA PHE A 32 11.16 19.53 4.24
C PHE A 32 12.22 19.60 3.15
N ASN A 33 11.93 20.34 2.09
CA ASN A 33 12.85 20.51 0.97
C ASN A 33 12.95 19.24 0.11
N PHE A 34 12.38 18.14 0.59
CA PHE A 34 12.41 16.88 -0.14
C PHE A 34 11.29 16.83 -1.18
N MET A 35 10.06 16.90 -0.70
CA MET A 35 8.89 16.86 -1.57
C MET A 35 8.85 18.07 -2.50
N ASP A 36 8.21 17.91 -3.65
CA ASP A 36 8.09 19.00 -4.61
C ASP A 36 6.81 19.80 -4.38
N GLY A 37 6.50 20.05 -3.11
CA GLY A 37 5.31 20.80 -2.76
C GLY A 37 4.87 20.53 -1.34
N GLU A 38 4.99 19.28 -0.90
CA GLU A 38 4.61 18.88 0.45
C GLU A 38 3.17 19.34 0.76
N VAL A 39 3.03 20.48 1.43
CA VAL A 39 1.71 21.00 1.77
C VAL A 39 1.08 20.26 2.94
N VAL A 40 1.50 20.61 4.14
CA VAL A 40 0.97 19.97 5.34
C VAL A 40 0.12 20.94 6.16
N SER A 41 -1.12 21.14 5.74
CA SER A 41 -2.03 22.03 6.44
C SER A 41 -2.55 21.36 7.69
N ASN A 42 -3.42 20.38 7.50
CA ASN A 42 -3.99 19.62 8.60
C ASN A 42 -4.60 18.31 8.11
N PRO A 43 -4.23 17.17 8.72
CA PRO A 43 -4.75 15.86 8.33
C PRO A 43 -6.23 15.70 8.63
N GLU A 44 -6.61 16.09 9.83
CA GLU A 44 -8.00 15.99 10.28
C GLU A 44 -8.94 16.78 9.38
N ASP A 45 -10.08 16.18 9.08
CA ASP A 45 -11.11 16.81 8.23
C ASP A 45 -10.69 16.86 6.77
N GLU A 46 -9.93 17.89 6.41
CA GLU A 46 -9.48 18.08 5.03
C GLU A 46 -8.76 16.84 4.48
N HIS A 47 -8.35 15.93 5.36
CA HIS A 47 -7.63 14.74 4.89
C HIS A 47 -8.04 13.47 5.65
N LEU A 48 -9.05 13.56 6.52
CA LEU A 48 -9.50 12.39 7.27
C LEU A 48 -10.14 11.36 6.34
N LYS A 49 -10.65 11.83 5.20
CA LYS A 49 -11.30 10.95 4.24
C LYS A 49 -10.36 9.85 3.78
N VAL A 50 -9.22 10.24 3.23
CA VAL A 50 -8.24 9.29 2.75
C VAL A 50 -7.48 8.64 3.90
N ALA A 51 -7.04 9.47 4.84
CA ALA A 51 -6.31 8.98 6.01
C ALA A 51 -7.06 7.86 6.72
N GLU A 52 -8.33 8.11 7.02
CA GLU A 52 -9.18 7.13 7.68
C GLU A 52 -9.26 5.84 6.88
N ILE A 53 -9.32 5.98 5.55
CA ILE A 53 -9.39 4.82 4.66
C ILE A 53 -8.10 4.01 4.71
N ILE A 54 -6.98 4.69 4.49
CA ILE A 54 -5.68 4.02 4.50
C ILE A 54 -5.45 3.28 5.82
N LEU A 55 -5.62 4.00 6.93
CA LEU A 55 -5.44 3.41 8.24
C LEU A 55 -6.31 2.16 8.41
N LYS A 56 -7.53 2.23 7.90
CA LYS A 56 -8.47 1.11 7.98
C LYS A 56 -7.88 -0.15 7.37
N LEU A 57 -7.63 -0.11 6.06
CA LEU A 57 -7.07 -1.26 5.36
C LEU A 57 -5.69 -1.61 5.90
N TYR A 58 -5.04 -0.65 6.55
CA TYR A 58 -3.72 -0.88 7.12
C TYR A 58 -3.77 -1.93 8.22
N PHE A 59 -4.61 -1.71 9.21
CA PHE A 59 -4.75 -2.65 10.32
C PHE A 59 -5.78 -3.73 10.02
N ALA A 60 -5.86 -4.15 8.76
CA ALA A 60 -6.81 -5.19 8.34
C ALA A 60 -8.16 -5.03 9.01
N GLU A 61 -8.95 -4.08 8.54
CA GLU A 61 -10.27 -3.83 9.11
C GLU A 61 -11.31 -3.59 8.01
N ILE A 62 -11.04 -4.13 6.82
CA ILE A 62 -11.94 -3.98 5.69
C ILE A 62 -11.61 -4.97 4.58
N ASP A 63 -12.55 -5.18 3.67
CA ASP A 63 -12.34 -6.11 2.56
C ASP A 63 -12.46 -5.39 1.23
N ASP A 64 -13.50 -4.59 1.09
CA ASP A 64 -13.74 -3.83 -0.13
C ASP A 64 -14.26 -2.44 0.18
N LYS A 65 -14.49 -1.65 -0.87
CA LYS A 65 -15.00 -0.27 -0.73
C LYS A 65 -13.85 0.73 -0.55
N LYS A 66 -12.65 0.21 -0.31
CA LYS A 66 -11.48 1.07 -0.13
C LYS A 66 -10.94 1.56 -1.47
N VAL A 67 -11.00 0.68 -2.45
CA VAL A 67 -10.53 1.00 -3.80
C VAL A 67 -11.34 2.15 -4.41
N ARG A 68 -12.64 2.17 -4.13
CA ARG A 68 -13.51 3.20 -4.65
C ARG A 68 -13.13 4.58 -4.11
N GLU A 69 -13.31 4.78 -2.81
CA GLU A 69 -12.98 6.04 -2.15
C GLU A 69 -11.55 6.47 -2.43
N LEU A 70 -10.72 5.53 -2.87
CA LEU A 70 -9.31 5.84 -3.15
C LEU A 70 -9.16 6.63 -4.45
N ILE A 71 -10.22 6.66 -5.25
CA ILE A 71 -10.19 7.35 -6.53
C ILE A 71 -9.35 6.58 -7.51
N SER A 72 -9.60 6.79 -8.79
CA SER A 72 -8.86 6.08 -9.82
C SER A 72 -7.43 6.59 -9.89
N TYR A 73 -6.47 5.68 -9.84
CA TYR A 73 -5.06 6.03 -9.89
C TYR A 73 -4.57 6.18 -11.32
N LYS A 74 -3.52 6.97 -11.49
CA LYS A 74 -2.92 7.21 -12.80
C LYS A 74 -1.67 6.36 -12.98
N LEU A 75 -1.30 6.09 -14.23
CA LEU A 75 -0.12 5.29 -14.50
C LEU A 75 1.13 6.15 -14.43
N GLU A 76 1.72 6.20 -13.24
CA GLU A 76 2.93 6.98 -12.99
C GLU A 76 4.05 6.08 -12.49
N VAL A 77 4.21 4.95 -13.15
CA VAL A 77 5.24 3.98 -12.77
C VAL A 77 6.54 4.25 -13.53
N PRO A 78 7.67 4.40 -12.81
CA PRO A 78 8.97 4.67 -13.43
C PRO A 78 9.67 3.38 -13.87
N GLU A 79 8.93 2.50 -14.53
CA GLU A 79 9.47 1.23 -15.01
C GLU A 79 8.34 0.32 -15.50
N PHE A 80 7.60 -0.27 -14.56
CA PHE A 80 6.50 -1.16 -14.90
C PHE A 80 5.87 -1.74 -13.63
N THR A 81 4.55 -1.90 -13.65
CA THR A 81 3.83 -2.46 -12.50
C THR A 81 2.35 -2.69 -12.82
N LYS A 82 2.01 -2.74 -14.10
CA LYS A 82 0.63 -2.96 -14.51
C LYS A 82 0.17 -4.38 -14.16
N LYS A 83 1.04 -5.35 -14.43
CA LYS A 83 0.74 -6.75 -14.17
C LYS A 83 0.45 -6.99 -12.69
N VAL A 84 1.38 -6.57 -11.84
CA VAL A 84 1.21 -6.76 -10.41
C VAL A 84 -0.12 -6.19 -9.93
N LEU A 85 -0.51 -5.06 -10.51
CA LEU A 85 -1.79 -4.45 -10.17
C LEU A 85 -2.90 -5.45 -10.45
N ASP A 86 -2.74 -6.19 -11.54
CA ASP A 86 -3.71 -7.22 -11.90
C ASP A 86 -3.79 -8.27 -10.79
N ILE A 87 -2.74 -8.34 -9.97
CA ILE A 87 -2.69 -9.28 -8.87
C ILE A 87 -3.71 -8.89 -7.80
N VAL A 88 -3.75 -7.61 -7.47
CA VAL A 88 -4.67 -7.11 -6.47
C VAL A 88 -6.13 -7.29 -6.90
N LYS A 89 -6.34 -7.38 -8.21
CA LYS A 89 -7.67 -7.55 -8.77
C LYS A 89 -8.43 -8.71 -8.12
N ASP A 90 -7.70 -9.71 -7.66
CA ASP A 90 -8.32 -10.87 -7.03
C ASP A 90 -7.56 -11.36 -5.80
N ILE A 91 -6.23 -11.27 -5.85
CA ILE A 91 -5.41 -11.70 -4.73
C ILE A 91 -5.52 -10.77 -3.53
N GLU A 92 -5.90 -11.31 -2.39
CA GLU A 92 -6.04 -10.53 -1.17
C GLU A 92 -5.75 -11.40 0.07
N PHE A 93 -6.75 -11.57 0.94
CA PHE A 93 -6.56 -12.38 2.15
C PHE A 93 -6.41 -13.85 1.80
N GLY A 94 -5.61 -14.56 2.60
CA GLY A 94 -5.41 -15.98 2.35
C GLY A 94 -4.50 -16.25 1.18
N LYS A 95 -3.89 -15.19 0.62
CA LYS A 95 -3.00 -15.33 -0.51
C LYS A 95 -1.63 -14.74 -0.20
N THR A 96 -0.58 -15.50 -0.48
CA THR A 96 0.78 -15.05 -0.24
C THR A 96 1.77 -15.76 -1.15
N LEU A 97 1.84 -15.31 -2.39
CA LEU A 97 2.77 -15.89 -3.35
C LEU A 97 4.04 -15.05 -3.40
N THR A 98 5.02 -15.47 -4.19
CA THR A 98 6.26 -14.72 -4.31
C THR A 98 6.28 -13.91 -5.61
N TYR A 99 7.41 -13.23 -5.85
CA TYR A 99 7.55 -12.41 -7.05
C TYR A 99 7.63 -13.28 -8.31
N GLY A 100 8.48 -14.29 -8.28
CA GLY A 100 8.63 -15.17 -9.42
C GLY A 100 7.33 -15.80 -9.86
N ASP A 101 6.52 -16.20 -8.90
CA ASP A 101 5.23 -16.83 -9.19
C ASP A 101 4.34 -15.90 -10.00
N ILE A 102 4.34 -14.62 -9.66
CA ILE A 102 3.52 -13.64 -10.35
C ILE A 102 4.09 -13.34 -11.74
N ALA A 103 5.35 -12.95 -11.78
CA ALA A 103 6.01 -12.60 -13.03
C ALA A 103 5.91 -13.75 -14.04
N LYS A 104 6.20 -14.95 -13.59
CA LYS A 104 6.14 -16.13 -14.45
C LYS A 104 4.75 -16.27 -15.06
N LYS A 105 3.72 -15.99 -14.28
CA LYS A 105 2.35 -16.08 -14.74
C LYS A 105 2.04 -14.99 -15.76
N LEU A 106 2.68 -13.84 -15.60
CA LEU A 106 2.48 -12.71 -16.50
C LEU A 106 3.44 -12.76 -17.69
N ASN A 107 4.42 -13.67 -17.64
CA ASN A 107 5.41 -13.82 -18.71
C ASN A 107 6.57 -12.84 -18.54
N THR A 108 7.00 -12.67 -17.29
CA THR A 108 8.11 -11.77 -16.99
C THR A 108 9.01 -12.38 -15.91
N SER A 109 9.56 -11.54 -15.02
CA SER A 109 10.43 -12.01 -13.96
C SER A 109 10.26 -11.17 -12.70
N PRO A 110 10.71 -11.71 -11.54
CA PRO A 110 10.61 -11.00 -10.26
C PRO A 110 11.66 -9.91 -10.10
N ARG A 111 12.48 -9.71 -11.13
CA ARG A 111 13.52 -8.68 -11.08
C ARG A 111 12.90 -7.29 -11.20
N ALA A 112 12.25 -7.04 -12.34
CA ALA A 112 11.62 -5.76 -12.57
C ALA A 112 10.41 -5.56 -11.64
N VAL A 113 9.69 -6.64 -11.40
CA VAL A 113 8.52 -6.59 -10.53
C VAL A 113 8.91 -6.30 -9.08
N GLY A 114 10.11 -6.73 -8.70
CA GLY A 114 10.58 -6.51 -7.35
C GLY A 114 10.54 -5.04 -6.97
N MET A 115 11.43 -4.26 -7.58
CA MET A 115 11.48 -2.82 -7.33
C MET A 115 10.15 -2.14 -7.66
N ALA A 116 9.33 -2.83 -8.45
CA ALA A 116 8.03 -2.29 -8.85
C ALA A 116 7.16 -1.99 -7.63
N LEU A 117 6.43 -2.99 -7.15
CA LEU A 117 5.55 -2.82 -6.00
C LEU A 117 6.31 -2.27 -4.79
N LYS A 118 7.64 -2.40 -4.80
CA LYS A 118 8.46 -1.90 -3.70
C LYS A 118 8.38 -0.39 -3.57
N ARG A 119 8.11 0.28 -4.69
CA ARG A 119 8.02 1.74 -4.70
C ARG A 119 6.87 2.21 -5.58
N ASN A 120 5.81 1.40 -5.67
CA ASN A 120 4.65 1.75 -6.47
C ASN A 120 4.07 3.10 -6.06
N PRO A 121 3.03 3.57 -6.76
CA PRO A 121 2.38 4.85 -6.48
C PRO A 121 1.34 4.74 -5.36
N LEU A 122 0.82 3.53 -5.16
CA LEU A 122 -0.18 3.29 -4.12
C LEU A 122 0.14 2.04 -3.30
N PRO A 123 1.39 1.91 -2.82
CA PRO A 123 1.81 0.76 -2.00
C PRO A 123 0.76 0.37 -0.97
N LEU A 124 0.17 1.37 -0.33
CA LEU A 124 -0.87 1.13 0.67
C LEU A 124 -2.19 0.77 -0.01
N ILE A 125 -2.17 -0.33 -0.74
CA ILE A 125 -3.36 -0.81 -1.44
C ILE A 125 -3.02 -2.06 -2.24
N ILE A 126 -1.80 -2.09 -2.78
CA ILE A 126 -1.34 -3.24 -3.57
C ILE A 126 -0.87 -4.35 -2.62
N PRO A 127 -1.12 -5.62 -2.99
CA PRO A 127 -0.72 -6.77 -2.16
C PRO A 127 0.77 -7.09 -2.26
N CYS A 128 1.60 -6.05 -2.25
CA CYS A 128 3.04 -6.22 -2.32
C CYS A 128 3.54 -7.11 -1.18
N HIS A 129 2.89 -6.99 -0.03
CA HIS A 129 3.27 -7.77 1.14
C HIS A 129 3.10 -9.27 0.86
N ARG A 130 2.11 -9.61 0.06
CA ARG A 130 1.84 -11.01 -0.29
C ARG A 130 2.75 -11.48 -1.42
N VAL A 131 3.92 -10.86 -1.55
CA VAL A 131 4.88 -11.23 -2.58
C VAL A 131 6.29 -11.22 -2.02
N VAL A 132 6.67 -12.32 -1.37
CA VAL A 132 7.98 -12.44 -0.76
C VAL A 132 8.95 -13.18 -1.67
N ALA A 133 10.19 -13.33 -1.21
CA ALA A 133 11.22 -14.02 -1.98
C ALA A 133 11.14 -15.52 -1.78
N LYS A 134 12.06 -16.26 -2.41
CA LYS A 134 12.08 -17.71 -2.31
C LYS A 134 12.04 -18.16 -0.85
N ASN A 135 12.90 -17.59 -0.02
CA ASN A 135 12.95 -17.94 1.39
C ASN A 135 11.73 -17.40 2.14
N SER A 136 11.85 -16.17 2.64
CA SER A 136 10.76 -15.53 3.38
C SER A 136 11.07 -14.07 3.64
N LEU A 137 10.12 -13.20 3.29
CA LEU A 137 10.28 -11.76 3.49
C LEU A 137 11.46 -11.23 2.67
N GLY A 138 11.22 -10.15 1.95
CA GLY A 138 12.27 -9.56 1.13
C GLY A 138 12.06 -8.07 0.89
N GLY A 139 13.14 -7.37 0.56
CA GLY A 139 13.04 -5.95 0.31
C GLY A 139 13.63 -5.13 1.43
N TYR A 140 14.66 -4.34 1.12
CA TYR A 140 15.31 -3.50 2.12
C TYR A 140 14.89 -2.04 1.95
N SER A 141 13.65 -1.84 1.50
CA SER A 141 13.12 -0.49 1.30
C SER A 141 11.94 -0.22 2.23
N TYR A 142 11.39 0.99 2.15
CA TYR A 142 10.26 1.37 2.98
C TYR A 142 10.64 1.41 4.45
N GLY A 143 10.81 0.24 5.05
CA GLY A 143 11.19 0.17 6.45
C GLY A 143 11.15 -1.26 6.97
N LEU A 144 10.27 -2.07 6.39
CA LEU A 144 10.12 -3.47 6.79
C LEU A 144 9.28 -3.61 8.06
N ASP A 145 8.95 -2.49 8.69
CA ASP A 145 8.15 -2.51 9.91
C ASP A 145 6.75 -3.05 9.62
N LYS A 146 6.07 -2.42 8.66
CA LYS A 146 4.72 -2.83 8.28
C LYS A 146 4.75 -4.20 7.59
N LYS A 147 5.86 -4.52 6.95
CA LYS A 147 5.99 -5.81 6.27
C LYS A 147 5.83 -6.96 7.25
N LYS A 148 6.59 -6.91 8.34
CA LYS A 148 6.52 -7.93 9.37
C LYS A 148 5.22 -7.83 10.15
N PHE A 149 4.90 -6.61 10.57
CA PHE A 149 3.70 -6.32 11.33
C PHE A 149 2.44 -6.86 10.63
N ILE A 150 2.18 -6.33 9.44
CA ILE A 150 1.02 -6.74 8.66
C ILE A 150 1.00 -8.25 8.45
N LEU A 151 2.14 -8.82 8.09
CA LEU A 151 2.25 -10.26 7.84
C LEU A 151 1.71 -11.06 9.02
N GLU A 152 1.71 -10.46 10.21
CA GLU A 152 1.22 -11.12 11.41
C GLU A 152 -0.23 -10.74 11.68
N ARG A 153 -0.52 -9.44 11.60
CA ARG A 153 -1.87 -8.95 11.84
C ARG A 153 -2.88 -9.59 10.89
N GLU A 154 -2.58 -9.53 9.59
CA GLU A 154 -3.47 -10.11 8.59
C GLU A 154 -3.75 -11.58 8.89
N ARG A 155 -2.70 -12.36 9.13
CA ARG A 155 -2.86 -13.78 9.42
C ARG A 155 -3.79 -13.99 10.61
N LEU A 156 -3.80 -13.02 11.53
CA LEU A 156 -4.64 -13.11 12.72
C LEU A 156 -6.08 -12.73 12.38
N ASN A 157 -6.24 -11.75 11.50
CA ASN A 157 -7.57 -11.29 11.11
C ASN A 157 -8.09 -12.10 9.91
N MET A 158 -8.09 -13.42 10.05
CA MET A 158 -8.55 -14.30 8.99
C MET A 158 -10.07 -14.48 9.06
N VAL A 159 -10.73 -14.24 7.95
CA VAL A 159 -12.19 -14.37 7.88
C VAL A 159 -12.58 -15.75 7.35
N SER A 160 -13.56 -16.38 8.00
CA SER A 160 -14.04 -17.69 7.59
C SER A 160 -15.12 -17.57 6.53
N PHE A 161 -15.29 -18.63 5.74
CA PHE A 161 -16.30 -18.64 4.69
C PHE A 161 -17.47 -19.53 5.08
N LYS A 162 -18.53 -18.92 5.60
CA LYS A 162 -19.72 -19.66 6.01
C LYS A 162 -20.61 -19.97 4.80
N PHE A 163 -21.40 -21.02 4.93
CA PHE A 163 -22.31 -21.44 3.85
C PHE A 163 -21.52 -21.80 2.60
N ASN A 164 -21.55 -23.07 2.24
CA ASN A 164 -20.84 -23.55 1.05
C ASN A 164 -19.34 -23.31 1.19
N LYS A 165 -18.57 -23.92 0.29
CA LYS A 165 -17.12 -23.77 0.30
C LYS A 165 -16.60 -23.34 -1.07
N VAL A 166 -17.08 -23.99 -2.11
CA VAL A 166 -16.67 -23.68 -3.47
C VAL A 166 -17.87 -23.69 -4.43
N TYR A 167 -17.68 -23.08 -5.59
CA TYR A 167 -18.75 -23.02 -6.59
C TYR A 167 -19.97 -22.30 -6.03
N MET A 1 -0.69 17.73 -1.68
CA MET A 1 -0.95 17.89 -0.22
C MET A 1 -0.27 16.77 0.58
N ILE A 2 0.81 17.12 1.26
CA ILE A 2 1.54 16.15 2.06
C ILE A 2 0.98 16.09 3.49
N ILE A 3 0.18 15.06 3.79
CA ILE A 3 -0.40 14.91 5.12
C ILE A 3 0.56 14.16 6.05
N GLN A 4 0.41 14.36 7.35
CA GLN A 4 1.27 13.70 8.32
C GLN A 4 0.49 13.30 9.56
N ILE A 5 0.83 12.14 10.13
CA ILE A 5 0.16 11.64 11.31
C ILE A 5 1.11 10.80 12.16
N GLU A 6 1.44 11.32 13.34
CA GLU A 6 2.35 10.63 14.28
C GLU A 6 3.61 10.12 13.58
N GLU A 7 3.60 8.88 13.12
CA GLU A 7 4.75 8.29 12.44
C GLU A 7 4.45 7.96 10.99
N TYR A 8 3.17 7.81 10.67
CA TYR A 8 2.76 7.48 9.31
C TYR A 8 2.32 8.74 8.56
N PHE A 9 3.23 9.30 7.77
CA PHE A 9 2.89 10.48 6.99
C PHE A 9 2.30 10.06 5.65
N ILE A 10 1.19 10.66 5.26
CA ILE A 10 0.54 10.30 4.00
C ILE A 10 0.89 11.29 2.89
N GLY A 11 1.68 10.83 1.92
CA GLY A 11 2.06 11.67 0.81
C GLY A 11 0.97 11.77 -0.23
N MET A 12 -0.05 12.60 0.04
CA MET A 12 -1.16 12.76 -0.89
C MET A 12 -0.85 13.77 -1.99
N ILE A 13 -0.58 13.26 -3.19
CA ILE A 13 -0.29 14.10 -4.33
C ILE A 13 -0.96 13.52 -5.57
N PHE A 14 -1.94 14.24 -6.10
CA PHE A 14 -2.68 13.79 -7.27
C PHE A 14 -2.75 14.89 -8.33
N LYS A 15 -3.25 14.52 -9.51
CA LYS A 15 -3.37 15.46 -10.61
C LYS A 15 -4.77 16.08 -10.64
N GLY A 16 -5.77 15.26 -10.93
CA GLY A 16 -7.13 15.75 -10.98
C GLY A 16 -8.10 14.82 -10.27
N ASN A 17 -8.98 14.18 -11.03
CA ASN A 17 -9.96 13.26 -10.47
C ASN A 17 -9.41 11.83 -10.40
N GLN A 18 -8.09 11.70 -10.40
CA GLN A 18 -7.45 10.39 -10.34
C GLN A 18 -6.12 10.48 -9.58
N LEU A 19 -5.98 9.65 -8.55
CA LEU A 19 -4.77 9.65 -7.75
C LEU A 19 -3.55 9.28 -8.58
N VAL A 20 -2.38 9.42 -7.98
CA VAL A 20 -1.12 9.12 -8.66
C VAL A 20 -0.05 8.73 -7.67
N ARG A 21 -0.18 9.27 -6.46
CA ARG A 21 0.76 8.99 -5.39
C ARG A 21 0.17 9.45 -4.06
N ASN A 22 0.11 8.55 -3.10
CA ASN A 22 -0.44 8.85 -1.79
C ASN A 22 0.11 7.89 -0.73
N THR A 23 1.42 7.99 -0.49
CA THR A 23 2.08 7.11 0.47
C THR A 23 3.36 7.75 1.03
N ILE A 24 4.16 6.93 1.73
CA ILE A 24 5.41 7.37 2.34
C ILE A 24 5.16 7.89 3.75
N PRO A 25 5.10 6.98 4.74
CA PRO A 25 4.85 7.35 6.13
C PRO A 25 6.06 8.03 6.80
N LEU A 26 6.76 7.33 7.70
CA LEU A 26 7.94 7.87 8.35
C LEU A 26 7.63 9.02 9.30
N ARG A 27 8.09 8.84 10.54
CA ARG A 27 7.91 9.82 11.60
C ARG A 27 8.93 10.94 11.50
N ARG A 28 9.05 11.54 10.32
CA ARG A 28 10.02 12.61 10.11
C ARG A 28 9.33 13.92 9.72
N GLU A 29 9.34 14.88 10.63
CA GLU A 29 8.74 16.20 10.38
C GLU A 29 9.44 16.90 9.23
N GLU A 30 10.71 16.54 9.01
CA GLU A 30 11.50 17.14 7.94
C GLU A 30 11.50 16.25 6.70
N ILE A 31 10.33 15.73 6.36
CA ILE A 31 10.18 14.88 5.19
C ILE A 31 9.60 15.66 4.00
N PHE A 32 8.97 16.79 4.31
CA PHE A 32 8.36 17.64 3.28
C PHE A 32 9.39 18.56 2.63
N ASN A 33 10.65 18.38 2.98
CA ASN A 33 11.72 19.21 2.40
C ASN A 33 12.17 18.63 1.07
N PHE A 34 12.01 17.33 0.91
CA PHE A 34 12.41 16.65 -0.33
C PHE A 34 11.34 16.80 -1.41
N MET A 35 10.07 16.84 -0.99
CA MET A 35 8.95 16.98 -1.93
C MET A 35 8.91 18.36 -2.56
N ASP A 36 10.03 18.80 -3.12
CA ASP A 36 10.11 20.11 -3.77
C ASP A 36 9.51 21.20 -2.90
N GLY A 37 9.71 21.06 -1.59
CA GLY A 37 9.18 22.04 -0.66
C GLY A 37 7.75 21.72 -0.25
N GLU A 38 6.79 22.27 -0.98
CA GLU A 38 5.38 22.04 -0.70
C GLU A 38 4.99 22.58 0.68
N VAL A 39 5.41 21.87 1.73
CA VAL A 39 5.11 22.28 3.11
C VAL A 39 3.71 22.84 3.25
N VAL A 40 2.72 21.95 3.29
CA VAL A 40 1.33 22.36 3.43
C VAL A 40 0.72 21.82 4.72
N SER A 41 0.33 22.74 5.61
CA SER A 41 -0.27 22.37 6.88
C SER A 41 -1.72 21.90 6.69
N ASN A 42 -2.36 22.40 5.63
CA ASN A 42 -3.74 22.03 5.35
C ASN A 42 -4.64 22.31 6.54
N PRO A 43 -5.21 23.53 6.63
CA PRO A 43 -6.10 23.91 7.73
C PRO A 43 -7.19 22.88 8.00
N GLU A 44 -7.54 22.14 6.96
CA GLU A 44 -8.56 21.11 7.07
C GLU A 44 -8.18 20.08 8.12
N ASP A 45 -8.92 18.99 8.20
CA ASP A 45 -8.64 17.94 9.17
C ASP A 45 -7.29 17.30 8.87
N GLU A 46 -6.35 17.53 9.78
CA GLU A 46 -5.00 16.95 9.63
C GLU A 46 -5.09 15.46 9.32
N HIS A 47 -6.19 14.85 9.74
CA HIS A 47 -6.41 13.42 9.49
C HIS A 47 -7.30 13.26 8.28
N LEU A 48 -8.54 13.76 8.38
CA LEU A 48 -9.51 13.70 7.30
C LEU A 48 -10.10 12.30 7.15
N LYS A 49 -11.29 12.23 6.57
CA LYS A 49 -11.98 10.96 6.37
C LYS A 49 -11.09 9.96 5.65
N VAL A 50 -10.16 10.46 4.85
CA VAL A 50 -9.25 9.60 4.09
C VAL A 50 -8.25 8.92 5.00
N ALA A 51 -7.62 9.68 5.90
CA ALA A 51 -6.64 9.12 6.83
C ALA A 51 -7.22 7.94 7.58
N GLU A 52 -8.47 8.07 8.02
CA GLU A 52 -9.14 7.01 8.75
C GLU A 52 -9.22 5.74 7.91
N ILE A 53 -9.54 5.90 6.63
CA ILE A 53 -9.65 4.78 5.71
C ILE A 53 -8.31 4.08 5.53
N ILE A 54 -7.29 4.85 5.19
CA ILE A 54 -5.95 4.29 4.98
C ILE A 54 -5.48 3.52 6.21
N LEU A 55 -5.77 4.04 7.39
CA LEU A 55 -5.38 3.39 8.64
C LEU A 55 -5.88 1.94 8.68
N LYS A 56 -7.18 1.76 8.42
CA LYS A 56 -7.78 0.43 8.43
C LYS A 56 -7.07 -0.50 7.45
N LEU A 57 -6.53 0.08 6.38
CA LEU A 57 -5.83 -0.71 5.37
C LEU A 57 -4.63 -1.42 5.97
N TYR A 58 -3.74 -0.65 6.61
CA TYR A 58 -2.54 -1.20 7.22
C TYR A 58 -2.89 -2.16 8.36
N PHE A 59 -4.01 -1.90 9.04
CA PHE A 59 -4.44 -2.74 10.14
C PHE A 59 -5.24 -3.95 9.65
N ALA A 60 -5.81 -3.82 8.45
CA ALA A 60 -6.61 -4.90 7.86
C ALA A 60 -8.04 -4.88 8.40
N GLU A 61 -8.88 -4.03 7.82
CA GLU A 61 -10.26 -3.90 8.25
C GLU A 61 -11.09 -3.14 7.22
N ILE A 62 -10.85 -3.42 5.95
CA ILE A 62 -11.58 -2.76 4.87
C ILE A 62 -12.15 -3.77 3.88
N ASP A 63 -12.00 -5.06 4.19
CA ASP A 63 -12.51 -6.12 3.32
C ASP A 63 -12.02 -5.93 1.88
N ASP A 64 -12.82 -5.25 1.07
CA ASP A 64 -12.48 -5.01 -0.32
C ASP A 64 -13.26 -3.83 -0.89
N LYS A 65 -12.76 -2.62 -0.62
CA LYS A 65 -13.43 -1.41 -1.11
C LYS A 65 -12.54 -0.18 -0.92
N LYS A 66 -11.24 -0.39 -0.75
CA LYS A 66 -10.30 0.72 -0.56
C LYS A 66 -9.89 1.30 -1.91
N VAL A 67 -9.82 0.45 -2.91
CA VAL A 67 -9.43 0.86 -4.25
C VAL A 67 -10.32 2.00 -4.77
N ARG A 68 -11.52 2.10 -4.21
CA ARG A 68 -12.46 3.15 -4.61
C ARG A 68 -12.31 4.39 -3.73
N GLU A 69 -12.26 4.18 -2.42
CA GLU A 69 -12.11 5.28 -1.47
C GLU A 69 -10.74 5.91 -1.57
N LEU A 70 -9.74 5.10 -1.92
CA LEU A 70 -8.37 5.57 -2.05
C LEU A 70 -8.16 6.30 -3.38
N ILE A 71 -9.21 6.45 -4.16
CA ILE A 71 -9.11 7.12 -5.45
C ILE A 71 -8.25 6.29 -6.39
N SER A 72 -8.72 6.12 -7.61
CA SER A 72 -7.99 5.32 -8.58
C SER A 72 -6.72 6.02 -9.07
N TYR A 73 -5.68 5.23 -9.31
CA TYR A 73 -4.40 5.75 -9.79
C TYR A 73 -4.44 5.94 -11.30
N LYS A 74 -3.67 6.91 -11.79
CA LYS A 74 -3.65 7.20 -13.23
C LYS A 74 -2.22 7.46 -13.74
N LEU A 75 -1.84 6.72 -14.76
CA LEU A 75 -0.52 6.88 -15.39
C LEU A 75 0.62 6.80 -14.37
N GLU A 76 0.79 5.63 -13.76
CA GLU A 76 1.86 5.44 -12.79
C GLU A 76 2.36 3.99 -12.81
N VAL A 77 3.56 3.79 -13.35
CA VAL A 77 4.16 2.47 -13.42
C VAL A 77 5.69 2.55 -13.48
N PRO A 78 6.38 1.87 -12.55
CA PRO A 78 7.85 1.88 -12.50
C PRO A 78 8.47 0.93 -13.53
N GLU A 79 8.24 1.23 -14.81
CA GLU A 79 8.77 0.42 -15.91
C GLU A 79 7.87 -0.78 -16.21
N PHE A 80 7.10 -1.22 -15.22
CA PHE A 80 6.20 -2.36 -15.39
C PHE A 80 5.47 -2.68 -14.09
N THR A 81 4.15 -2.80 -14.18
CA THR A 81 3.32 -3.11 -13.01
C THR A 81 1.86 -3.34 -13.40
N LYS A 82 1.61 -3.61 -14.68
CA LYS A 82 0.26 -3.83 -15.17
C LYS A 82 -0.29 -5.16 -14.66
N LYS A 83 0.47 -6.23 -14.84
CA LYS A 83 0.06 -7.56 -14.40
C LYS A 83 -0.19 -7.60 -12.90
N VAL A 84 0.79 -7.14 -12.13
CA VAL A 84 0.67 -7.13 -10.68
C VAL A 84 -0.61 -6.40 -10.25
N LEU A 85 -0.94 -5.33 -10.95
CA LEU A 85 -2.16 -4.59 -10.66
C LEU A 85 -3.34 -5.56 -10.74
N ASP A 86 -3.29 -6.43 -11.74
CA ASP A 86 -4.30 -7.45 -11.93
C ASP A 86 -4.30 -8.44 -10.77
N ILE A 87 -3.22 -8.42 -9.97
CA ILE A 87 -3.10 -9.31 -8.83
C ILE A 87 -4.12 -8.93 -7.78
N VAL A 88 -4.13 -7.66 -7.40
CA VAL A 88 -5.09 -7.18 -6.42
C VAL A 88 -6.49 -7.13 -7.01
N LYS A 89 -6.54 -7.03 -8.34
CA LYS A 89 -7.80 -6.96 -9.07
C LYS A 89 -8.71 -8.16 -8.78
N ASP A 90 -8.13 -9.32 -8.47
CA ASP A 90 -8.95 -10.50 -8.23
C ASP A 90 -8.46 -11.39 -7.09
N ILE A 91 -7.29 -11.10 -6.52
CA ILE A 91 -6.77 -11.90 -5.41
C ILE A 91 -7.36 -11.46 -4.07
N GLU A 92 -7.75 -12.42 -3.25
CA GLU A 92 -8.33 -12.14 -1.94
C GLU A 92 -7.28 -11.55 -1.00
N PHE A 93 -7.73 -11.08 0.17
CA PHE A 93 -6.82 -10.52 1.16
C PHE A 93 -6.09 -11.63 1.90
N GLY A 94 -6.62 -12.84 1.84
CA GLY A 94 -6.00 -13.96 2.51
C GLY A 94 -4.99 -14.69 1.63
N LYS A 95 -4.56 -14.02 0.56
CA LYS A 95 -3.60 -14.61 -0.35
C LYS A 95 -2.19 -14.10 -0.06
N THR A 96 -1.19 -14.93 -0.33
CA THR A 96 0.20 -14.55 -0.09
C THR A 96 1.15 -15.32 -1.00
N LEU A 97 1.23 -14.90 -2.25
CA LEU A 97 2.13 -15.52 -3.22
C LEU A 97 3.47 -14.82 -3.19
N THR A 98 4.41 -15.29 -3.99
CA THR A 98 5.73 -14.68 -4.03
C THR A 98 5.94 -13.91 -5.34
N TYR A 99 7.13 -13.35 -5.51
CA TYR A 99 7.47 -12.60 -6.71
C TYR A 99 7.37 -13.48 -7.95
N GLY A 100 7.95 -14.67 -7.87
CA GLY A 100 7.93 -15.59 -8.99
C GLY A 100 6.54 -15.80 -9.55
N ASP A 101 5.52 -15.60 -8.70
CA ASP A 101 4.14 -15.79 -9.12
C ASP A 101 3.77 -14.83 -10.27
N ILE A 102 3.77 -13.54 -9.97
CA ILE A 102 3.44 -12.53 -10.97
C ILE A 102 4.51 -12.47 -12.04
N ALA A 103 5.77 -12.45 -11.60
CA ALA A 103 6.90 -12.38 -12.53
C ALA A 103 6.81 -13.50 -13.56
N LYS A 104 6.54 -14.71 -13.10
CA LYS A 104 6.42 -15.86 -13.99
C LYS A 104 5.35 -15.60 -15.05
N LYS A 105 4.33 -14.84 -14.68
CA LYS A 105 3.25 -14.51 -15.60
C LYS A 105 3.77 -13.60 -16.72
N LEU A 106 4.76 -12.79 -16.38
CA LEU A 106 5.37 -11.88 -17.35
C LEU A 106 6.48 -12.57 -18.12
N ASN A 107 7.34 -13.28 -17.38
CA ASN A 107 8.46 -14.01 -17.96
C ASN A 107 9.67 -13.10 -18.17
N THR A 108 9.79 -12.10 -17.31
CA THR A 108 10.91 -11.15 -17.40
C THR A 108 11.91 -11.39 -16.27
N SER A 109 11.71 -10.72 -15.14
CA SER A 109 12.60 -10.88 -13.99
C SER A 109 11.87 -10.58 -12.68
N PRO A 110 11.72 -11.58 -11.80
CA PRO A 110 11.03 -11.40 -10.51
C PRO A 110 11.68 -10.31 -9.65
N ARG A 111 12.93 -9.98 -9.96
CA ARG A 111 13.65 -8.96 -9.21
C ARG A 111 13.13 -7.57 -9.57
N ALA A 112 12.85 -7.35 -10.85
CA ALA A 112 12.37 -6.07 -11.33
C ALA A 112 10.96 -5.79 -10.80
N VAL A 113 10.14 -6.84 -10.74
CA VAL A 113 8.77 -6.70 -10.25
C VAL A 113 8.74 -6.31 -8.77
N GLY A 114 9.75 -6.76 -8.02
CA GLY A 114 9.80 -6.44 -6.60
C GLY A 114 9.73 -4.94 -6.36
N MET A 115 10.77 -4.23 -6.76
CA MET A 115 10.81 -2.78 -6.60
C MET A 115 9.63 -2.11 -7.31
N ALA A 116 9.00 -2.84 -8.22
CA ALA A 116 7.87 -2.31 -8.98
C ALA A 116 6.73 -1.90 -8.06
N LEU A 117 6.06 -2.89 -7.47
CA LEU A 117 4.94 -2.61 -6.56
C LEU A 117 5.38 -1.67 -5.44
N LYS A 118 6.66 -1.76 -5.07
CA LYS A 118 7.21 -0.93 -4.01
C LYS A 118 7.23 0.55 -4.41
N ARG A 119 7.50 0.80 -5.69
CA ARG A 119 7.56 2.17 -6.20
C ARG A 119 6.24 2.60 -6.83
N ASN A 120 5.30 1.67 -6.93
CA ASN A 120 3.99 1.97 -7.53
C ASN A 120 3.39 3.24 -6.93
N PRO A 121 2.28 3.73 -7.52
CA PRO A 121 1.62 4.96 -7.04
C PRO A 121 1.15 4.81 -5.60
N LEU A 122 0.65 3.63 -5.26
CA LEU A 122 0.16 3.36 -3.91
C LEU A 122 0.45 1.93 -3.49
N PRO A 123 1.72 1.60 -3.20
CA PRO A 123 2.12 0.26 -2.79
C PRO A 123 1.30 -0.26 -1.61
N LEU A 124 0.74 0.67 -0.83
CA LEU A 124 -0.07 0.32 0.31
C LEU A 124 -1.27 -0.53 -0.11
N ILE A 125 -2.19 0.07 -0.85
CA ILE A 125 -3.38 -0.62 -1.33
C ILE A 125 -3.00 -1.86 -2.14
N ILE A 126 -1.78 -1.87 -2.68
CA ILE A 126 -1.31 -2.99 -3.47
C ILE A 126 -0.83 -4.13 -2.57
N PRO A 127 -1.01 -5.38 -3.00
CA PRO A 127 -0.61 -6.56 -2.23
C PRO A 127 0.87 -6.89 -2.37
N CYS A 128 1.70 -5.85 -2.45
CA CYS A 128 3.14 -6.05 -2.58
C CYS A 128 3.66 -6.89 -1.42
N HIS A 129 3.16 -6.60 -0.23
CA HIS A 129 3.55 -7.32 0.98
C HIS A 129 3.14 -8.79 0.87
N ARG A 130 2.14 -9.06 0.03
CA ARG A 130 1.67 -10.42 -0.19
C ARG A 130 2.53 -11.14 -1.23
N VAL A 131 3.64 -10.51 -1.61
CA VAL A 131 4.55 -11.08 -2.59
C VAL A 131 5.96 -11.16 -2.00
N VAL A 132 6.17 -12.18 -1.17
CA VAL A 132 7.45 -12.37 -0.51
C VAL A 132 8.36 -13.32 -1.30
N ALA A 133 9.59 -13.48 -0.84
CA ALA A 133 10.55 -14.36 -1.50
C ALA A 133 10.37 -15.80 -1.05
N LYS A 134 11.14 -16.70 -1.66
CA LYS A 134 11.07 -18.13 -1.32
C LYS A 134 11.14 -18.33 0.20
N ASN A 135 12.08 -17.64 0.83
CA ASN A 135 12.26 -17.75 2.28
C ASN A 135 11.21 -16.93 3.02
N SER A 136 11.33 -15.62 2.89
CA SER A 136 10.40 -14.69 3.53
C SER A 136 10.63 -13.27 3.04
N LEU A 137 9.70 -12.37 3.38
CA LEU A 137 9.80 -10.97 2.98
C LEU A 137 11.08 -10.34 3.50
N GLY A 138 11.72 -9.54 2.65
CA GLY A 138 12.96 -8.88 3.04
C GLY A 138 12.74 -7.45 3.48
N GLY A 139 12.93 -6.51 2.55
CA GLY A 139 12.75 -5.11 2.86
C GLY A 139 13.87 -4.25 2.34
N TYR A 140 13.53 -3.16 1.66
CA TYR A 140 14.52 -2.25 1.09
C TYR A 140 13.90 -0.89 0.80
N SER A 141 13.09 -0.83 -0.25
CA SER A 141 12.44 0.41 -0.64
C SER A 141 11.38 0.83 0.38
N TYR A 142 10.35 -0.01 0.52
CA TYR A 142 9.27 0.26 1.46
C TYR A 142 8.70 -1.04 2.02
N GLY A 143 9.11 -1.39 3.23
CA GLY A 143 8.63 -2.61 3.85
C GLY A 143 9.24 -2.85 5.22
N LEU A 144 10.43 -3.45 5.23
CA LEU A 144 11.13 -3.73 6.49
C LEU A 144 10.24 -4.47 7.48
N ASP A 145 10.58 -4.39 8.76
CA ASP A 145 9.81 -5.05 9.81
C ASP A 145 8.37 -4.55 9.84
N LYS A 146 8.13 -3.39 9.25
CA LYS A 146 6.80 -2.82 9.20
C LYS A 146 5.88 -3.69 8.35
N LYS A 147 6.34 -3.99 7.13
CA LYS A 147 5.56 -4.84 6.22
C LYS A 147 5.28 -6.18 6.86
N LYS A 148 6.24 -6.69 7.62
CA LYS A 148 6.08 -7.97 8.29
C LYS A 148 4.92 -7.92 9.28
N PHE A 149 4.89 -6.87 10.09
CA PHE A 149 3.83 -6.68 11.07
C PHE A 149 2.46 -6.71 10.41
N ILE A 150 2.41 -6.27 9.16
CA ILE A 150 1.15 -6.24 8.41
C ILE A 150 0.73 -7.65 7.98
N LEU A 151 1.71 -8.44 7.58
CA LEU A 151 1.44 -9.82 7.14
C LEU A 151 1.03 -10.69 8.34
N GLU A 152 1.25 -10.17 9.55
CA GLU A 152 0.91 -10.91 10.75
C GLU A 152 -0.48 -10.55 11.25
N ARG A 153 -0.78 -9.25 11.27
CA ARG A 153 -2.08 -8.75 11.73
C ARG A 153 -3.21 -9.37 10.92
N GLU A 154 -2.95 -9.65 9.65
CA GLU A 154 -3.95 -10.25 8.77
C GLU A 154 -4.33 -11.64 9.25
N ARG A 155 -3.33 -12.44 9.60
CA ARG A 155 -3.55 -13.80 10.07
C ARG A 155 -4.50 -13.82 11.27
N LEU A 156 -4.37 -12.82 12.14
CA LEU A 156 -5.20 -12.72 13.32
C LEU A 156 -6.36 -11.75 13.08
N ASN A 157 -6.85 -11.70 11.86
CA ASN A 157 -7.95 -10.81 11.50
C ASN A 157 -9.10 -11.60 10.88
N MET A 158 -9.96 -12.16 11.74
CA MET A 158 -11.10 -12.94 11.27
C MET A 158 -12.35 -12.60 12.06
N VAL A 159 -12.21 -12.54 13.39
CA VAL A 159 -13.33 -12.23 14.27
C VAL A 159 -14.34 -13.37 14.29
N SER A 160 -15.00 -13.59 13.16
CA SER A 160 -15.99 -14.65 13.04
C SER A 160 -15.71 -15.55 11.84
N PHE A 161 -14.85 -16.54 12.04
CA PHE A 161 -14.49 -17.47 10.97
C PHE A 161 -13.76 -18.68 11.52
N LYS A 162 -12.66 -18.44 12.22
CA LYS A 162 -11.86 -19.51 12.82
C LYS A 162 -11.31 -20.44 11.73
N PHE A 163 -12.15 -21.35 11.25
CA PHE A 163 -11.73 -22.29 10.22
C PHE A 163 -10.55 -23.14 10.69
N ASN A 164 -10.84 -24.14 11.52
CA ASN A 164 -9.81 -25.02 12.04
C ASN A 164 -9.81 -26.36 11.31
N LYS A 165 -8.61 -26.87 11.04
CA LYS A 165 -8.48 -28.15 10.33
C LYS A 165 -7.14 -28.81 10.68
N VAL A 166 -6.83 -29.89 9.96
CA VAL A 166 -5.58 -30.62 10.19
C VAL A 166 -4.75 -30.70 8.92
N TYR A 167 -3.76 -29.83 8.80
CA TYR A 167 -2.89 -29.81 7.63
C TYR A 167 -1.42 -29.90 8.04
N MET A 1 -0.11 17.03 -0.93
CA MET A 1 -0.30 17.47 0.48
C MET A 1 0.50 16.60 1.43
N ILE A 2 1.51 17.20 2.07
CA ILE A 2 2.36 16.48 3.02
C ILE A 2 1.78 16.57 4.43
N ILE A 3 1.52 15.42 5.08
CA ILE A 3 0.98 15.41 6.43
C ILE A 3 1.44 14.18 7.20
N GLN A 4 1.77 14.38 8.47
CA GLN A 4 2.24 13.29 9.33
C GLN A 4 1.10 12.71 10.17
N ILE A 5 1.32 11.49 10.66
CA ILE A 5 0.33 10.82 11.49
C ILE A 5 1.00 9.84 12.45
N GLU A 6 1.37 10.34 13.62
CA GLU A 6 2.03 9.52 14.64
C GLU A 6 3.47 9.19 14.24
N GLU A 7 3.64 8.15 13.43
CA GLU A 7 4.96 7.75 12.97
C GLU A 7 5.01 7.56 11.46
N TYR A 8 3.86 7.29 10.85
CA TYR A 8 3.79 7.09 9.42
C TYR A 8 3.41 8.37 8.69
N PHE A 9 4.27 8.83 7.79
CA PHE A 9 3.99 10.03 7.02
C PHE A 9 3.13 9.66 5.82
N ILE A 10 2.49 10.64 5.20
CA ILE A 10 1.65 10.36 4.04
C ILE A 10 1.82 11.42 2.96
N GLY A 11 2.30 10.98 1.80
CA GLY A 11 2.52 11.89 0.69
C GLY A 11 1.40 11.81 -0.31
N MET A 12 0.28 12.48 -0.01
CA MET A 12 -0.89 12.48 -0.90
C MET A 12 -0.72 13.48 -2.04
N ILE A 13 -0.49 12.95 -3.23
CA ILE A 13 -0.32 13.77 -4.43
C ILE A 13 -1.03 13.14 -5.62
N PHE A 14 -1.67 13.97 -6.43
CA PHE A 14 -2.38 13.49 -7.62
C PHE A 14 -2.21 14.46 -8.79
N LYS A 15 -2.63 14.04 -9.97
CA LYS A 15 -2.54 14.86 -11.16
C LYS A 15 -3.90 15.50 -11.48
N GLY A 16 -4.69 15.70 -10.43
CA GLY A 16 -6.01 16.29 -10.61
C GLY A 16 -7.08 15.51 -9.88
N ASN A 17 -8.07 15.03 -10.62
CA ASN A 17 -9.17 14.25 -10.02
C ASN A 17 -8.86 12.76 -10.05
N GLN A 18 -7.58 12.41 -10.05
CA GLN A 18 -7.17 11.01 -10.07
C GLN A 18 -5.86 10.80 -9.31
N LEU A 19 -5.88 9.87 -8.37
CA LEU A 19 -4.69 9.57 -7.57
C LEU A 19 -3.54 9.08 -8.43
N VAL A 20 -2.34 9.11 -7.86
CA VAL A 20 -1.15 8.67 -8.55
C VAL A 20 -0.09 8.21 -7.55
N ARG A 21 -0.10 8.84 -6.40
CA ARG A 21 0.82 8.53 -5.31
C ARG A 21 0.32 9.18 -4.03
N ASN A 22 0.11 8.38 -2.99
CA ASN A 22 -0.39 8.91 -1.73
C ASN A 22 0.03 8.05 -0.55
N THR A 23 1.32 8.00 -0.29
CA THR A 23 1.87 7.22 0.82
C THR A 23 3.29 7.66 1.15
N ILE A 24 3.78 7.22 2.32
CA ILE A 24 5.14 7.53 2.79
C ILE A 24 5.22 7.52 4.32
N PRO A 25 5.04 6.33 4.95
CA PRO A 25 5.12 6.21 6.41
C PRO A 25 6.46 6.73 6.94
N LEU A 26 6.83 6.34 8.16
CA LEU A 26 8.10 6.76 8.76
C LEU A 26 8.40 8.24 8.47
N ARG A 27 9.65 8.65 8.69
CA ARG A 27 10.09 10.03 8.46
C ARG A 27 9.58 10.95 9.57
N ARG A 28 10.01 12.21 9.51
CA ARG A 28 9.62 13.19 10.51
C ARG A 28 9.16 14.50 9.87
N GLU A 29 9.08 15.55 10.67
CA GLU A 29 8.64 16.86 10.20
C GLU A 29 9.52 17.39 9.07
N GLU A 30 10.77 16.93 9.03
CA GLU A 30 11.69 17.38 7.99
C GLU A 30 11.71 16.42 6.81
N ILE A 31 10.53 16.04 6.34
CA ILE A 31 10.39 15.14 5.21
C ILE A 31 10.09 15.91 3.93
N PHE A 32 9.49 17.09 4.09
CA PHE A 32 9.13 17.93 2.94
C PHE A 32 10.35 18.28 2.09
N ASN A 33 11.54 18.12 2.66
CA ASN A 33 12.77 18.43 1.93
C ASN A 33 13.17 17.28 1.00
N PHE A 34 12.61 16.10 1.24
CA PHE A 34 12.91 14.93 0.42
C PHE A 34 12.09 14.94 -0.87
N MET A 35 10.81 15.24 -0.74
CA MET A 35 9.91 15.27 -1.90
C MET A 35 10.20 16.46 -2.82
N ASP A 36 11.47 16.74 -3.05
CA ASP A 36 11.88 17.85 -3.91
C ASP A 36 11.14 19.13 -3.55
N GLY A 37 10.89 19.31 -2.25
CA GLY A 37 10.18 20.48 -1.78
C GLY A 37 8.72 20.20 -1.46
N GLU A 38 7.82 20.71 -2.30
CA GLU A 38 6.39 20.50 -2.10
C GLU A 38 5.98 20.91 -0.68
N VAL A 39 6.71 21.86 -0.11
CA VAL A 39 6.41 22.34 1.24
C VAL A 39 5.13 23.15 1.24
N VAL A 40 4.03 22.51 1.64
CA VAL A 40 2.74 23.19 1.68
C VAL A 40 2.58 23.99 2.96
N SER A 41 2.22 25.26 2.80
CA SER A 41 2.03 26.14 3.96
C SER A 41 0.70 25.85 4.65
N ASN A 42 -0.20 25.17 3.95
CA ASN A 42 -1.50 24.83 4.50
C ASN A 42 -1.39 23.65 5.46
N PRO A 43 -1.85 23.81 6.72
CA PRO A 43 -1.79 22.75 7.72
C PRO A 43 -2.63 21.55 7.34
N GLU A 44 -3.89 21.83 6.98
CA GLU A 44 -4.84 20.79 6.57
C GLU A 44 -5.52 20.20 7.79
N ASP A 45 -6.13 19.03 7.62
CA ASP A 45 -6.81 18.34 8.71
C ASP A 45 -5.82 17.48 9.49
N GLU A 46 -4.84 16.93 8.76
CA GLU A 46 -3.79 16.07 9.33
C GLU A 46 -4.12 14.60 9.08
N HIS A 47 -5.35 14.22 9.36
CA HIS A 47 -5.82 12.86 9.15
C HIS A 47 -6.91 12.79 8.10
N LEU A 48 -7.84 13.73 8.18
CA LEU A 48 -8.96 13.81 7.24
C LEU A 48 -9.55 12.44 6.90
N LYS A 49 -10.62 12.45 6.12
CA LYS A 49 -11.31 11.23 5.70
C LYS A 49 -10.37 10.24 5.02
N VAL A 50 -9.30 10.76 4.41
CA VAL A 50 -8.36 9.92 3.69
C VAL A 50 -7.52 9.04 4.64
N ALA A 51 -6.87 9.64 5.62
CA ALA A 51 -6.06 8.88 6.56
C ALA A 51 -6.87 7.78 7.23
N GLU A 52 -8.12 8.10 7.55
CA GLU A 52 -9.01 7.13 8.19
C GLU A 52 -9.15 5.88 7.32
N ILE A 53 -9.26 6.08 6.02
CA ILE A 53 -9.40 4.99 5.06
C ILE A 53 -8.11 4.18 4.99
N ILE A 54 -6.98 4.88 4.82
CA ILE A 54 -5.68 4.23 4.72
C ILE A 54 -5.44 3.32 5.93
N LEU A 55 -5.63 3.87 7.13
CA LEU A 55 -5.43 3.11 8.35
C LEU A 55 -6.29 1.85 8.36
N LYS A 56 -7.45 1.93 7.71
CA LYS A 56 -8.38 0.81 7.64
C LYS A 56 -7.72 -0.42 7.02
N LEU A 57 -7.31 -0.30 5.76
CA LEU A 57 -6.65 -1.40 5.06
C LEU A 57 -5.34 -1.77 5.75
N TYR A 58 -4.70 -0.77 6.34
CA TYR A 58 -3.42 -0.98 7.03
C TYR A 58 -3.60 -1.92 8.22
N PHE A 59 -4.66 -1.69 8.99
CA PHE A 59 -4.96 -2.51 10.16
C PHE A 59 -5.80 -3.72 9.79
N ALA A 60 -5.69 -4.17 8.54
CA ALA A 60 -6.44 -5.33 8.05
C ALA A 60 -7.88 -5.33 8.57
N GLU A 61 -8.71 -4.48 7.97
CA GLU A 61 -10.11 -4.38 8.36
C GLU A 61 -10.93 -3.68 7.29
N ILE A 62 -11.03 -4.29 6.12
CA ILE A 62 -11.78 -3.73 5.01
C ILE A 62 -11.81 -4.68 3.81
N ASP A 63 -12.91 -4.65 3.06
CA ASP A 63 -13.06 -5.52 1.90
C ASP A 63 -13.23 -4.72 0.61
N ASP A 64 -14.47 -4.29 0.37
CA ASP A 64 -14.78 -3.52 -0.83
C ASP A 64 -15.50 -2.22 -0.48
N LYS A 65 -14.73 -1.17 -0.22
CA LYS A 65 -15.30 0.13 0.13
C LYS A 65 -14.20 1.20 0.26
N LYS A 66 -12.98 0.76 0.54
CA LYS A 66 -11.86 1.68 0.69
C LYS A 66 -11.34 2.17 -0.65
N VAL A 67 -11.45 1.33 -1.66
CA VAL A 67 -10.99 1.66 -3.00
C VAL A 67 -11.67 2.92 -3.54
N ARG A 68 -12.99 3.00 -3.38
CA ARG A 68 -13.75 4.15 -3.85
C ARG A 68 -13.14 5.46 -3.38
N GLU A 69 -13.31 5.76 -2.10
CA GLU A 69 -12.79 6.99 -1.51
C GLU A 69 -11.28 7.14 -1.75
N LEU A 70 -10.62 6.06 -2.11
CA LEU A 70 -9.17 6.10 -2.35
C LEU A 70 -8.85 6.80 -3.67
N ILE A 71 -9.86 7.04 -4.49
CA ILE A 71 -9.68 7.68 -5.77
C ILE A 71 -8.90 6.76 -6.69
N SER A 72 -9.24 6.79 -7.97
CA SER A 72 -8.58 5.94 -8.93
C SER A 72 -7.15 6.41 -9.17
N TYR A 73 -6.23 5.44 -9.32
CA TYR A 73 -4.83 5.77 -9.55
C TYR A 73 -4.54 5.96 -11.04
N LYS A 74 -3.63 6.89 -11.32
CA LYS A 74 -3.23 7.19 -12.69
C LYS A 74 -2.05 6.33 -13.11
N LEU A 75 -1.90 6.12 -14.40
CA LEU A 75 -0.80 5.31 -14.91
C LEU A 75 0.49 6.12 -14.98
N GLU A 76 1.41 5.82 -14.06
CA GLU A 76 2.69 6.50 -13.99
C GLU A 76 3.79 5.48 -13.86
N VAL A 77 3.96 4.68 -14.92
CA VAL A 77 4.96 3.63 -14.91
C VAL A 77 5.44 3.31 -16.33
N PRO A 78 6.71 2.89 -16.48
CA PRO A 78 7.28 2.55 -17.78
C PRO A 78 6.92 1.12 -18.20
N GLU A 79 5.63 0.79 -18.11
CA GLU A 79 5.16 -0.54 -18.47
C GLU A 79 5.78 -1.59 -17.57
N PHE A 80 5.07 -1.98 -16.52
CA PHE A 80 5.55 -2.98 -15.58
C PHE A 80 4.58 -3.18 -14.42
N THR A 81 4.18 -2.08 -13.79
CA THR A 81 3.25 -2.14 -12.67
C THR A 81 1.88 -2.67 -13.11
N LYS A 82 1.64 -2.68 -14.41
CA LYS A 82 0.38 -3.16 -14.94
C LYS A 82 0.17 -4.63 -14.61
N LYS A 83 1.24 -5.42 -14.70
CA LYS A 83 1.19 -6.84 -14.41
C LYS A 83 0.77 -7.06 -12.96
N VAL A 84 1.54 -6.49 -12.04
CA VAL A 84 1.26 -6.60 -10.63
C VAL A 84 -0.14 -6.07 -10.34
N LEU A 85 -0.54 -5.05 -11.08
CA LEU A 85 -1.87 -4.49 -10.92
C LEU A 85 -2.89 -5.60 -11.15
N ASP A 86 -2.61 -6.42 -12.16
CA ASP A 86 -3.45 -7.56 -12.49
C ASP A 86 -3.50 -8.54 -11.33
N ILE A 87 -2.53 -8.45 -10.43
CA ILE A 87 -2.48 -9.31 -9.26
C ILE A 87 -3.64 -9.01 -8.34
N VAL A 88 -3.71 -7.77 -7.87
CA VAL A 88 -4.79 -7.34 -6.98
C VAL A 88 -6.16 -7.55 -7.63
N LYS A 89 -6.17 -7.62 -8.96
CA LYS A 89 -7.40 -7.80 -9.72
C LYS A 89 -8.20 -9.02 -9.24
N ASP A 90 -7.49 -10.04 -8.76
CA ASP A 90 -8.15 -11.26 -8.30
C ASP A 90 -7.56 -11.79 -6.99
N ILE A 91 -6.26 -11.59 -6.81
CA ILE A 91 -5.58 -12.06 -5.60
C ILE A 91 -5.99 -11.25 -4.38
N GLU A 92 -6.47 -11.94 -3.35
CA GLU A 92 -6.91 -11.30 -2.13
C GLU A 92 -5.87 -11.45 -1.02
N PHE A 93 -6.30 -11.17 0.22
CA PHE A 93 -5.40 -11.28 1.38
C PHE A 93 -5.19 -12.74 1.77
N GLY A 94 -6.07 -13.62 1.31
CA GLY A 94 -5.94 -15.03 1.62
C GLY A 94 -4.84 -15.73 0.83
N LYS A 95 -4.23 -15.00 -0.10
CA LYS A 95 -3.16 -15.56 -0.91
C LYS A 95 -1.80 -15.02 -0.48
N THR A 96 -0.74 -15.78 -0.75
CA THR A 96 0.61 -15.36 -0.38
C THR A 96 1.64 -16.02 -1.30
N LEU A 97 1.78 -15.47 -2.50
CA LEU A 97 2.74 -15.99 -3.47
C LEU A 97 4.06 -15.25 -3.36
N THR A 98 5.04 -15.66 -4.15
CA THR A 98 6.35 -15.01 -4.14
C THR A 98 6.52 -14.16 -5.39
N TYR A 99 7.70 -13.55 -5.53
CA TYR A 99 8.00 -12.71 -6.68
C TYR A 99 8.10 -13.53 -7.97
N GLY A 100 8.80 -14.66 -7.88
CA GLY A 100 8.97 -15.51 -9.06
C GLY A 100 7.67 -16.11 -9.56
N ASP A 101 6.73 -16.33 -8.65
CA ASP A 101 5.44 -16.90 -9.01
C ASP A 101 4.68 -16.03 -10.01
N ILE A 102 4.42 -14.79 -9.62
CA ILE A 102 3.69 -13.85 -10.48
C ILE A 102 4.54 -13.38 -11.65
N ALA A 103 5.75 -12.94 -11.36
CA ALA A 103 6.65 -12.45 -12.39
C ALA A 103 6.82 -13.48 -13.50
N LYS A 104 7.13 -14.71 -13.11
CA LYS A 104 7.32 -15.80 -14.07
C LYS A 104 6.03 -16.01 -14.88
N LYS A 105 4.90 -15.91 -14.20
CA LYS A 105 3.60 -16.09 -14.84
C LYS A 105 3.30 -14.97 -15.82
N LEU A 106 3.87 -13.80 -15.56
CA LEU A 106 3.67 -12.64 -16.42
C LEU A 106 4.68 -12.61 -17.56
N ASN A 107 5.69 -13.48 -17.49
CA ASN A 107 6.73 -13.57 -18.52
C ASN A 107 7.82 -12.54 -18.28
N THR A 108 8.15 -12.32 -17.02
CA THR A 108 9.19 -11.35 -16.65
C THR A 108 10.03 -11.86 -15.48
N SER A 109 10.88 -10.99 -14.94
CA SER A 109 11.73 -11.36 -13.81
C SER A 109 11.09 -10.92 -12.49
N PRO A 110 11.30 -11.69 -11.40
CA PRO A 110 10.76 -11.37 -10.09
C PRO A 110 11.45 -10.18 -9.45
N ARG A 111 12.65 -9.86 -9.93
CA ARG A 111 13.42 -8.75 -9.40
C ARG A 111 12.83 -7.43 -9.88
N ALA A 112 12.42 -7.39 -11.14
CA ALA A 112 11.82 -6.18 -11.71
C ALA A 112 10.47 -5.90 -11.06
N VAL A 113 9.68 -6.96 -10.87
CA VAL A 113 8.37 -6.82 -10.26
C VAL A 113 8.49 -6.39 -8.80
N GLY A 114 9.64 -6.67 -8.19
CA GLY A 114 9.86 -6.28 -6.81
C GLY A 114 9.72 -4.79 -6.61
N MET A 115 10.62 -4.03 -7.23
CA MET A 115 10.60 -2.57 -7.14
C MET A 115 9.27 -2.02 -7.65
N ALA A 116 8.58 -2.81 -8.47
CA ALA A 116 7.30 -2.38 -9.03
C ALA A 116 6.28 -2.09 -7.93
N LEU A 117 5.64 -3.15 -7.42
CA LEU A 117 4.64 -2.99 -6.36
C LEU A 117 5.20 -2.17 -5.19
N LYS A 118 6.52 -2.19 -5.04
CA LYS A 118 7.17 -1.45 -3.96
C LYS A 118 7.05 0.05 -4.18
N ARG A 119 7.28 0.50 -5.40
CA ARG A 119 7.20 1.92 -5.73
C ARG A 119 5.88 2.25 -6.45
N ASN A 120 4.93 1.34 -6.38
CA ASN A 120 3.63 1.54 -7.01
C ASN A 120 2.98 2.84 -6.54
N PRO A 121 1.90 3.28 -7.23
CA PRO A 121 1.19 4.51 -6.85
C PRO A 121 0.62 4.41 -5.43
N LEU A 122 0.21 3.20 -5.06
CA LEU A 122 -0.34 2.93 -3.74
C LEU A 122 0.07 1.54 -3.25
N PRO A 123 1.30 1.39 -2.75
CA PRO A 123 1.81 0.11 -2.25
C PRO A 123 0.99 -0.45 -1.10
N LEU A 124 0.11 0.36 -0.53
CA LEU A 124 -0.71 -0.06 0.59
C LEU A 124 -1.82 -1.02 0.14
N ILE A 125 -2.84 -0.48 -0.55
CA ILE A 125 -3.95 -1.31 -1.02
C ILE A 125 -3.48 -2.45 -1.93
N ILE A 126 -2.24 -2.35 -2.43
CA ILE A 126 -1.70 -3.39 -3.30
C ILE A 126 -1.25 -4.60 -2.47
N PRO A 127 -1.52 -5.83 -2.96
CA PRO A 127 -1.15 -7.05 -2.26
C PRO A 127 0.33 -7.40 -2.38
N CYS A 128 1.18 -6.38 -2.37
CA CYS A 128 2.62 -6.58 -2.47
C CYS A 128 3.10 -7.52 -1.36
N HIS A 129 2.42 -7.46 -0.22
CA HIS A 129 2.77 -8.31 0.92
C HIS A 129 2.64 -9.78 0.55
N ARG A 130 1.74 -10.07 -0.38
CA ARG A 130 1.53 -11.45 -0.84
C ARG A 130 2.57 -11.85 -1.87
N VAL A 131 3.73 -11.19 -1.84
CA VAL A 131 4.81 -11.49 -2.79
C VAL A 131 6.16 -11.45 -2.07
N VAL A 132 6.48 -12.53 -1.37
CA VAL A 132 7.73 -12.63 -0.65
C VAL A 132 8.79 -13.36 -1.46
N ALA A 133 10.05 -13.05 -1.20
CA ALA A 133 11.16 -13.68 -1.90
C ALA A 133 11.53 -15.01 -1.26
N LYS A 134 11.92 -15.97 -2.09
CA LYS A 134 12.31 -17.30 -1.61
C LYS A 134 13.33 -17.20 -0.49
N ASN A 135 14.19 -16.18 -0.57
CA ASN A 135 15.24 -15.97 0.43
C ASN A 135 14.68 -15.23 1.65
N SER A 136 13.38 -14.96 1.65
CA SER A 136 12.71 -14.27 2.76
C SER A 136 12.68 -12.76 2.50
N LEU A 137 11.98 -12.03 3.36
CA LEU A 137 11.86 -10.57 3.23
C LEU A 137 13.23 -9.94 2.98
N GLY A 138 13.22 -8.73 2.44
CA GLY A 138 14.46 -8.03 2.15
C GLY A 138 15.03 -7.36 3.40
N GLY A 139 14.82 -6.06 3.51
CA GLY A 139 15.33 -5.33 4.66
C GLY A 139 14.80 -3.91 4.73
N TYR A 140 14.71 -3.26 3.57
CA TYR A 140 14.21 -1.89 3.51
C TYR A 140 13.15 -1.75 2.42
N SER A 141 12.08 -2.54 2.53
CA SER A 141 10.99 -2.50 1.56
C SER A 141 10.00 -1.39 1.89
N TYR A 142 10.44 -0.15 1.68
CA TYR A 142 9.60 1.01 1.95
C TYR A 142 9.20 1.08 3.43
N GLY A 143 9.93 0.37 4.29
CA GLY A 143 9.61 0.37 5.70
C GLY A 143 10.11 -0.88 6.40
N LEU A 144 9.23 -1.51 7.16
CA LEU A 144 9.57 -2.72 7.88
C LEU A 144 8.49 -3.07 8.91
N ASP A 145 8.14 -2.08 9.72
CA ASP A 145 7.11 -2.27 10.75
C ASP A 145 5.75 -2.53 10.10
N LYS A 146 5.53 -1.95 8.93
CA LYS A 146 4.27 -2.12 8.22
C LYS A 146 4.14 -3.52 7.66
N LYS A 147 5.19 -3.99 6.99
CA LYS A 147 5.19 -5.33 6.39
C LYS A 147 4.98 -6.40 7.45
N LYS A 148 5.68 -6.28 8.56
CA LYS A 148 5.57 -7.24 9.65
C LYS A 148 4.18 -7.18 10.30
N PHE A 149 3.80 -5.99 10.75
CA PHE A 149 2.50 -5.80 11.40
C PHE A 149 1.36 -6.26 10.50
N ILE A 150 1.23 -5.64 9.33
CA ILE A 150 0.17 -5.98 8.38
C ILE A 150 0.06 -7.49 8.18
N LEU A 151 1.16 -8.12 7.78
CA LEU A 151 1.19 -9.55 7.55
C LEU A 151 0.79 -10.32 8.81
N GLU A 152 1.06 -9.73 9.96
CA GLU A 152 0.72 -10.37 11.23
C GLU A 152 -0.77 -10.30 11.50
N ARG A 153 -1.34 -9.11 11.37
CA ARG A 153 -2.77 -8.91 11.60
C ARG A 153 -3.60 -9.80 10.68
N GLU A 154 -3.15 -9.92 9.42
CA GLU A 154 -3.86 -10.73 8.44
C GLU A 154 -3.82 -12.20 8.82
N ARG A 155 -2.63 -12.79 8.82
CA ARG A 155 -2.46 -14.19 9.17
C ARG A 155 -3.05 -14.50 10.54
N LEU A 156 -3.07 -13.49 11.40
CA LEU A 156 -3.61 -13.65 12.75
C LEU A 156 -5.05 -13.16 12.83
N ASN A 157 -5.81 -13.42 11.77
CA ASN A 157 -7.22 -13.01 11.72
C ASN A 157 -8.05 -14.01 10.92
N MET A 158 -8.30 -15.17 11.51
CA MET A 158 -9.08 -16.21 10.85
C MET A 158 -9.69 -17.16 11.89
N VAL A 159 -9.99 -16.62 13.07
CA VAL A 159 -10.59 -17.42 14.13
C VAL A 159 -11.59 -16.59 14.94
N SER A 160 -12.20 -17.22 15.94
CA SER A 160 -13.16 -16.54 16.80
C SER A 160 -14.37 -16.08 15.98
N PHE A 161 -14.88 -16.97 15.13
CA PHE A 161 -16.03 -16.67 14.29
C PHE A 161 -17.23 -17.52 14.69
N LYS A 162 -16.98 -18.79 15.00
CA LYS A 162 -18.03 -19.70 15.39
C LYS A 162 -19.06 -19.86 14.28
N PHE A 163 -18.82 -20.81 13.38
CA PHE A 163 -19.73 -21.06 12.26
C PHE A 163 -20.86 -21.99 12.68
N ASN A 164 -22.08 -21.64 12.28
CA ASN A 164 -23.25 -22.45 12.60
C ASN A 164 -23.44 -22.52 14.11
N LYS A 165 -24.15 -21.55 14.66
CA LYS A 165 -24.42 -21.51 16.10
C LYS A 165 -25.70 -20.75 16.40
N VAL A 166 -26.83 -21.46 16.36
CA VAL A 166 -28.11 -20.85 16.63
C VAL A 166 -28.31 -20.58 18.12
N TYR A 167 -28.89 -19.43 18.44
CA TYR A 167 -29.12 -19.06 19.83
C TYR A 167 -27.81 -18.97 20.61
N MET A 1 -2.11 18.29 0.53
CA MET A 1 -1.15 17.29 -0.03
C MET A 1 -0.48 16.49 1.08
N ILE A 2 0.17 17.20 2.00
CA ILE A 2 0.85 16.54 3.12
C ILE A 2 -0.10 16.35 4.30
N ILE A 3 0.05 15.25 5.04
CA ILE A 3 -0.81 14.97 6.19
C ILE A 3 -0.07 14.13 7.23
N GLN A 4 0.22 14.74 8.38
CA GLN A 4 0.91 14.03 9.45
C GLN A 4 -0.09 13.41 10.43
N ILE A 5 0.23 12.21 10.92
CA ILE A 5 -0.64 11.52 11.86
C ILE A 5 0.15 10.59 12.78
N GLU A 6 0.07 10.85 14.08
CA GLU A 6 0.78 10.04 15.08
C GLU A 6 2.29 10.01 14.80
N GLU A 7 2.72 9.06 13.99
CA GLU A 7 4.14 8.92 13.66
C GLU A 7 4.32 8.57 12.19
N TYR A 8 3.33 8.89 11.37
CA TYR A 8 3.39 8.59 9.96
C TYR A 8 2.71 9.69 9.15
N PHE A 9 3.33 10.08 8.05
CA PHE A 9 2.77 11.11 7.17
C PHE A 9 2.17 10.45 5.94
N ILE A 10 1.36 11.19 5.20
CA ILE A 10 0.73 10.66 4.00
C ILE A 10 0.98 11.60 2.81
N GLY A 11 1.46 11.01 1.72
CA GLY A 11 1.75 11.78 0.53
C GLY A 11 0.61 11.81 -0.45
N MET A 12 -0.48 12.48 -0.09
CA MET A 12 -1.66 12.56 -0.94
C MET A 12 -1.47 13.56 -2.08
N ILE A 13 -1.21 13.04 -3.26
CA ILE A 13 -1.02 13.87 -4.45
C ILE A 13 -1.68 13.24 -5.67
N PHE A 14 -2.28 14.06 -6.51
CA PHE A 14 -2.94 13.57 -7.71
C PHE A 14 -2.70 14.51 -8.89
N LYS A 15 -3.09 14.07 -10.09
CA LYS A 15 -2.91 14.88 -11.29
C LYS A 15 -4.21 15.60 -11.65
N GLY A 16 -5.24 14.81 -11.93
CA GLY A 16 -6.54 15.39 -12.28
C GLY A 16 -7.69 14.43 -12.03
N ASN A 17 -8.30 14.56 -10.85
CA ASN A 17 -9.41 13.70 -10.49
C ASN A 17 -8.99 12.23 -10.45
N GLN A 18 -7.68 12.01 -10.34
CA GLN A 18 -7.13 10.65 -10.29
C GLN A 18 -5.87 10.60 -9.45
N LEU A 19 -5.80 9.64 -8.55
CA LEU A 19 -4.66 9.49 -7.66
C LEU A 19 -3.39 9.19 -8.46
N VAL A 20 -2.26 9.29 -7.79
CA VAL A 20 -0.97 9.04 -8.41
C VAL A 20 0.06 8.62 -7.37
N ARG A 21 -0.10 9.18 -6.18
CA ARG A 21 0.78 8.89 -5.07
C ARG A 21 0.12 9.34 -3.77
N ASN A 22 0.02 8.44 -2.81
CA ASN A 22 -0.63 8.76 -1.54
C ASN A 22 -0.01 7.98 -0.38
N THR A 23 1.28 8.21 -0.15
CA THR A 23 2.00 7.53 0.94
C THR A 23 3.25 8.30 1.37
N ILE A 24 3.71 8.01 2.59
CA ILE A 24 4.90 8.63 3.17
C ILE A 24 4.83 8.67 4.70
N PRO A 25 4.74 7.49 5.36
CA PRO A 25 4.65 7.40 6.83
C PRO A 25 5.84 8.06 7.51
N LEU A 26 6.18 7.62 8.73
CA LEU A 26 7.29 8.19 9.47
C LEU A 26 7.03 9.65 9.82
N ARG A 27 8.08 10.34 10.26
CA ARG A 27 7.96 11.74 10.65
C ARG A 27 9.33 12.41 10.74
N ARG A 28 9.32 13.67 11.14
CA ARG A 28 10.56 14.42 11.29
C ARG A 28 10.29 15.81 11.84
N GLU A 29 11.30 16.41 12.46
CA GLU A 29 11.16 17.74 13.03
C GLU A 29 10.79 18.78 11.98
N GLU A 30 11.60 18.86 10.92
CA GLU A 30 11.35 19.84 9.85
C GLU A 30 11.53 19.21 8.47
N ILE A 31 10.73 18.20 8.17
CA ILE A 31 10.79 17.54 6.87
C ILE A 31 9.68 18.04 5.96
N PHE A 32 8.48 18.23 6.52
CA PHE A 32 7.34 18.72 5.77
C PHE A 32 7.14 17.92 4.48
N ASN A 33 7.30 16.61 4.56
CA ASN A 33 7.14 15.75 3.40
C ASN A 33 8.04 16.22 2.26
N PHE A 34 9.13 16.88 2.62
CA PHE A 34 10.08 17.40 1.63
C PHE A 34 9.51 18.58 0.86
N MET A 35 8.58 19.30 1.51
CA MET A 35 7.92 20.48 0.93
C MET A 35 7.86 20.43 -0.60
N ASP A 36 6.67 20.22 -1.13
CA ASP A 36 6.48 20.16 -2.58
C ASP A 36 5.15 20.78 -2.99
N GLY A 37 4.97 22.06 -2.67
CA GLY A 37 3.75 22.75 -3.01
C GLY A 37 2.70 22.68 -1.92
N GLU A 38 3.14 22.71 -0.67
CA GLU A 38 2.23 22.65 0.46
C GLU A 38 2.87 23.23 1.72
N VAL A 39 3.83 22.50 2.28
CA VAL A 39 4.53 22.94 3.48
C VAL A 39 3.56 23.53 4.51
N VAL A 40 2.42 22.86 4.68
CA VAL A 40 1.41 23.30 5.63
C VAL A 40 1.27 22.31 6.78
N SER A 41 0.17 22.40 7.52
CA SER A 41 -0.06 21.50 8.65
C SER A 41 -1.53 21.52 9.06
N ASN A 42 -1.91 22.54 9.82
CA ASN A 42 -3.28 22.68 10.28
C ASN A 42 -3.78 21.39 10.92
N PRO A 43 -3.57 21.22 12.24
CA PRO A 43 -3.99 20.02 12.97
C PRO A 43 -5.44 19.66 12.72
N GLU A 44 -6.30 20.66 12.86
CA GLU A 44 -7.74 20.47 12.65
C GLU A 44 -8.03 20.02 11.23
N ASP A 45 -8.69 18.87 11.10
CA ASP A 45 -9.03 18.31 9.78
C ASP A 45 -7.80 17.78 9.05
N GLU A 46 -6.65 17.83 9.72
CA GLU A 46 -5.41 17.35 9.12
C GLU A 46 -5.56 15.94 8.57
N HIS A 47 -6.37 15.13 9.24
CA HIS A 47 -6.60 13.75 8.80
C HIS A 47 -7.73 13.70 7.77
N LEU A 48 -8.95 13.98 8.22
CA LEU A 48 -10.13 13.98 7.34
C LEU A 48 -10.69 12.55 7.19
N LYS A 49 -11.86 12.46 6.57
CA LYS A 49 -12.51 11.17 6.35
C LYS A 49 -11.59 10.20 5.60
N VAL A 50 -10.72 10.74 4.77
CA VAL A 50 -9.79 9.92 3.97
C VAL A 50 -8.69 9.32 4.84
N ALA A 51 -8.06 10.17 5.66
CA ALA A 51 -6.97 9.72 6.53
C ALA A 51 -7.39 8.53 7.38
N GLU A 52 -8.51 8.68 8.09
CA GLU A 52 -9.01 7.61 8.94
C GLU A 52 -9.28 6.34 8.15
N ILE A 53 -9.70 6.51 6.90
CA ILE A 53 -9.98 5.37 6.03
C ILE A 53 -8.71 4.58 5.74
N ILE A 54 -7.64 5.30 5.39
CA ILE A 54 -6.36 4.67 5.10
C ILE A 54 -5.89 3.82 6.28
N LEU A 55 -5.93 4.42 7.48
CA LEU A 55 -5.51 3.72 8.68
C LEU A 55 -6.33 2.45 8.89
N LYS A 56 -7.64 2.55 8.71
CA LYS A 56 -8.54 1.41 8.89
C LYS A 56 -8.16 0.24 7.98
N LEU A 57 -8.11 0.50 6.68
CA LEU A 57 -7.76 -0.54 5.72
C LEU A 57 -6.37 -1.11 6.00
N TYR A 58 -5.45 -0.25 6.41
CA TYR A 58 -4.09 -0.66 6.73
C TYR A 58 -4.08 -1.59 7.94
N PHE A 59 -4.89 -1.24 8.94
CA PHE A 59 -4.98 -2.04 10.15
C PHE A 59 -6.04 -3.14 10.03
N ALA A 60 -6.28 -3.59 8.80
CA ALA A 60 -7.26 -4.64 8.54
C ALA A 60 -8.55 -4.40 9.31
N GLU A 61 -9.41 -3.55 8.76
CA GLU A 61 -10.70 -3.24 9.40
C GLU A 61 -11.77 -2.94 8.36
N ILE A 62 -11.42 -2.14 7.35
CA ILE A 62 -12.37 -1.79 6.30
C ILE A 62 -12.75 -3.01 5.47
N ASP A 63 -11.76 -3.64 4.86
CA ASP A 63 -12.00 -4.83 4.03
C ASP A 63 -12.87 -4.48 2.83
N ASP A 64 -14.18 -4.56 3.02
CA ASP A 64 -15.13 -4.27 1.95
C ASP A 64 -15.46 -2.78 1.90
N LYS A 65 -15.40 -2.20 0.70
CA LYS A 65 -15.69 -0.78 0.49
C LYS A 65 -14.46 0.07 0.78
N LYS A 66 -13.49 0.01 -0.13
CA LYS A 66 -12.25 0.78 0.02
C LYS A 66 -11.49 0.90 -1.30
N VAL A 67 -11.58 -0.14 -2.12
CA VAL A 67 -10.90 -0.16 -3.41
C VAL A 67 -11.31 1.04 -4.27
N ARG A 68 -12.47 1.62 -3.97
CA ARG A 68 -12.95 2.78 -4.73
C ARG A 68 -12.73 4.07 -3.96
N GLU A 69 -13.16 4.09 -2.70
CA GLU A 69 -13.02 5.28 -1.86
C GLU A 69 -11.58 5.79 -1.82
N LEU A 70 -10.63 4.91 -2.12
CA LEU A 70 -9.22 5.29 -2.10
C LEU A 70 -8.81 6.06 -3.37
N ILE A 71 -9.79 6.37 -4.21
CA ILE A 71 -9.52 7.09 -5.44
C ILE A 71 -8.71 6.23 -6.39
N SER A 72 -9.06 6.27 -7.66
CA SER A 72 -8.36 5.48 -8.65
C SER A 72 -6.96 6.03 -8.88
N TYR A 73 -5.97 5.14 -8.93
CA TYR A 73 -4.59 5.55 -9.13
C TYR A 73 -4.26 5.70 -10.62
N LYS A 74 -3.37 6.63 -10.90
CA LYS A 74 -2.94 6.90 -12.27
C LYS A 74 -1.67 6.13 -12.58
N LEU A 75 -1.43 5.86 -13.86
CA LEU A 75 -0.25 5.11 -14.26
C LEU A 75 0.96 6.03 -14.32
N GLU A 76 1.87 5.85 -13.37
CA GLU A 76 3.08 6.65 -13.29
C GLU A 76 4.26 5.75 -12.90
N VAL A 77 4.64 4.88 -13.83
CA VAL A 77 5.72 3.94 -13.58
C VAL A 77 6.49 3.61 -14.86
N PRO A 78 7.79 3.93 -14.92
CA PRO A 78 8.62 3.66 -16.09
C PRO A 78 8.75 2.17 -16.37
N GLU A 79 7.69 1.58 -16.93
CA GLU A 79 7.68 0.15 -17.25
C GLU A 79 7.80 -0.69 -15.98
N PHE A 80 6.82 -1.58 -15.78
CA PHE A 80 6.77 -2.49 -14.61
C PHE A 80 5.79 -1.97 -13.57
N THR A 81 5.26 -2.89 -12.76
CA THR A 81 4.31 -2.57 -11.69
C THR A 81 2.87 -2.76 -12.17
N LYS A 82 2.66 -2.62 -13.48
CA LYS A 82 1.34 -2.77 -14.06
C LYS A 82 0.82 -4.20 -13.91
N LYS A 83 1.66 -5.17 -14.27
CA LYS A 83 1.28 -6.58 -14.18
C LYS A 83 0.93 -6.96 -12.75
N VAL A 84 1.85 -6.69 -11.84
CA VAL A 84 1.64 -6.99 -10.43
C VAL A 84 0.30 -6.44 -9.95
N LEU A 85 -0.01 -5.23 -10.36
CA LEU A 85 -1.29 -4.61 -10.00
C LEU A 85 -2.42 -5.53 -10.42
N ASP A 86 -2.24 -6.17 -11.57
CA ASP A 86 -3.23 -7.12 -12.08
C ASP A 86 -3.42 -8.26 -11.08
N ILE A 87 -2.41 -8.49 -10.23
CA ILE A 87 -2.48 -9.55 -9.25
C ILE A 87 -3.48 -9.21 -8.14
N VAL A 88 -3.37 -8.00 -7.57
CA VAL A 88 -4.29 -7.58 -6.50
C VAL A 88 -5.73 -7.72 -6.96
N LYS A 89 -5.98 -7.41 -8.23
CA LYS A 89 -7.32 -7.50 -8.80
C LYS A 89 -7.92 -8.88 -8.57
N ASP A 90 -7.07 -9.89 -8.39
CA ASP A 90 -7.54 -11.26 -8.19
C ASP A 90 -7.35 -11.73 -6.75
N ILE A 91 -6.12 -11.62 -6.25
CA ILE A 91 -5.80 -12.06 -4.89
C ILE A 91 -6.41 -11.13 -3.85
N GLU A 92 -6.46 -11.61 -2.61
CA GLU A 92 -7.00 -10.84 -1.50
C GLU A 92 -6.25 -11.12 -0.21
N PHE A 93 -6.80 -10.64 0.90
CA PHE A 93 -6.18 -10.84 2.21
C PHE A 93 -6.25 -12.31 2.63
N GLY A 94 -5.14 -13.01 2.48
CA GLY A 94 -5.10 -14.41 2.85
C GLY A 94 -4.11 -15.21 2.03
N LYS A 95 -3.80 -14.73 0.83
CA LYS A 95 -2.87 -15.41 -0.05
C LYS A 95 -1.52 -14.70 -0.08
N THR A 96 -0.46 -15.46 -0.38
CA THR A 96 0.89 -14.90 -0.44
C THR A 96 1.78 -15.66 -1.41
N LEU A 97 1.84 -15.18 -2.64
CA LEU A 97 2.67 -15.80 -3.67
C LEU A 97 4.03 -15.12 -3.74
N THR A 98 4.91 -15.61 -4.60
CA THR A 98 6.23 -15.03 -4.76
C THR A 98 6.32 -14.20 -6.04
N TYR A 99 7.49 -13.65 -6.32
CA TYR A 99 7.70 -12.83 -7.51
C TYR A 99 7.80 -13.68 -8.78
N GLY A 100 8.41 -14.86 -8.65
CA GLY A 100 8.58 -15.73 -9.79
C GLY A 100 7.26 -16.23 -10.38
N ASP A 101 6.29 -16.46 -9.51
CA ASP A 101 4.98 -16.96 -9.95
C ASP A 101 4.30 -15.99 -10.92
N ILE A 102 4.25 -14.71 -10.54
CA ILE A 102 3.60 -13.71 -11.37
C ILE A 102 4.40 -13.38 -12.62
N ALA A 103 5.63 -12.90 -12.42
CA ALA A 103 6.50 -12.53 -13.52
C ALA A 103 6.56 -13.62 -14.57
N LYS A 104 6.75 -14.86 -14.10
CA LYS A 104 6.83 -16.00 -15.00
C LYS A 104 5.56 -16.19 -15.82
N LYS A 105 4.41 -16.03 -15.17
CA LYS A 105 3.13 -16.21 -15.84
C LYS A 105 2.83 -15.07 -16.82
N LEU A 106 3.53 -13.94 -16.67
CA LEU A 106 3.32 -12.81 -17.56
C LEU A 106 4.27 -12.88 -18.74
N ASN A 107 5.49 -12.42 -18.54
CA ASN A 107 6.50 -12.44 -19.59
C ASN A 107 7.83 -11.87 -19.10
N THR A 108 8.12 -12.12 -17.83
CA THR A 108 9.36 -11.63 -17.22
C THR A 108 9.86 -12.60 -16.15
N SER A 109 10.48 -12.05 -15.10
CA SER A 109 11.01 -12.86 -14.01
C SER A 109 10.95 -12.08 -12.69
N PRO A 110 11.20 -12.76 -11.55
CA PRO A 110 11.16 -12.12 -10.24
C PRO A 110 12.31 -11.14 -10.04
N ARG A 111 13.41 -11.35 -10.77
CA ARG A 111 14.58 -10.48 -10.67
C ARG A 111 14.36 -9.18 -11.43
N ALA A 112 13.21 -8.56 -11.20
CA ALA A 112 12.86 -7.30 -11.85
C ALA A 112 11.54 -6.78 -11.31
N VAL A 113 10.55 -7.67 -11.21
CA VAL A 113 9.24 -7.31 -10.70
C VAL A 113 9.32 -6.94 -9.22
N GLY A 114 10.36 -7.41 -8.55
CA GLY A 114 10.53 -7.09 -7.14
C GLY A 114 10.59 -5.59 -6.91
N MET A 115 11.66 -4.98 -7.37
CA MET A 115 11.84 -3.53 -7.23
C MET A 115 10.68 -2.78 -7.88
N ALA A 116 9.99 -3.44 -8.81
CA ALA A 116 8.86 -2.82 -9.51
C ALA A 116 7.75 -2.45 -8.53
N LEU A 117 6.99 -3.45 -8.09
CA LEU A 117 5.88 -3.22 -7.17
C LEU A 117 6.36 -2.46 -5.92
N LYS A 118 7.65 -2.56 -5.63
CA LYS A 118 8.22 -1.89 -4.48
C LYS A 118 8.18 -0.37 -4.64
N ARG A 119 8.22 0.08 -5.90
CA ARG A 119 8.17 1.50 -6.20
C ARG A 119 6.79 1.93 -6.67
N ASN A 120 5.77 1.16 -6.31
CA ASN A 120 4.40 1.47 -6.69
C ASN A 120 4.01 2.88 -6.25
N PRO A 121 2.96 3.45 -6.86
CA PRO A 121 2.48 4.79 -6.53
C PRO A 121 1.62 4.80 -5.27
N LEU A 122 1.13 3.61 -4.89
CA LEU A 122 0.29 3.48 -3.71
C LEU A 122 0.77 2.35 -2.79
N PRO A 123 1.98 2.52 -2.19
CA PRO A 123 2.56 1.51 -1.29
C PRO A 123 1.62 1.14 -0.14
N LEU A 124 0.57 0.40 -0.47
CA LEU A 124 -0.41 -0.03 0.52
C LEU A 124 -1.47 -0.88 -0.18
N ILE A 125 -2.27 -0.22 -1.01
CA ILE A 125 -3.28 -0.91 -1.79
C ILE A 125 -2.63 -1.93 -2.73
N ILE A 126 -1.32 -1.82 -2.89
CA ILE A 126 -0.58 -2.72 -3.76
C ILE A 126 -0.44 -4.10 -3.13
N PRO A 127 -0.53 -5.16 -3.95
CA PRO A 127 -0.45 -6.55 -3.48
C PRO A 127 0.98 -7.03 -3.26
N CYS A 128 1.88 -6.12 -2.97
CA CYS A 128 3.28 -6.46 -2.73
C CYS A 128 3.38 -7.54 -1.65
N HIS A 129 2.38 -7.58 -0.77
CA HIS A 129 2.35 -8.57 0.30
C HIS A 129 2.24 -9.98 -0.27
N ARG A 130 1.44 -10.13 -1.33
CA ARG A 130 1.24 -11.43 -1.97
C ARG A 130 2.39 -11.73 -2.94
N VAL A 131 3.57 -11.19 -2.66
CA VAL A 131 4.73 -11.42 -3.51
C VAL A 131 6.03 -11.32 -2.71
N VAL A 132 6.39 -12.43 -2.07
CA VAL A 132 7.62 -12.47 -1.27
C VAL A 132 8.77 -13.07 -2.07
N ALA A 133 9.94 -13.12 -1.45
CA ALA A 133 11.13 -13.68 -2.11
C ALA A 133 11.16 -15.20 -2.01
N LYS A 134 12.14 -15.81 -2.66
CA LYS A 134 12.28 -17.26 -2.65
C LYS A 134 12.20 -17.82 -1.24
N ASN A 135 12.84 -17.12 -0.30
CA ASN A 135 12.83 -17.54 1.09
C ASN A 135 11.55 -17.12 1.79
N SER A 136 11.57 -15.97 2.43
CA SER A 136 10.39 -15.45 3.14
C SER A 136 10.62 -14.02 3.61
N LEU A 137 9.67 -13.14 3.30
CA LEU A 137 9.76 -11.75 3.69
C LEU A 137 10.95 -11.06 3.03
N GLY A 138 10.71 -9.91 2.41
CA GLY A 138 11.76 -9.18 1.75
C GLY A 138 11.72 -7.69 2.05
N GLY A 139 12.73 -7.20 2.75
CA GLY A 139 12.78 -5.79 3.09
C GLY A 139 13.54 -4.96 2.07
N TYR A 140 14.48 -4.16 2.54
CA TYR A 140 15.28 -3.31 1.65
C TYR A 140 14.40 -2.35 0.86
N SER A 141 13.21 -2.07 1.39
CA SER A 141 12.27 -1.16 0.74
C SER A 141 11.18 -0.73 1.71
N TYR A 142 10.69 0.49 1.53
CA TYR A 142 9.64 1.04 2.38
C TYR A 142 10.13 1.25 3.81
N GLY A 143 10.39 0.15 4.51
CA GLY A 143 10.87 0.24 5.88
C GLY A 143 11.01 -1.12 6.56
N LEU A 144 10.39 -2.15 5.98
CA LEU A 144 10.46 -3.51 6.53
C LEU A 144 9.43 -3.71 7.64
N ASP A 145 9.31 -2.73 8.53
CA ASP A 145 8.35 -2.83 9.63
C ASP A 145 6.92 -2.90 9.12
N LYS A 146 6.69 -2.35 7.92
CA LYS A 146 5.37 -2.37 7.32
C LYS A 146 4.97 -3.77 6.87
N LYS A 147 5.85 -4.41 6.12
CA LYS A 147 5.61 -5.75 5.60
C LYS A 147 5.40 -6.76 6.72
N LYS A 148 6.21 -6.66 7.77
CA LYS A 148 6.10 -7.58 8.90
C LYS A 148 4.80 -7.36 9.67
N PHE A 149 4.53 -6.11 10.04
CA PHE A 149 3.31 -5.78 10.77
C PHE A 149 2.06 -6.23 10.02
N ILE A 150 1.99 -5.90 8.74
CA ILE A 150 0.84 -6.27 7.92
C ILE A 150 0.75 -7.79 7.73
N LEU A 151 1.90 -8.43 7.50
CA LEU A 151 1.93 -9.88 7.30
C LEU A 151 1.26 -10.60 8.47
N GLU A 152 1.60 -10.20 9.69
CA GLU A 152 1.04 -10.81 10.88
C GLU A 152 -0.34 -10.23 11.20
N ARG A 153 -0.58 -9.02 10.72
CA ARG A 153 -1.86 -8.34 10.95
C ARG A 153 -3.03 -9.18 10.46
N GLU A 154 -3.13 -9.34 9.14
CA GLU A 154 -4.19 -10.12 8.53
C GLU A 154 -4.44 -11.42 9.29
N ARG A 155 -3.38 -12.20 9.51
CA ARG A 155 -3.49 -13.46 10.22
C ARG A 155 -4.13 -13.26 11.59
N LEU A 156 -3.65 -12.27 12.33
CA LEU A 156 -4.18 -11.97 13.66
C LEU A 156 -5.35 -10.99 13.56
N ASN A 157 -5.86 -10.59 14.72
CA ASN A 157 -6.98 -9.65 14.77
C ASN A 157 -8.21 -10.24 14.10
N MET A 158 -8.48 -11.51 14.38
CA MET A 158 -9.63 -12.19 13.81
C MET A 158 -10.36 -13.03 14.87
N VAL A 159 -11.68 -12.86 14.94
CA VAL A 159 -12.47 -13.60 15.91
C VAL A 159 -12.57 -15.08 15.53
N SER A 160 -12.04 -15.94 16.39
CA SER A 160 -12.07 -17.37 16.16
C SER A 160 -11.47 -18.13 17.34
N PHE A 161 -11.44 -19.45 17.24
CA PHE A 161 -10.89 -20.30 18.30
C PHE A 161 -9.86 -21.27 17.73
N LYS A 162 -8.63 -21.16 18.22
CA LYS A 162 -7.55 -22.03 17.77
C LYS A 162 -6.76 -22.58 18.95
N PHE A 163 -5.93 -23.58 18.68
CA PHE A 163 -5.11 -24.19 19.73
C PHE A 163 -3.85 -23.39 19.98
N ASN A 164 -3.08 -23.16 18.92
CA ASN A 164 -1.83 -22.40 19.02
C ASN A 164 -1.29 -22.05 17.64
N LYS A 165 -0.37 -21.10 17.60
CA LYS A 165 0.23 -20.67 16.33
C LYS A 165 1.63 -21.24 16.17
N VAL A 166 2.09 -21.32 14.94
CA VAL A 166 3.42 -21.85 14.64
C VAL A 166 4.50 -20.81 14.94
N TYR A 167 5.69 -21.29 15.30
CA TYR A 167 6.80 -20.39 15.61
C TYR A 167 7.37 -19.77 14.34
N MET A 1 -0.50 17.19 -2.02
CA MET A 1 -0.88 17.47 -0.62
C MET A 1 -0.23 16.48 0.35
N ILE A 2 -0.13 16.87 1.61
CA ILE A 2 0.47 16.01 2.63
C ILE A 2 -0.30 16.09 3.95
N ILE A 3 -0.12 15.09 4.80
CA ILE A 3 -0.80 15.06 6.08
C ILE A 3 -0.02 14.21 7.09
N GLN A 4 0.44 14.84 8.15
CA GLN A 4 1.19 14.15 9.19
C GLN A 4 0.27 13.71 10.33
N ILE A 5 0.57 12.56 10.92
CA ILE A 5 -0.23 12.03 12.02
C ILE A 5 0.60 11.15 12.94
N GLU A 6 0.68 11.55 14.21
CA GLU A 6 1.44 10.80 15.20
C GLU A 6 2.88 10.56 14.74
N GLU A 7 3.10 9.43 14.05
CA GLU A 7 4.44 9.09 13.56
C GLU A 7 4.41 8.65 12.10
N TYR A 8 3.22 8.35 11.58
CA TYR A 8 3.09 7.91 10.20
C TYR A 8 2.75 9.07 9.28
N PHE A 9 3.59 9.29 8.27
CA PHE A 9 3.36 10.34 7.29
C PHE A 9 2.60 9.77 6.10
N ILE A 10 1.91 10.63 5.37
CA ILE A 10 1.16 10.18 4.20
C ILE A 10 1.24 11.22 3.08
N GLY A 11 1.93 10.86 2.02
CA GLY A 11 2.05 11.75 0.89
C GLY A 11 0.93 11.56 -0.10
N MET A 12 -0.15 12.34 0.09
CA MET A 12 -1.32 12.27 -0.78
C MET A 12 -1.25 13.32 -1.89
N ILE A 13 -0.82 12.90 -3.07
CA ILE A 13 -0.73 13.79 -4.22
C ILE A 13 -1.16 13.08 -5.50
N PHE A 14 -2.22 13.58 -6.12
CA PHE A 14 -2.74 13.00 -7.36
C PHE A 14 -2.40 13.88 -8.56
N LYS A 15 -2.66 13.35 -9.74
CA LYS A 15 -2.39 14.10 -10.98
C LYS A 15 -3.68 14.71 -11.52
N GLY A 16 -4.80 14.06 -11.24
CA GLY A 16 -6.09 14.56 -11.69
C GLY A 16 -7.25 14.00 -10.88
N ASN A 17 -8.16 13.31 -11.56
CA ASN A 17 -9.32 12.72 -10.88
C ASN A 17 -9.03 11.29 -10.42
N GLN A 18 -7.75 10.98 -10.22
CA GLN A 18 -7.35 9.65 -9.78
C GLN A 18 -6.10 9.73 -8.90
N LEU A 19 -6.24 9.30 -7.65
CA LEU A 19 -5.15 9.32 -6.69
C LEU A 19 -3.99 8.46 -7.16
N VAL A 20 -2.83 8.63 -6.54
CA VAL A 20 -1.66 7.86 -6.90
C VAL A 20 -0.74 7.76 -5.69
N ARG A 21 0.05 8.78 -5.48
CA ARG A 21 0.94 8.81 -4.33
C ARG A 21 0.14 9.15 -3.08
N ASN A 22 0.02 8.20 -2.18
CA ASN A 22 -0.73 8.41 -0.95
C ASN A 22 -0.25 7.48 0.14
N THR A 23 1.03 7.59 0.46
CA THR A 23 1.63 6.73 1.48
C THR A 23 2.94 7.30 2.01
N ILE A 24 3.68 6.46 2.76
CA ILE A 24 4.98 6.81 3.35
C ILE A 24 4.86 7.22 4.81
N PRO A 25 4.67 6.24 5.72
CA PRO A 25 4.56 6.51 7.17
C PRO A 25 5.82 7.17 7.72
N LEU A 26 6.10 6.97 9.01
CA LEU A 26 7.28 7.54 9.65
C LEU A 26 7.39 9.04 9.41
N ARG A 27 8.38 9.65 10.06
CA ARG A 27 8.63 11.08 9.93
C ARG A 27 9.32 11.40 8.62
N ARG A 28 8.68 12.25 7.80
CA ARG A 28 9.22 12.67 6.50
C ARG A 28 10.14 11.61 5.90
N GLU A 29 9.68 10.36 5.88
CA GLU A 29 10.46 9.26 5.35
C GLU A 29 10.86 9.48 3.89
N GLU A 30 9.89 9.73 3.03
CA GLU A 30 10.16 9.94 1.61
C GLU A 30 9.30 11.04 1.01
N ILE A 31 8.94 12.03 1.82
CA ILE A 31 8.11 13.14 1.32
C ILE A 31 8.97 14.25 0.73
N PHE A 32 10.24 14.30 1.13
CA PHE A 32 11.16 15.32 0.63
C PHE A 32 12.06 14.76 -0.47
N ASN A 33 11.77 13.54 -0.92
CA ASN A 33 12.57 12.91 -1.97
C ASN A 33 12.12 13.35 -3.36
N PHE A 34 11.11 14.22 -3.43
CA PHE A 34 10.62 14.71 -4.70
C PHE A 34 9.87 16.03 -4.54
N MET A 35 8.96 16.08 -3.56
CA MET A 35 8.19 17.30 -3.31
C MET A 35 9.08 18.42 -2.81
N ASP A 36 8.94 19.59 -3.41
CA ASP A 36 9.74 20.75 -3.03
C ASP A 36 9.01 21.58 -1.96
N GLY A 37 8.44 20.89 -0.99
CA GLY A 37 7.72 21.58 0.08
C GLY A 37 6.34 20.98 0.33
N GLU A 38 5.31 21.67 -0.15
CA GLU A 38 3.94 21.19 0.02
C GLU A 38 3.62 20.97 1.50
N VAL A 39 4.35 21.64 2.37
CA VAL A 39 4.13 21.50 3.81
C VAL A 39 2.86 22.21 4.23
N VAL A 40 1.73 21.75 3.71
CA VAL A 40 0.44 22.33 4.02
C VAL A 40 0.19 22.39 5.53
N SER A 41 -0.41 23.50 5.98
CA SER A 41 -0.70 23.67 7.40
C SER A 41 -1.98 22.95 7.80
N ASN A 42 -2.56 22.20 6.87
CA ASN A 42 -3.81 21.47 7.12
C ASN A 42 -5.01 22.39 7.04
N PRO A 43 -5.51 22.64 5.83
CA PRO A 43 -6.66 23.52 5.60
C PRO A 43 -7.84 23.21 6.52
N GLU A 44 -8.20 21.95 6.57
CA GLU A 44 -9.32 21.51 7.40
C GLU A 44 -9.54 19.99 7.28
N ASP A 45 -10.73 19.55 7.67
CA ASP A 45 -11.09 18.13 7.63
C ASP A 45 -11.09 17.59 6.19
N GLU A 46 -10.93 18.47 5.21
CA GLU A 46 -10.92 18.06 3.81
C GLU A 46 -9.91 16.91 3.58
N HIS A 47 -8.91 16.84 4.45
CA HIS A 47 -7.89 15.81 4.36
C HIS A 47 -8.02 14.80 5.51
N LEU A 48 -8.71 15.21 6.56
CA LEU A 48 -8.92 14.35 7.73
C LEU A 48 -9.71 13.10 7.34
N LYS A 49 -10.70 13.27 6.47
CA LYS A 49 -11.53 12.16 6.01
C LYS A 49 -10.67 11.02 5.46
N VAL A 50 -9.69 11.37 4.63
CA VAL A 50 -8.81 10.37 4.05
C VAL A 50 -7.83 9.85 5.10
N ALA A 51 -7.71 10.57 6.22
CA ALA A 51 -6.83 10.14 7.30
C ALA A 51 -7.27 8.80 7.84
N GLU A 52 -8.48 8.77 8.39
CA GLU A 52 -9.03 7.53 8.95
C GLU A 52 -9.15 6.45 7.88
N ILE A 53 -9.38 6.88 6.63
CA ILE A 53 -9.51 5.94 5.52
C ILE A 53 -8.19 5.22 5.26
N ILE A 54 -7.15 6.00 5.01
CA ILE A 54 -5.83 5.44 4.74
C ILE A 54 -5.36 4.54 5.89
N LEU A 55 -5.65 4.96 7.11
CA LEU A 55 -5.27 4.19 8.30
C LEU A 55 -5.80 2.77 8.20
N LYS A 56 -7.09 2.63 7.90
CA LYS A 56 -7.72 1.32 7.77
C LYS A 56 -7.00 0.47 6.74
N LEU A 57 -6.65 1.09 5.61
CA LEU A 57 -5.95 0.38 4.55
C LEU A 57 -4.60 -0.13 5.05
N TYR A 58 -3.80 0.78 5.57
CA TYR A 58 -2.47 0.44 6.09
C TYR A 58 -2.56 -0.56 7.23
N PHE A 59 -3.76 -0.72 7.79
CA PHE A 59 -3.96 -1.65 8.90
C PHE A 59 -4.14 -3.08 8.38
N ALA A 60 -5.00 -3.25 7.39
CA ALA A 60 -5.25 -4.56 6.81
C ALA A 60 -6.09 -4.48 5.54
N GLU A 61 -6.20 -3.29 4.94
CA GLU A 61 -6.98 -3.10 3.73
C GLU A 61 -8.47 -3.32 3.98
N ILE A 62 -8.85 -3.49 5.25
CA ILE A 62 -10.25 -3.70 5.62
C ILE A 62 -10.98 -4.60 4.64
N ASP A 63 -12.31 -4.61 4.71
CA ASP A 63 -13.13 -5.43 3.82
C ASP A 63 -13.73 -4.57 2.70
N ASP A 64 -14.88 -4.98 2.18
CA ASP A 64 -15.56 -4.25 1.11
C ASP A 64 -14.61 -3.94 -0.04
N LYS A 65 -15.00 -3.01 -0.90
CA LYS A 65 -14.18 -2.63 -2.04
C LYS A 65 -12.94 -1.86 -1.59
N LYS A 66 -13.17 -0.67 -1.02
CA LYS A 66 -12.08 0.19 -0.54
C LYS A 66 -11.47 1.02 -1.68
N VAL A 67 -11.53 0.48 -2.89
CA VAL A 67 -10.99 1.17 -4.06
C VAL A 67 -11.70 2.50 -4.28
N ARG A 68 -12.97 2.57 -3.90
CA ARG A 68 -13.76 3.79 -4.06
C ARG A 68 -13.09 4.97 -3.36
N GLU A 69 -13.20 5.01 -2.04
CA GLU A 69 -12.61 6.09 -1.25
C GLU A 69 -11.10 6.19 -1.50
N LEU A 70 -10.51 5.10 -1.99
CA LEU A 70 -9.07 5.07 -2.27
C LEU A 70 -8.73 5.84 -3.55
N ILE A 71 -9.75 6.06 -4.39
CA ILE A 71 -9.56 6.78 -5.64
C ILE A 71 -8.71 5.95 -6.59
N SER A 72 -9.00 6.05 -7.88
CA SER A 72 -8.27 5.27 -8.86
C SER A 72 -6.84 5.79 -9.04
N TYR A 73 -6.03 5.01 -9.73
CA TYR A 73 -4.62 5.37 -9.96
C TYR A 73 -4.48 6.22 -11.23
N LYS A 74 -3.57 7.20 -11.17
CA LYS A 74 -3.33 8.08 -12.32
C LYS A 74 -1.84 8.33 -12.50
N LEU A 75 -1.36 8.11 -13.73
CA LEU A 75 0.06 8.33 -14.05
C LEU A 75 0.95 7.46 -13.18
N GLU A 76 1.40 6.34 -13.76
CA GLU A 76 2.27 5.42 -13.04
C GLU A 76 2.63 4.22 -13.93
N VAL A 77 3.43 3.31 -13.39
CA VAL A 77 3.87 2.11 -14.11
C VAL A 77 4.43 2.46 -15.50
N PRO A 78 5.34 3.45 -15.57
CA PRO A 78 5.96 3.86 -16.83
C PRO A 78 7.10 2.93 -17.26
N GLU A 79 6.83 1.63 -17.27
CA GLU A 79 7.84 0.64 -17.65
C GLU A 79 7.28 -0.77 -17.52
N PHE A 80 6.82 -1.11 -16.32
CA PHE A 80 6.26 -2.42 -16.04
C PHE A 80 5.84 -2.54 -14.58
N THR A 81 4.54 -2.62 -14.35
CA THR A 81 3.99 -2.73 -13.01
C THR A 81 2.46 -2.90 -13.03
N LYS A 82 1.85 -2.59 -14.16
CA LYS A 82 0.40 -2.72 -14.28
C LYS A 82 -0.03 -4.16 -14.02
N LYS A 83 0.88 -5.09 -14.32
CA LYS A 83 0.60 -6.51 -14.11
C LYS A 83 0.36 -6.84 -12.63
N VAL A 84 1.27 -6.40 -11.76
CA VAL A 84 1.12 -6.65 -10.34
C VAL A 84 -0.21 -6.11 -9.85
N LEU A 85 -0.61 -4.96 -10.37
CA LEU A 85 -1.89 -4.37 -10.02
C LEU A 85 -2.99 -5.37 -10.34
N ASP A 86 -2.81 -6.07 -11.46
CA ASP A 86 -3.75 -7.09 -11.89
C ASP A 86 -3.82 -8.20 -10.84
N ILE A 87 -2.79 -8.28 -9.99
CA ILE A 87 -2.74 -9.27 -8.94
C ILE A 87 -3.80 -8.94 -7.89
N VAL A 88 -3.88 -7.67 -7.51
CA VAL A 88 -4.86 -7.24 -6.51
C VAL A 88 -6.28 -7.49 -6.98
N LYS A 89 -6.47 -7.45 -8.31
CA LYS A 89 -7.79 -7.65 -8.89
C LYS A 89 -8.47 -8.92 -8.40
N ASP A 90 -7.68 -9.89 -7.93
CA ASP A 90 -8.22 -11.14 -7.43
C ASP A 90 -7.56 -11.60 -6.14
N ILE A 91 -6.23 -11.48 -6.09
CA ILE A 91 -5.48 -11.89 -4.90
C ILE A 91 -5.70 -10.91 -3.76
N GLU A 92 -5.94 -11.44 -2.57
CA GLU A 92 -6.16 -10.63 -1.38
C GLU A 92 -5.90 -11.43 -0.11
N PHE A 93 -6.85 -11.47 0.83
CA PHE A 93 -6.69 -12.21 2.07
C PHE A 93 -6.77 -13.71 1.82
N GLY A 94 -5.65 -14.40 2.01
CA GLY A 94 -5.62 -15.84 1.80
C GLY A 94 -4.66 -16.25 0.69
N LYS A 95 -3.85 -15.30 0.23
CA LYS A 95 -2.88 -15.58 -0.83
C LYS A 95 -1.49 -15.09 -0.44
N THR A 96 -0.48 -15.91 -0.70
CA THR A 96 0.89 -15.55 -0.37
C THR A 96 1.88 -16.32 -1.25
N LEU A 97 2.59 -15.59 -2.11
CA LEU A 97 3.55 -16.21 -3.01
C LEU A 97 4.73 -15.27 -3.26
N THR A 98 5.71 -15.72 -4.02
CA THR A 98 6.89 -14.91 -4.32
C THR A 98 6.81 -14.35 -5.74
N TYR A 99 7.74 -13.45 -6.06
CA TYR A 99 7.79 -12.83 -7.38
C TYR A 99 7.92 -13.87 -8.49
N GLY A 100 8.49 -15.03 -8.14
CA GLY A 100 8.67 -16.10 -9.11
C GLY A 100 7.45 -16.37 -9.97
N ASP A 101 6.42 -16.95 -9.37
CA ASP A 101 5.20 -17.30 -10.09
C ASP A 101 4.53 -16.07 -10.72
N ILE A 102 4.65 -14.92 -10.07
CA ILE A 102 4.04 -13.69 -10.56
C ILE A 102 4.78 -13.15 -11.78
N ALA A 103 6.08 -12.92 -11.63
CA ALA A 103 6.90 -12.39 -12.71
C ALA A 103 6.79 -13.25 -13.96
N LYS A 104 6.95 -14.56 -13.80
CA LYS A 104 6.85 -15.48 -14.92
C LYS A 104 5.51 -15.34 -15.63
N LYS A 105 4.48 -15.00 -14.85
CA LYS A 105 3.14 -14.83 -15.39
C LYS A 105 3.06 -13.56 -16.23
N LEU A 106 3.94 -12.59 -15.94
CA LEU A 106 3.97 -11.33 -16.67
C LEU A 106 4.81 -11.45 -17.93
N ASN A 107 5.56 -12.54 -18.06
CA ASN A 107 6.43 -12.76 -19.21
C ASN A 107 7.77 -12.06 -19.02
N THR A 108 8.23 -12.02 -17.77
CA THR A 108 9.49 -11.38 -17.44
C THR A 108 10.24 -12.19 -16.38
N SER A 109 10.75 -11.52 -15.34
CA SER A 109 11.49 -12.20 -14.29
C SER A 109 11.26 -11.51 -12.95
N PRO A 110 11.46 -12.23 -11.83
CA PRO A 110 11.28 -11.66 -10.50
C PRO A 110 12.31 -10.57 -10.20
N ARG A 111 13.47 -10.66 -10.84
CA ARG A 111 14.53 -9.68 -10.66
C ARG A 111 14.19 -8.39 -11.41
N ALA A 112 12.99 -7.88 -11.16
CA ALA A 112 12.51 -6.66 -11.78
C ALA A 112 11.17 -6.27 -11.19
N VAL A 113 10.32 -7.27 -10.98
CA VAL A 113 9.00 -7.05 -10.41
C VAL A 113 9.13 -6.54 -8.98
N GLY A 114 10.23 -6.91 -8.32
CA GLY A 114 10.46 -6.46 -6.95
C GLY A 114 10.37 -4.95 -6.83
N MET A 115 11.32 -4.26 -7.46
CA MET A 115 11.36 -2.80 -7.42
C MET A 115 10.07 -2.21 -8.01
N ALA A 116 9.34 -3.02 -8.78
CA ALA A 116 8.11 -2.56 -9.40
C ALA A 116 7.09 -2.12 -8.35
N LEU A 117 6.41 -3.09 -7.73
CA LEU A 117 5.41 -2.78 -6.71
C LEU A 117 6.02 -1.93 -5.59
N LYS A 118 7.34 -2.01 -5.44
CA LYS A 118 8.04 -1.25 -4.41
C LYS A 118 7.99 0.25 -4.70
N ARG A 119 7.95 0.60 -5.99
CA ARG A 119 7.89 2.00 -6.39
C ARG A 119 6.47 2.43 -6.75
N ASN A 120 5.52 1.50 -6.66
CA ASN A 120 4.12 1.78 -6.97
C ASN A 120 3.61 2.98 -6.16
N PRO A 121 2.84 3.88 -6.80
CA PRO A 121 2.27 5.06 -6.14
C PRO A 121 1.39 4.67 -4.94
N LEU A 122 0.94 3.42 -4.94
CA LEU A 122 0.09 2.90 -3.88
C LEU A 122 0.64 1.56 -3.38
N PRO A 123 1.72 1.60 -2.58
CA PRO A 123 2.37 0.40 -2.03
C PRO A 123 1.51 -0.36 -1.02
N LEU A 124 0.32 0.17 -0.73
CA LEU A 124 -0.58 -0.48 0.21
C LEU A 124 -1.74 -1.11 -0.54
N ILE A 125 -2.18 -0.41 -1.58
CA ILE A 125 -3.28 -0.86 -2.41
C ILE A 125 -2.95 -2.22 -3.03
N ILE A 126 -1.70 -2.37 -3.49
CA ILE A 126 -1.26 -3.63 -4.10
C ILE A 126 -0.86 -4.65 -3.03
N PRO A 127 -1.18 -5.93 -3.24
CA PRO A 127 -0.87 -7.00 -2.29
C PRO A 127 0.61 -7.41 -2.33
N CYS A 128 1.50 -6.43 -2.16
CA CYS A 128 2.94 -6.71 -2.16
C CYS A 128 3.27 -7.79 -1.14
N HIS A 129 2.43 -7.91 -0.11
CA HIS A 129 2.63 -8.91 0.93
C HIS A 129 2.60 -10.32 0.34
N ARG A 130 1.77 -10.50 -0.68
CA ARG A 130 1.64 -11.79 -1.34
C ARG A 130 2.79 -12.02 -2.32
N VAL A 131 3.89 -11.29 -2.12
CA VAL A 131 5.04 -11.41 -3.00
C VAL A 131 6.34 -11.26 -2.21
N VAL A 132 6.74 -12.34 -1.54
CA VAL A 132 7.96 -12.33 -0.75
C VAL A 132 9.11 -12.93 -1.56
N ALA A 133 10.30 -12.97 -0.96
CA ALA A 133 11.47 -13.52 -1.62
C ALA A 133 11.51 -15.04 -1.50
N LYS A 134 12.59 -15.64 -2.02
CA LYS A 134 12.74 -17.10 -1.97
C LYS A 134 12.47 -17.64 -0.58
N ASN A 135 13.21 -17.13 0.41
CA ASN A 135 13.04 -17.57 1.80
C ASN A 135 11.69 -17.12 2.35
N SER A 136 11.65 -15.88 2.82
CA SER A 136 10.42 -15.32 3.38
C SER A 136 10.58 -13.82 3.65
N LEU A 137 9.47 -13.10 3.60
CA LEU A 137 9.49 -11.66 3.84
C LEU A 137 10.32 -10.95 2.78
N GLY A 138 9.70 -10.01 2.08
CA GLY A 138 10.40 -9.26 1.06
C GLY A 138 10.35 -7.76 1.29
N GLY A 139 11.39 -7.23 1.93
CA GLY A 139 11.43 -5.81 2.21
C GLY A 139 12.56 -5.11 1.47
N TYR A 140 13.68 -4.90 2.15
CA TYR A 140 14.83 -4.23 1.54
C TYR A 140 14.47 -2.82 1.09
N SER A 141 13.44 -2.25 1.72
CA SER A 141 12.99 -0.90 1.38
C SER A 141 11.76 -0.52 2.18
N TYR A 142 11.30 0.72 2.01
CA TYR A 142 10.12 1.21 2.72
C TYR A 142 10.38 1.28 4.22
N GLY A 143 10.46 0.12 4.87
CA GLY A 143 10.70 0.08 6.30
C GLY A 143 10.63 -1.33 6.86
N LEU A 144 9.85 -2.19 6.20
CA LEU A 144 9.68 -3.58 6.62
C LEU A 144 8.64 -3.71 7.74
N ASP A 145 8.50 -2.66 8.55
CA ASP A 145 7.54 -2.67 9.65
C ASP A 145 6.11 -2.74 9.12
N LYS A 146 5.91 -2.27 7.89
CA LYS A 146 4.59 -2.27 7.26
C LYS A 146 4.13 -3.70 6.97
N LYS A 147 4.92 -4.42 6.19
CA LYS A 147 4.61 -5.80 5.83
C LYS A 147 4.52 -6.67 7.09
N LYS A 148 5.32 -6.33 8.08
CA LYS A 148 5.34 -7.07 9.34
C LYS A 148 4.03 -6.90 10.10
N PHE A 149 3.69 -5.66 10.41
CA PHE A 149 2.46 -5.35 11.14
C PHE A 149 1.24 -5.96 10.46
N ILE A 150 1.01 -5.60 9.21
CA ILE A 150 -0.14 -6.11 8.46
C ILE A 150 -0.19 -7.64 8.50
N LEU A 151 0.90 -8.29 8.11
CA LEU A 151 0.96 -9.74 8.10
C LEU A 151 0.67 -10.32 9.47
N GLU A 152 0.92 -9.54 10.51
CA GLU A 152 0.69 -9.99 11.88
C GLU A 152 -0.77 -9.81 12.27
N ARG A 153 -1.31 -8.62 12.02
CA ARG A 153 -2.70 -8.32 12.34
C ARG A 153 -3.65 -9.29 11.66
N GLU A 154 -3.45 -9.50 10.37
CA GLU A 154 -4.30 -10.42 9.60
C GLU A 154 -4.28 -11.82 10.20
N ARG A 155 -3.08 -12.32 10.49
CA ARG A 155 -2.93 -13.65 11.08
C ARG A 155 -3.73 -13.76 12.37
N LEU A 156 -3.69 -12.72 13.19
CA LEU A 156 -4.40 -12.70 14.46
C LEU A 156 -5.89 -12.44 14.24
N ASN A 157 -6.24 -11.19 13.98
CA ASN A 157 -7.63 -10.82 13.77
C ASN A 157 -7.85 -10.38 12.32
N MET A 158 -9.02 -10.72 11.79
CA MET A 158 -9.36 -10.37 10.41
C MET A 158 -10.26 -9.14 10.38
N VAL A 159 -11.08 -8.98 11.41
CA VAL A 159 -11.99 -7.85 11.50
C VAL A 159 -11.99 -7.25 12.90
N SER A 160 -12.10 -8.12 13.91
CA SER A 160 -12.11 -7.68 15.30
C SER A 160 -13.28 -6.74 15.57
N PHE A 161 -13.53 -6.47 16.84
CA PHE A 161 -14.63 -5.58 17.22
C PHE A 161 -14.16 -4.57 18.27
N LYS A 162 -14.29 -3.29 17.94
CA LYS A 162 -13.88 -2.23 18.85
C LYS A 162 -14.95 -1.96 19.91
N PHE A 163 -14.78 -2.58 21.08
CA PHE A 163 -15.73 -2.41 22.17
C PHE A 163 -15.08 -1.73 23.37
N ASN A 164 -13.96 -2.28 23.82
CA ASN A 164 -13.23 -1.73 24.96
C ASN A 164 -12.46 -0.48 24.55
N LYS A 165 -13.03 0.69 24.84
CA LYS A 165 -12.39 1.95 24.51
C LYS A 165 -12.89 3.07 25.42
N VAL A 166 -11.99 3.64 26.20
CA VAL A 166 -12.33 4.72 27.12
C VAL A 166 -11.11 5.57 27.46
N TYR A 167 -11.31 6.88 27.53
CA TYR A 167 -10.22 7.80 27.85
C TYR A 167 -9.11 7.71 26.82
N MET A 1 -1.85 17.95 -1.38
CA MET A 1 -2.50 17.97 -0.04
C MET A 1 -1.72 17.14 0.96
N ILE A 2 -1.13 17.82 1.94
CA ILE A 2 -0.34 17.14 2.97
C ILE A 2 -1.21 16.82 4.18
N ILE A 3 -0.87 15.74 4.90
CA ILE A 3 -1.61 15.33 6.08
C ILE A 3 -0.71 14.59 7.06
N GLN A 4 -0.83 14.91 8.34
CA GLN A 4 -0.01 14.26 9.37
C GLN A 4 -0.88 13.60 10.43
N ILE A 5 -0.38 12.50 11.01
CA ILE A 5 -1.12 11.78 12.04
C ILE A 5 -0.17 11.01 12.96
N GLU A 6 0.08 11.57 14.14
CA GLU A 6 0.95 10.96 15.13
C GLU A 6 2.36 10.73 14.57
N GLU A 7 2.59 9.57 13.97
CA GLU A 7 3.90 9.24 13.41
C GLU A 7 3.80 8.84 11.94
N TYR A 8 2.65 9.08 11.33
CA TYR A 8 2.44 8.71 9.94
C TYR A 8 1.69 9.80 9.17
N PHE A 9 2.42 10.51 8.31
CA PHE A 9 1.81 11.55 7.49
C PHE A 9 1.60 11.05 6.07
N ILE A 10 0.40 11.23 5.55
CA ILE A 10 0.10 10.77 4.20
C ILE A 10 0.45 11.81 3.15
N GLY A 11 1.19 11.40 2.13
CA GLY A 11 1.56 12.30 1.06
C GLY A 11 0.56 12.23 -0.07
N MET A 12 -0.55 12.96 0.09
CA MET A 12 -1.61 12.98 -0.91
C MET A 12 -1.31 13.94 -2.05
N ILE A 13 -1.12 13.40 -3.25
CA ILE A 13 -0.85 14.21 -4.43
C ILE A 13 -1.60 13.64 -5.64
N PHE A 14 -2.57 14.39 -6.12
CA PHE A 14 -3.37 13.96 -7.27
C PHE A 14 -2.87 14.59 -8.56
N LYS A 15 -2.95 13.83 -9.65
CA LYS A 15 -2.51 14.31 -10.95
C LYS A 15 -3.70 14.77 -11.78
N GLY A 16 -4.75 15.23 -11.09
CA GLY A 16 -5.94 15.70 -11.76
C GLY A 16 -7.21 15.17 -11.11
N ASN A 17 -8.06 14.53 -11.90
CA ASN A 17 -9.31 13.98 -11.39
C ASN A 17 -9.12 12.54 -10.90
N GLN A 18 -7.87 12.12 -10.79
CA GLN A 18 -7.55 10.77 -10.33
C GLN A 18 -6.23 10.75 -9.57
N LEU A 19 -6.15 9.90 -8.56
CA LEU A 19 -4.95 9.79 -7.74
C LEU A 19 -3.75 9.41 -8.58
N VAL A 20 -2.56 9.49 -7.98
CA VAL A 20 -1.32 9.16 -8.66
C VAL A 20 -0.24 8.76 -7.68
N ARG A 21 -0.30 9.36 -6.50
CA ARG A 21 0.65 9.09 -5.44
C ARG A 21 0.13 9.59 -4.11
N ASN A 22 0.08 8.69 -3.14
CA ASN A 22 -0.40 9.02 -1.80
C ASN A 22 0.19 8.05 -0.79
N THR A 23 1.41 8.33 -0.35
CA THR A 23 2.10 7.46 0.60
C THR A 23 3.18 8.23 1.38
N ILE A 24 4.03 7.48 2.10
CA ILE A 24 5.10 8.07 2.89
C ILE A 24 4.60 8.64 4.21
N PRO A 25 4.42 7.78 5.23
CA PRO A 25 3.94 8.20 6.56
C PRO A 25 5.05 8.82 7.41
N LEU A 26 5.45 8.15 8.50
CA LEU A 26 6.53 8.65 9.35
C LEU A 26 6.19 10.03 9.93
N ARG A 27 7.22 10.76 10.32
CA ARG A 27 7.06 12.09 10.89
C ARG A 27 8.35 12.89 10.68
N ARG A 28 8.32 13.80 9.71
CA ARG A 28 9.50 14.60 9.38
C ARG A 28 9.11 16.06 9.11
N GLU A 29 9.71 16.97 9.87
CA GLU A 29 9.44 18.39 9.72
C GLU A 29 9.85 18.87 8.31
N GLU A 30 10.65 18.06 7.63
CA GLU A 30 11.11 18.41 6.28
C GLU A 30 10.24 17.72 5.22
N ILE A 31 8.94 17.68 5.46
CA ILE A 31 8.00 17.07 4.53
C ILE A 31 7.31 18.12 3.67
N PHE A 32 7.31 19.35 4.14
CA PHE A 32 6.68 20.45 3.41
C PHE A 32 7.71 21.25 2.61
N ASN A 33 8.91 20.69 2.48
CA ASN A 33 9.98 21.34 1.74
C ASN A 33 9.82 21.10 0.24
N PHE A 34 9.17 19.99 -0.10
CA PHE A 34 8.95 19.64 -1.50
C PHE A 34 7.74 20.40 -2.04
N MET A 35 6.55 20.00 -1.61
CA MET A 35 5.32 20.64 -2.05
C MET A 35 5.23 22.06 -1.50
N ASP A 36 5.74 23.02 -2.28
CA ASP A 36 5.73 24.41 -1.88
C ASP A 36 4.46 25.11 -2.35
N GLY A 37 3.50 25.26 -1.44
CA GLY A 37 2.25 25.91 -1.79
C GLY A 37 1.06 25.31 -1.07
N GLU A 38 1.17 24.03 -0.71
CA GLU A 38 0.08 23.34 -0.02
C GLU A 38 0.14 23.61 1.49
N VAL A 39 1.00 22.88 2.20
CA VAL A 39 1.15 23.02 3.64
C VAL A 39 -0.19 23.35 4.31
N VAL A 40 -1.24 22.68 3.88
CA VAL A 40 -2.58 22.91 4.41
C VAL A 40 -2.75 22.26 5.78
N SER A 41 -2.06 21.15 5.98
CA SER A 41 -2.13 20.41 7.24
C SER A 41 -3.42 19.61 7.34
N ASN A 42 -4.55 20.32 7.25
CA ASN A 42 -5.86 19.68 7.33
C ASN A 42 -6.93 20.60 6.74
N PRO A 43 -7.20 20.47 5.42
CA PRO A 43 -8.19 21.30 4.73
C PRO A 43 -9.54 21.29 5.43
N GLU A 44 -10.02 20.10 5.73
CA GLU A 44 -11.31 19.93 6.39
C GLU A 44 -11.63 18.45 6.59
N ASP A 45 -12.90 18.15 6.88
CA ASP A 45 -13.34 16.78 7.08
C ASP A 45 -13.14 15.94 5.82
N GLU A 46 -12.96 16.60 4.68
CA GLU A 46 -12.77 15.91 3.41
C GLU A 46 -11.64 14.88 3.51
N HIS A 47 -10.69 15.13 4.41
CA HIS A 47 -9.56 14.22 4.60
C HIS A 47 -9.76 13.34 5.83
N LEU A 48 -10.73 13.70 6.66
CA LEU A 48 -11.02 12.93 7.87
C LEU A 48 -11.50 11.51 7.54
N LYS A 49 -12.65 11.43 6.87
CA LYS A 49 -13.24 10.14 6.50
C LYS A 49 -12.25 9.26 5.75
N VAL A 50 -11.48 9.87 4.85
CA VAL A 50 -10.50 9.12 4.07
C VAL A 50 -9.31 8.69 4.92
N ALA A 51 -8.86 9.58 5.78
CA ALA A 51 -7.72 9.30 6.66
C ALA A 51 -7.96 8.02 7.45
N GLU A 52 -9.11 7.93 8.10
CA GLU A 52 -9.46 6.74 8.88
C GLU A 52 -9.47 5.50 7.99
N ILE A 53 -9.89 5.67 6.75
CA ILE A 53 -9.95 4.57 5.80
C ILE A 53 -8.54 4.03 5.50
N ILE A 54 -7.62 4.95 5.20
CA ILE A 54 -6.25 4.56 4.89
C ILE A 54 -5.64 3.75 6.04
N LEU A 55 -5.92 4.16 7.27
CA LEU A 55 -5.42 3.47 8.45
C LEU A 55 -5.78 1.99 8.41
N LYS A 56 -7.05 1.70 8.14
CA LYS A 56 -7.53 0.32 8.09
C LYS A 56 -6.73 -0.50 7.08
N LEU A 57 -6.24 0.17 6.04
CA LEU A 57 -5.44 -0.49 5.01
C LEU A 57 -4.15 -1.04 5.61
N TYR A 58 -3.40 -0.18 6.28
CA TYR A 58 -2.13 -0.57 6.89
C TYR A 58 -2.35 -1.59 8.01
N PHE A 59 -3.55 -1.57 8.60
CA PHE A 59 -3.87 -2.50 9.67
C PHE A 59 -4.36 -3.85 9.14
N ALA A 60 -4.32 -4.01 7.82
CA ALA A 60 -4.76 -5.25 7.18
C ALA A 60 -6.06 -5.76 7.79
N GLU A 61 -7.14 -5.03 7.57
CA GLU A 61 -8.45 -5.40 8.10
C GLU A 61 -9.55 -5.03 7.12
N ILE A 62 -9.47 -3.81 6.59
CA ILE A 62 -10.46 -3.30 5.65
C ILE A 62 -10.73 -4.32 4.54
N ASP A 63 -11.99 -4.37 4.10
CA ASP A 63 -12.39 -5.30 3.04
C ASP A 63 -13.80 -4.97 2.53
N ASP A 64 -14.01 -3.71 2.18
CA ASP A 64 -15.31 -3.26 1.69
C ASP A 64 -15.16 -2.42 0.43
N LYS A 65 -14.08 -2.66 -0.32
CA LYS A 65 -13.81 -1.93 -1.56
C LYS A 65 -13.12 -0.59 -1.26
N LYS A 66 -11.92 -0.67 -0.69
CA LYS A 66 -11.15 0.51 -0.35
C LYS A 66 -10.47 1.10 -1.58
N VAL A 67 -10.04 0.21 -2.46
CA VAL A 67 -9.35 0.61 -3.69
C VAL A 67 -10.20 1.59 -4.51
N ARG A 68 -11.51 1.58 -4.29
CA ARG A 68 -12.42 2.47 -5.00
C ARG A 68 -12.57 3.80 -4.27
N GLU A 69 -12.92 3.72 -2.99
CA GLU A 69 -13.11 4.92 -2.18
C GLU A 69 -11.81 5.72 -2.08
N LEU A 70 -10.69 5.06 -2.34
CA LEU A 70 -9.39 5.72 -2.27
C LEU A 70 -9.08 6.50 -3.55
N ILE A 71 -10.10 6.75 -4.37
CA ILE A 71 -9.93 7.48 -5.61
C ILE A 71 -9.16 6.63 -6.59
N SER A 72 -9.51 6.76 -7.87
CA SER A 72 -8.84 5.99 -8.90
C SER A 72 -7.41 6.48 -9.09
N TYR A 73 -6.46 5.57 -8.98
CA TYR A 73 -5.05 5.92 -9.12
C TYR A 73 -4.61 5.98 -10.58
N LYS A 74 -3.40 6.50 -10.77
CA LYS A 74 -2.81 6.62 -12.10
C LYS A 74 -1.82 5.50 -12.36
N LEU A 75 -1.59 5.17 -13.62
CA LEU A 75 -0.65 4.12 -13.98
C LEU A 75 0.78 4.66 -14.03
N GLU A 76 1.13 5.49 -13.05
CA GLU A 76 2.46 6.08 -12.97
C GLU A 76 3.47 5.04 -12.54
N VAL A 77 4.02 4.32 -13.52
CA VAL A 77 5.00 3.27 -13.23
C VAL A 77 6.01 3.13 -14.36
N PRO A 78 7.32 3.09 -14.03
CA PRO A 78 8.38 2.94 -15.01
C PRO A 78 8.70 1.48 -15.31
N GLU A 79 9.41 1.25 -16.41
CA GLU A 79 9.79 -0.11 -16.80
C GLU A 79 8.55 -0.96 -17.06
N PHE A 80 7.97 -1.51 -15.99
CA PHE A 80 6.78 -2.34 -16.10
C PHE A 80 6.36 -2.89 -14.75
N THR A 81 5.06 -2.82 -14.46
CA THR A 81 4.53 -3.32 -13.20
C THR A 81 3.00 -3.22 -13.16
N LYS A 82 2.39 -3.10 -14.33
CA LYS A 82 0.94 -3.02 -14.41
C LYS A 82 0.32 -4.38 -14.08
N LYS A 83 1.04 -5.45 -14.38
CA LYS A 83 0.57 -6.80 -14.12
C LYS A 83 0.30 -6.99 -12.63
N VAL A 84 1.30 -6.72 -11.81
CA VAL A 84 1.16 -6.84 -10.37
C VAL A 84 -0.03 -6.04 -9.89
N LEU A 85 -0.22 -4.86 -10.48
CA LEU A 85 -1.35 -4.02 -10.15
C LEU A 85 -2.63 -4.79 -10.43
N ASP A 86 -2.61 -5.57 -11.51
CA ASP A 86 -3.75 -6.41 -11.89
C ASP A 86 -4.02 -7.44 -10.79
N ILE A 87 -3.02 -7.65 -9.93
CA ILE A 87 -3.15 -8.60 -8.83
C ILE A 87 -4.08 -8.02 -7.77
N VAL A 88 -3.86 -6.75 -7.43
CA VAL A 88 -4.70 -6.08 -6.44
C VAL A 88 -6.16 -6.01 -6.89
N LYS A 89 -6.36 -6.08 -8.21
CA LYS A 89 -7.70 -6.00 -8.79
C LYS A 89 -8.63 -7.08 -8.27
N ASP A 90 -8.14 -8.31 -8.16
CA ASP A 90 -8.99 -9.42 -7.71
C ASP A 90 -8.29 -10.38 -6.75
N ILE A 91 -7.16 -9.98 -6.18
CA ILE A 91 -6.45 -10.84 -5.24
C ILE A 91 -7.14 -10.82 -3.87
N GLU A 92 -7.42 -12.00 -3.32
CA GLU A 92 -8.07 -12.10 -2.03
C GLU A 92 -7.24 -11.42 -0.95
N PHE A 93 -7.89 -11.04 0.14
CA PHE A 93 -7.19 -10.38 1.25
C PHE A 93 -6.37 -11.39 2.03
N GLY A 94 -6.85 -12.63 2.07
CA GLY A 94 -6.14 -13.68 2.77
C GLY A 94 -5.25 -14.48 1.85
N LYS A 95 -4.78 -13.84 0.78
CA LYS A 95 -3.93 -14.51 -0.20
C LYS A 95 -2.47 -14.14 0.04
N THR A 96 -1.57 -15.02 -0.38
CA THR A 96 -0.14 -14.80 -0.22
C THR A 96 0.66 -15.52 -1.30
N LEU A 97 0.76 -14.89 -2.46
CA LEU A 97 1.49 -15.46 -3.58
C LEU A 97 2.95 -15.03 -3.53
N THR A 98 3.75 -15.49 -4.47
CA THR A 98 5.16 -15.14 -4.54
C THR A 98 5.47 -14.39 -5.83
N TYR A 99 6.64 -13.76 -5.88
CA TYR A 99 7.05 -13.01 -7.05
C TYR A 99 7.05 -13.89 -8.30
N GLY A 100 7.75 -15.01 -8.23
CA GLY A 100 7.84 -15.93 -9.35
C GLY A 100 6.48 -16.22 -9.97
N ASP A 101 5.43 -16.12 -9.18
CA ASP A 101 4.08 -16.39 -9.67
C ASP A 101 3.69 -15.41 -10.79
N ILE A 102 3.58 -14.14 -10.43
CA ILE A 102 3.22 -13.11 -11.40
C ILE A 102 4.33 -12.93 -12.41
N ALA A 103 5.55 -12.80 -11.93
CA ALA A 103 6.71 -12.62 -12.78
C ALA A 103 6.75 -13.69 -13.87
N LYS A 104 6.50 -14.93 -13.48
CA LYS A 104 6.50 -16.04 -14.41
C LYS A 104 5.48 -15.82 -15.52
N LYS A 105 4.38 -15.14 -15.18
CA LYS A 105 3.33 -14.87 -16.15
C LYS A 105 3.82 -13.92 -17.25
N LEU A 106 4.58 -12.90 -16.85
CA LEU A 106 5.12 -11.94 -17.81
C LEU A 106 6.46 -12.42 -18.37
N ASN A 107 7.16 -13.23 -17.59
CA ASN A 107 8.47 -13.77 -17.99
C ASN A 107 9.59 -12.79 -17.69
N THR A 108 9.39 -12.00 -16.64
CA THR A 108 10.39 -11.01 -16.23
C THR A 108 11.14 -11.47 -14.99
N SER A 109 10.75 -12.62 -14.45
CA SER A 109 11.39 -13.18 -13.26
C SER A 109 11.00 -12.36 -12.02
N PRO A 110 11.02 -13.01 -10.84
CA PRO A 110 10.66 -12.35 -9.57
C PRO A 110 11.61 -11.20 -9.21
N ARG A 111 12.74 -11.11 -9.92
CA ARG A 111 13.71 -10.05 -9.66
C ARG A 111 13.19 -8.71 -10.17
N ALA A 112 12.70 -8.70 -11.42
CA ALA A 112 12.18 -7.48 -12.02
C ALA A 112 10.90 -7.03 -11.32
N VAL A 113 10.02 -7.98 -11.04
CA VAL A 113 8.75 -7.67 -10.38
C VAL A 113 8.98 -7.14 -8.96
N GLY A 114 10.11 -7.53 -8.37
CA GLY A 114 10.41 -7.08 -7.03
C GLY A 114 10.42 -5.56 -6.92
N MET A 115 11.38 -4.93 -7.60
CA MET A 115 11.50 -3.48 -7.60
C MET A 115 10.22 -2.83 -8.12
N ALA A 116 9.42 -3.60 -8.86
CA ALA A 116 8.17 -3.09 -9.42
C ALA A 116 7.22 -2.60 -8.33
N LEU A 117 6.50 -3.53 -7.72
CA LEU A 117 5.56 -3.18 -6.65
C LEU A 117 6.25 -2.46 -5.49
N LYS A 118 7.58 -2.54 -5.46
CA LYS A 118 8.35 -1.90 -4.38
C LYS A 118 8.22 -0.38 -4.43
N ARG A 119 8.33 0.19 -5.62
CA ARG A 119 8.23 1.65 -5.78
C ARG A 119 6.84 2.06 -6.21
N ASN A 120 5.87 1.18 -6.01
CA ASN A 120 4.49 1.45 -6.39
C ASN A 120 4.03 2.82 -5.87
N PRO A 121 3.09 3.47 -6.59
CA PRO A 121 2.57 4.79 -6.21
C PRO A 121 1.63 4.72 -5.02
N LEU A 122 1.08 3.53 -4.77
CA LEU A 122 0.15 3.32 -3.66
C LEU A 122 0.38 1.97 -2.99
N PRO A 123 1.42 1.85 -2.15
CA PRO A 123 1.74 0.61 -1.45
C PRO A 123 0.74 0.31 -0.34
N LEU A 124 -0.07 1.31 0.01
CA LEU A 124 -1.08 1.14 1.04
C LEU A 124 -2.40 0.67 0.44
N ILE A 125 -2.31 -0.37 -0.39
CA ILE A 125 -3.47 -0.94 -1.05
C ILE A 125 -3.06 -2.12 -1.94
N ILE A 126 -1.85 -2.05 -2.50
CA ILE A 126 -1.35 -3.13 -3.36
C ILE A 126 -0.83 -4.28 -2.51
N PRO A 127 -1.13 -5.54 -2.89
CA PRO A 127 -0.70 -6.73 -2.15
C PRO A 127 0.78 -7.05 -2.37
N CYS A 128 1.63 -6.03 -2.34
CA CYS A 128 3.06 -6.23 -2.51
C CYS A 128 3.60 -7.23 -1.50
N HIS A 129 3.20 -7.05 -0.24
CA HIS A 129 3.62 -7.95 0.82
C HIS A 129 3.12 -9.36 0.58
N ARG A 130 2.05 -9.47 -0.23
CA ARG A 130 1.48 -10.76 -0.56
C ARG A 130 2.22 -11.40 -1.75
N VAL A 131 3.46 -10.96 -1.98
CA VAL A 131 4.27 -11.48 -3.06
C VAL A 131 5.70 -11.68 -2.59
N VAL A 132 5.97 -12.83 -1.97
CA VAL A 132 7.29 -13.13 -1.44
C VAL A 132 8.14 -13.91 -2.45
N ALA A 133 9.42 -14.00 -2.17
CA ALA A 133 10.35 -14.71 -3.05
C ALA A 133 10.33 -16.22 -2.77
N LYS A 134 10.00 -16.58 -1.55
CA LYS A 134 9.94 -17.99 -1.14
C LYS A 134 9.79 -18.11 0.38
N ASN A 135 10.91 -17.95 1.09
CA ASN A 135 10.90 -18.06 2.54
C ASN A 135 10.37 -16.79 3.19
N SER A 136 10.42 -15.68 2.45
CA SER A 136 9.95 -14.40 2.96
C SER A 136 9.94 -13.35 1.85
N LEU A 137 9.49 -12.15 2.19
CA LEU A 137 9.42 -11.05 1.22
C LEU A 137 10.76 -10.88 0.51
N GLY A 138 11.80 -10.53 1.26
CA GLY A 138 13.12 -10.34 0.68
C GLY A 138 13.93 -9.29 1.40
N GLY A 139 14.81 -8.62 0.68
CA GLY A 139 15.64 -7.60 1.28
C GLY A 139 14.82 -6.43 1.82
N TYR A 140 15.42 -5.24 1.81
CA TYR A 140 14.73 -4.05 2.31
C TYR A 140 13.43 -3.82 1.57
N SER A 141 12.41 -3.39 2.31
CA SER A 141 11.10 -3.14 1.72
C SER A 141 10.34 -2.08 2.50
N TYR A 142 10.48 -0.82 2.08
CA TYR A 142 9.80 0.30 2.75
C TYR A 142 10.26 0.44 4.19
N GLY A 143 11.41 -0.17 4.52
CA GLY A 143 11.93 -0.08 5.87
C GLY A 143 11.97 -1.44 6.57
N LEU A 144 11.38 -2.46 5.95
CA LEU A 144 11.35 -3.80 6.52
C LEU A 144 10.35 -3.91 7.66
N ASP A 145 10.53 -3.08 8.68
CA ASP A 145 9.64 -3.08 9.83
C ASP A 145 8.21 -2.71 9.43
N LYS A 146 8.08 -1.97 8.33
CA LYS A 146 6.77 -1.55 7.84
C LYS A 146 5.98 -2.75 7.33
N LYS A 147 6.44 -3.34 6.23
CA LYS A 147 5.77 -4.49 5.64
C LYS A 147 5.64 -5.63 6.66
N LYS A 148 6.62 -5.72 7.56
CA LYS A 148 6.61 -6.76 8.58
C LYS A 148 5.39 -6.60 9.50
N PHE A 149 5.17 -5.36 9.94
CA PHE A 149 4.06 -5.06 10.84
C PHE A 149 2.74 -5.55 10.25
N ILE A 150 2.53 -5.27 8.97
CA ILE A 150 1.31 -5.68 8.27
C ILE A 150 1.29 -7.19 8.03
N LEU A 151 2.43 -7.73 7.64
CA LEU A 151 2.56 -9.16 7.38
C LEU A 151 2.20 -9.99 8.61
N GLU A 152 2.44 -9.40 9.78
CA GLU A 152 2.15 -10.09 11.04
C GLU A 152 0.65 -10.02 11.36
N ARG A 153 0.12 -8.81 11.41
CA ARG A 153 -1.30 -8.62 11.71
C ARG A 153 -2.18 -9.36 10.70
N GLU A 154 -1.82 -9.26 9.42
CA GLU A 154 -2.57 -9.91 8.36
C GLU A 154 -2.63 -11.42 8.58
N ARG A 155 -1.46 -12.05 8.65
CA ARG A 155 -1.39 -13.50 8.86
C ARG A 155 -2.13 -13.91 10.12
N LEU A 156 -2.04 -13.09 11.16
CA LEU A 156 -2.71 -13.36 12.42
C LEU A 156 -4.22 -13.21 12.28
N ASN A 157 -4.64 -12.28 11.43
CA ASN A 157 -6.06 -12.03 11.21
C ASN A 157 -6.68 -13.15 10.39
N MET A 158 -7.66 -13.83 10.98
CA MET A 158 -8.34 -14.93 10.31
C MET A 158 -9.82 -14.97 10.70
N VAL A 159 -10.08 -14.99 12.00
CA VAL A 159 -11.45 -15.03 12.50
C VAL A 159 -11.61 -14.12 13.71
N SER A 160 -12.85 -13.68 13.95
CA SER A 160 -13.15 -12.80 15.06
C SER A 160 -13.00 -13.53 16.39
N PHE A 161 -12.97 -12.78 17.48
CA PHE A 161 -12.85 -13.36 18.82
C PHE A 161 -13.42 -12.43 19.88
N LYS A 162 -13.36 -12.87 21.14
CA LYS A 162 -13.89 -12.07 22.24
C LYS A 162 -15.37 -11.80 22.07
N PHE A 163 -16.20 -12.68 22.61
CA PHE A 163 -17.64 -12.54 22.52
C PHE A 163 -18.21 -11.89 23.78
N ASN A 164 -19.40 -11.33 23.66
CA ASN A 164 -20.06 -10.67 24.79
C ASN A 164 -21.02 -11.63 25.49
N LYS A 165 -20.94 -11.68 26.82
CA LYS A 165 -21.79 -12.56 27.60
C LYS A 165 -22.69 -11.75 28.54
N VAL A 166 -22.13 -10.69 29.12
CA VAL A 166 -22.88 -9.83 30.03
C VAL A 166 -22.31 -8.42 30.06
N TYR A 167 -20.99 -8.32 30.10
CA TYR A 167 -20.32 -7.01 30.13
C TYR A 167 -20.67 -6.26 31.41
N MET A 1 0.63 18.37 -0.64
CA MET A 1 0.66 16.93 -1.03
C MET A 1 1.36 16.09 0.03
N ILE A 2 2.30 16.71 0.75
CA ILE A 2 3.04 16.01 1.80
C ILE A 2 2.34 16.17 3.15
N ILE A 3 2.29 15.10 3.94
CA ILE A 3 1.67 15.16 5.26
C ILE A 3 2.24 14.09 6.18
N GLN A 4 2.19 14.36 7.48
CA GLN A 4 2.72 13.41 8.46
C GLN A 4 1.84 13.38 9.72
N ILE A 5 0.79 12.58 9.66
CA ILE A 5 -0.13 12.46 10.79
C ILE A 5 0.35 11.38 11.77
N GLU A 6 0.57 11.77 13.01
CA GLU A 6 1.02 10.84 14.05
C GLU A 6 2.45 10.39 13.77
N GLU A 7 2.61 9.47 12.83
CA GLU A 7 3.93 8.94 12.48
C GLU A 7 4.00 8.48 11.02
N TYR A 8 2.85 8.38 10.36
CA TYR A 8 2.82 7.94 8.97
C TYR A 8 2.85 9.12 8.01
N PHE A 9 3.89 9.20 7.18
CA PHE A 9 4.00 10.27 6.21
C PHE A 9 3.22 9.91 4.96
N ILE A 10 2.06 10.52 4.79
CA ILE A 10 1.24 10.23 3.61
C ILE A 10 1.65 11.10 2.43
N GLY A 11 2.26 10.46 1.44
CA GLY A 11 2.70 11.16 0.26
C GLY A 11 1.58 11.31 -0.74
N MET A 12 0.51 12.00 -0.33
CA MET A 12 -0.65 12.20 -1.19
C MET A 12 -0.46 13.34 -2.18
N ILE A 13 -0.28 12.98 -3.44
CA ILE A 13 -0.09 13.94 -4.51
C ILE A 13 -0.88 13.50 -5.74
N PHE A 14 -1.88 14.28 -6.11
CA PHE A 14 -2.71 13.95 -7.27
C PHE A 14 -2.78 15.11 -8.24
N LYS A 15 -3.34 14.85 -9.42
CA LYS A 15 -3.47 15.88 -10.45
C LYS A 15 -4.89 16.46 -10.47
N GLY A 16 -5.61 16.32 -9.36
CA GLY A 16 -6.96 16.84 -9.27
C GLY A 16 -7.96 15.82 -8.76
N ASN A 17 -8.90 15.43 -9.61
CA ASN A 17 -9.92 14.46 -9.24
C ASN A 17 -9.48 13.03 -9.54
N GLN A 18 -8.16 12.83 -9.66
CA GLN A 18 -7.61 11.50 -9.94
C GLN A 18 -6.25 11.33 -9.29
N LEU A 19 -6.17 10.39 -8.35
CA LEU A 19 -4.93 10.13 -7.63
C LEU A 19 -3.83 9.67 -8.57
N VAL A 20 -2.61 9.63 -8.04
CA VAL A 20 -1.46 9.21 -8.82
C VAL A 20 -0.41 8.59 -7.91
N ARG A 21 -0.32 9.11 -6.70
CA ARG A 21 0.62 8.62 -5.71
C ARG A 21 0.26 9.18 -4.33
N ASN A 22 0.04 8.31 -3.35
CA ASN A 22 -0.32 8.76 -2.01
C ASN A 22 0.04 7.73 -0.94
N THR A 23 1.33 7.63 -0.63
CA THR A 23 1.79 6.67 0.37
C THR A 23 3.15 7.05 0.97
N ILE A 24 3.73 6.09 1.71
CA ILE A 24 5.05 6.24 2.36
C ILE A 24 4.95 6.74 3.80
N PRO A 25 4.29 5.97 4.69
CA PRO A 25 4.14 6.33 6.11
C PRO A 25 5.51 6.59 6.77
N LEU A 26 5.61 6.37 8.08
CA LEU A 26 6.87 6.55 8.82
C LEU A 26 7.71 7.72 8.29
N ARG A 27 8.99 7.73 8.65
CA ARG A 27 9.91 8.77 8.21
C ARG A 27 9.54 10.13 8.79
N ARG A 28 10.50 11.05 8.74
CA ARG A 28 10.32 12.41 9.25
C ARG A 28 11.67 13.11 9.39
N GLU A 29 12.67 12.32 9.75
CA GLU A 29 14.02 12.83 9.93
C GLU A 29 14.57 13.41 8.63
N GLU A 30 14.21 12.77 7.51
CA GLU A 30 14.67 13.22 6.20
C GLU A 30 13.49 13.49 5.27
N ILE A 31 12.75 14.56 5.56
CA ILE A 31 11.60 14.94 4.75
C ILE A 31 12.03 15.47 3.38
N PHE A 32 13.28 15.92 3.30
CA PHE A 32 13.83 16.44 2.06
C PHE A 32 14.40 15.31 1.24
N ASN A 33 15.33 15.62 0.35
CA ASN A 33 15.92 14.59 -0.49
C ASN A 33 14.86 13.98 -1.40
N PHE A 34 13.60 14.39 -1.23
CA PHE A 34 12.52 13.86 -2.06
C PHE A 34 11.37 14.87 -2.20
N MET A 35 11.06 15.59 -1.13
CA MET A 35 9.98 16.57 -1.16
C MET A 35 10.30 17.71 -2.12
N ASP A 36 9.33 18.06 -2.96
CA ASP A 36 9.51 19.14 -3.93
C ASP A 36 9.03 20.46 -3.35
N GLY A 37 9.45 20.76 -2.12
CA GLY A 37 9.05 22.00 -1.48
C GLY A 37 7.55 22.10 -1.31
N GLU A 38 7.04 21.62 -0.17
CA GLU A 38 5.60 21.67 0.09
C GLU A 38 5.32 21.59 1.60
N VAL A 39 5.07 20.38 2.11
CA VAL A 39 4.77 20.20 3.53
C VAL A 39 3.79 21.26 4.03
N VAL A 40 2.70 21.45 3.30
CA VAL A 40 1.69 22.44 3.66
C VAL A 40 0.33 21.77 3.86
N SER A 41 -0.75 22.50 3.58
CA SER A 41 -2.11 21.99 3.75
C SER A 41 -2.52 22.02 5.21
N ASN A 42 -3.51 22.83 5.53
CA ASN A 42 -3.99 22.95 6.90
C ASN A 42 -4.86 21.74 7.27
N PRO A 43 -4.56 21.09 8.41
CA PRO A 43 -5.31 19.92 8.87
C PRO A 43 -6.82 20.05 8.67
N GLU A 44 -7.30 21.27 8.67
CA GLU A 44 -8.73 21.54 8.47
C GLU A 44 -9.22 21.01 7.14
N ASP A 45 -9.74 19.78 7.14
CA ASP A 45 -10.27 19.14 5.93
C ASP A 45 -9.17 18.71 4.97
N GLU A 46 -7.91 18.87 5.38
CA GLU A 46 -6.78 18.48 4.54
C GLU A 46 -6.95 17.07 4.01
N HIS A 47 -7.30 16.14 4.90
CA HIS A 47 -7.51 14.75 4.53
C HIS A 47 -7.82 13.90 5.76
N LEU A 48 -8.64 14.45 6.65
CA LEU A 48 -9.02 13.74 7.87
C LEU A 48 -9.80 12.46 7.55
N LYS A 49 -10.87 12.61 6.77
CA LYS A 49 -11.70 11.47 6.40
C LYS A 49 -10.89 10.35 5.75
N VAL A 50 -10.01 10.72 4.84
CA VAL A 50 -9.18 9.73 4.15
C VAL A 50 -8.11 9.15 5.06
N ALA A 51 -7.53 10.01 5.90
CA ALA A 51 -6.49 9.59 6.83
C ALA A 51 -6.95 8.40 7.68
N GLU A 52 -8.06 8.59 8.38
CA GLU A 52 -8.62 7.54 9.23
C GLU A 52 -8.90 6.28 8.41
N ILE A 53 -9.30 6.48 7.16
CA ILE A 53 -9.60 5.36 6.28
C ILE A 53 -8.34 4.56 5.96
N ILE A 54 -7.28 5.27 5.60
CA ILE A 54 -6.01 4.62 5.28
C ILE A 54 -5.55 3.73 6.43
N LEU A 55 -5.67 4.23 7.65
CA LEU A 55 -5.27 3.47 8.83
C LEU A 55 -6.03 2.15 8.90
N LYS A 56 -7.29 2.18 8.49
CA LYS A 56 -8.15 0.99 8.52
C LYS A 56 -7.54 -0.16 7.70
N LEU A 57 -7.34 0.07 6.40
CA LEU A 57 -6.78 -0.97 5.54
C LEU A 57 -5.37 -1.34 5.97
N TYR A 58 -4.65 -0.37 6.53
CA TYR A 58 -3.28 -0.60 6.99
C TYR A 58 -3.25 -1.63 8.11
N PHE A 59 -4.13 -1.47 9.09
CA PHE A 59 -4.21 -2.39 10.22
C PHE A 59 -5.08 -3.59 9.88
N ALA A 60 -5.84 -3.50 8.78
CA ALA A 60 -6.72 -4.58 8.35
C ALA A 60 -8.02 -4.56 9.12
N GLU A 61 -9.00 -3.79 8.63
CA GLU A 61 -10.30 -3.69 9.29
C GLU A 61 -11.36 -3.16 8.34
N ILE A 62 -11.36 -3.69 7.11
CA ILE A 62 -12.33 -3.28 6.10
C ILE A 62 -12.41 -4.29 4.97
N ASP A 63 -11.25 -4.78 4.52
CA ASP A 63 -11.20 -5.76 3.44
C ASP A 63 -11.83 -5.19 2.17
N ASP A 64 -12.45 -6.06 1.37
CA ASP A 64 -13.09 -5.63 0.13
C ASP A 64 -12.06 -5.10 -0.88
N LYS A 65 -11.66 -3.85 -0.72
CA LYS A 65 -10.68 -3.24 -1.61
C LYS A 65 -10.24 -1.88 -1.11
N LYS A 66 -11.19 -0.94 -1.03
CA LYS A 66 -10.90 0.42 -0.57
C LYS A 66 -10.22 1.25 -1.65
N VAL A 67 -9.98 0.65 -2.81
CA VAL A 67 -9.34 1.35 -3.92
C VAL A 67 -10.18 2.52 -4.38
N ARG A 68 -11.49 2.30 -4.51
CA ARG A 68 -12.42 3.34 -4.95
C ARG A 68 -12.29 4.58 -4.07
N GLU A 69 -12.73 4.45 -2.81
CA GLU A 69 -12.67 5.57 -1.86
C GLU A 69 -11.26 6.14 -1.77
N LEU A 70 -10.27 5.31 -2.12
CA LEU A 70 -8.87 5.73 -2.08
C LEU A 70 -8.49 6.57 -3.29
N ILE A 71 -9.48 7.04 -4.04
CA ILE A 71 -9.23 7.84 -5.22
C ILE A 71 -8.55 6.99 -6.28
N SER A 72 -9.10 7.00 -7.49
CA SER A 72 -8.55 6.21 -8.56
C SER A 72 -7.22 6.77 -9.06
N TYR A 73 -6.28 5.87 -9.32
CA TYR A 73 -4.96 6.28 -9.82
C TYR A 73 -4.97 6.39 -11.34
N LYS A 74 -4.31 7.41 -11.86
CA LYS A 74 -4.26 7.63 -13.31
C LYS A 74 -2.86 8.04 -13.75
N LEU A 75 -2.29 7.28 -14.69
CA LEU A 75 -0.97 7.57 -15.21
C LEU A 75 0.09 7.59 -14.11
N GLU A 76 0.63 6.41 -13.80
CA GLU A 76 1.65 6.29 -12.76
C GLU A 76 2.35 4.94 -12.84
N VAL A 77 2.49 4.45 -14.07
CA VAL A 77 3.14 3.16 -14.30
C VAL A 77 3.93 3.16 -15.61
N PRO A 78 5.02 3.94 -15.67
CA PRO A 78 5.86 4.03 -16.86
C PRO A 78 6.94 2.94 -16.88
N GLU A 79 6.56 1.73 -16.51
CA GLU A 79 7.47 0.60 -16.47
C GLU A 79 6.76 -0.65 -15.93
N PHE A 80 7.54 -1.69 -15.67
CA PHE A 80 6.98 -2.93 -15.13
C PHE A 80 6.23 -2.69 -13.83
N THR A 81 4.91 -2.88 -13.87
CA THR A 81 4.07 -2.68 -12.69
C THR A 81 2.60 -3.01 -13.01
N LYS A 82 2.22 -2.87 -14.28
CA LYS A 82 0.85 -3.16 -14.69
C LYS A 82 0.50 -4.61 -14.38
N LYS A 83 1.48 -5.50 -14.57
CA LYS A 83 1.28 -6.92 -14.32
C LYS A 83 0.92 -7.19 -12.86
N VAL A 84 1.76 -6.73 -11.94
CA VAL A 84 1.52 -6.92 -10.53
C VAL A 84 0.11 -6.44 -10.15
N LEU A 85 -0.28 -5.32 -10.72
CA LEU A 85 -1.61 -4.77 -10.48
C LEU A 85 -2.63 -5.82 -10.85
N ASP A 86 -2.34 -6.55 -11.92
CA ASP A 86 -3.22 -7.62 -12.37
C ASP A 86 -3.32 -8.70 -11.30
N ILE A 87 -2.35 -8.72 -10.39
CA ILE A 87 -2.33 -9.68 -9.30
C ILE A 87 -3.47 -9.39 -8.33
N VAL A 88 -3.63 -8.12 -8.00
CA VAL A 88 -4.70 -7.71 -7.08
C VAL A 88 -6.07 -7.97 -7.68
N LYS A 89 -6.14 -8.01 -9.01
CA LYS A 89 -7.39 -8.24 -9.72
C LYS A 89 -8.11 -9.50 -9.24
N ASP A 90 -7.35 -10.46 -8.74
CA ASP A 90 -7.94 -11.71 -8.26
C ASP A 90 -7.36 -12.18 -6.94
N ILE A 91 -6.06 -11.95 -6.74
CA ILE A 91 -5.41 -12.36 -5.50
C ILE A 91 -5.86 -11.49 -4.33
N GLU A 92 -6.31 -12.16 -3.27
CA GLU A 92 -6.80 -11.47 -2.08
C GLU A 92 -5.86 -11.69 -0.89
N PHE A 93 -6.35 -11.37 0.31
CA PHE A 93 -5.55 -11.54 1.52
C PHE A 93 -5.45 -13.00 1.93
N GLY A 94 -6.20 -13.87 1.26
CA GLY A 94 -6.16 -15.28 1.57
C GLY A 94 -5.13 -16.05 0.76
N LYS A 95 -4.24 -15.31 0.10
CA LYS A 95 -3.19 -15.92 -0.72
C LYS A 95 -1.83 -15.32 -0.39
N THR A 96 -0.77 -16.09 -0.63
CA THR A 96 0.59 -15.62 -0.37
C THR A 96 1.58 -16.33 -1.27
N LEU A 97 2.37 -15.55 -2.00
CA LEU A 97 3.36 -16.10 -2.92
C LEU A 97 4.53 -15.13 -3.07
N THR A 98 5.53 -15.54 -3.84
CA THR A 98 6.71 -14.69 -4.03
C THR A 98 6.60 -13.93 -5.36
N TYR A 99 7.70 -13.30 -5.75
CA TYR A 99 7.75 -12.52 -6.99
C TYR A 99 7.91 -13.43 -8.21
N GLY A 100 8.71 -14.48 -8.06
CA GLY A 100 8.96 -15.40 -9.16
C GLY A 100 7.68 -15.98 -9.75
N ASP A 101 6.81 -16.50 -8.88
CA ASP A 101 5.57 -17.12 -9.32
C ASP A 101 4.70 -16.12 -10.10
N ILE A 102 4.68 -14.88 -9.66
CA ILE A 102 3.90 -13.84 -10.32
C ILE A 102 4.52 -13.44 -11.67
N ALA A 103 5.80 -13.13 -11.64
CA ALA A 103 6.52 -12.73 -12.84
C ALA A 103 6.43 -13.82 -13.91
N LYS A 104 6.83 -15.02 -13.54
CA LYS A 104 6.77 -16.16 -14.46
C LYS A 104 5.35 -16.40 -14.96
N LYS A 105 4.38 -15.88 -14.21
CA LYS A 105 2.97 -16.04 -14.57
C LYS A 105 2.64 -15.27 -15.85
N LEU A 106 3.17 -14.07 -15.98
CA LEU A 106 2.91 -13.25 -17.15
C LEU A 106 3.99 -13.45 -18.21
N ASN A 107 5.11 -12.76 -18.04
CA ASN A 107 6.22 -12.86 -18.97
C ASN A 107 7.42 -12.03 -18.51
N THR A 108 7.68 -12.05 -17.21
CA THR A 108 8.78 -11.29 -16.64
C THR A 108 9.53 -12.09 -15.58
N SER A 109 10.09 -11.40 -14.59
CA SER A 109 10.83 -12.07 -13.52
C SER A 109 10.68 -11.31 -12.21
N PRO A 110 11.04 -11.94 -11.08
CA PRO A 110 10.94 -11.31 -9.75
C PRO A 110 11.94 -10.17 -9.56
N ARG A 111 12.85 -10.00 -10.52
CA ARG A 111 13.84 -8.94 -10.44
C ARG A 111 13.19 -7.58 -10.73
N ALA A 112 12.58 -7.47 -11.90
CA ALA A 112 11.92 -6.24 -12.30
C ALA A 112 10.69 -5.97 -11.44
N VAL A 113 9.97 -7.05 -11.11
CA VAL A 113 8.77 -6.93 -10.28
C VAL A 113 9.11 -6.47 -8.88
N GLY A 114 10.34 -6.72 -8.44
CA GLY A 114 10.75 -6.32 -7.11
C GLY A 114 10.59 -4.82 -6.91
N MET A 115 11.42 -4.04 -7.59
CA MET A 115 11.36 -2.59 -7.50
C MET A 115 9.98 -2.06 -7.89
N ALA A 116 9.22 -2.88 -8.61
CA ALA A 116 7.88 -2.49 -9.04
C ALA A 116 6.99 -2.15 -7.84
N LEU A 117 6.38 -3.18 -7.26
CA LEU A 117 5.50 -2.99 -6.11
C LEU A 117 6.22 -2.31 -4.95
N LYS A 118 7.56 -2.35 -4.96
CA LYS A 118 8.34 -1.73 -3.88
C LYS A 118 8.19 -0.21 -3.88
N ARG A 119 8.69 0.44 -4.91
CA ARG A 119 8.63 1.89 -5.01
C ARG A 119 7.41 2.35 -5.82
N ASN A 120 6.41 1.48 -5.94
CA ASN A 120 5.21 1.81 -6.68
C ASN A 120 4.56 3.08 -6.14
N PRO A 121 3.55 3.62 -6.85
CA PRO A 121 2.86 4.84 -6.43
C PRO A 121 1.74 4.57 -5.42
N LEU A 122 1.15 3.37 -5.50
CA LEU A 122 0.08 2.98 -4.60
C LEU A 122 0.44 1.68 -3.87
N PRO A 123 1.62 1.63 -3.22
CA PRO A 123 2.08 0.46 -2.49
C PRO A 123 1.03 -0.09 -1.54
N LEU A 124 0.23 0.80 -0.96
CA LEU A 124 -0.81 0.39 -0.02
C LEU A 124 -1.92 -0.37 -0.75
N ILE A 125 -2.59 0.30 -1.67
CA ILE A 125 -3.68 -0.31 -2.42
C ILE A 125 -3.20 -1.59 -3.14
N ILE A 126 -1.90 -1.65 -3.40
CA ILE A 126 -1.33 -2.82 -4.07
C ILE A 126 -1.07 -3.95 -3.08
N PRO A 127 -1.34 -5.20 -3.48
CA PRO A 127 -1.17 -6.37 -2.61
C PRO A 127 0.27 -6.89 -2.59
N CYS A 128 1.23 -5.96 -2.56
CA CYS A 128 2.65 -6.32 -2.53
C CYS A 128 2.96 -7.25 -1.36
N HIS A 129 2.10 -7.23 -0.34
CA HIS A 129 2.30 -8.06 0.84
C HIS A 129 2.34 -9.53 0.46
N ARG A 130 1.45 -9.93 -0.46
CA ARG A 130 1.39 -11.31 -0.90
C ARG A 130 2.46 -11.60 -1.96
N VAL A 131 3.66 -11.07 -1.75
CA VAL A 131 4.77 -11.25 -2.67
C VAL A 131 6.09 -11.17 -1.92
N VAL A 132 6.49 -12.27 -1.30
CA VAL A 132 7.73 -12.31 -0.55
C VAL A 132 8.87 -12.90 -1.37
N ALA A 133 10.07 -12.88 -0.80
CA ALA A 133 11.25 -13.41 -1.48
C ALA A 133 11.35 -14.92 -1.28
N LYS A 134 12.46 -15.50 -1.73
CA LYS A 134 12.68 -16.93 -1.60
C LYS A 134 12.42 -17.40 -0.16
N ASN A 135 12.82 -16.58 0.79
CA ASN A 135 12.64 -16.92 2.20
C ASN A 135 11.21 -16.64 2.66
N SER A 136 10.95 -15.39 3.03
CA SER A 136 9.63 -14.99 3.49
C SER A 136 9.52 -13.47 3.65
N LEU A 137 10.64 -12.84 3.95
CA LEU A 137 10.67 -11.39 4.13
C LEU A 137 12.01 -10.82 3.69
N GLY A 138 11.96 -9.66 3.04
CA GLY A 138 13.17 -9.02 2.57
C GLY A 138 13.43 -7.69 3.24
N GLY A 139 13.00 -6.61 2.60
CA GLY A 139 13.20 -5.28 3.15
C GLY A 139 14.22 -4.48 2.39
N TYR A 140 13.88 -3.24 2.07
CA TYR A 140 14.79 -2.36 1.34
C TYR A 140 14.29 -0.92 1.34
N SER A 141 12.98 -0.75 1.14
CA SER A 141 12.38 0.58 1.12
C SER A 141 11.02 0.57 1.81
N TYR A 142 10.39 1.74 1.88
CA TYR A 142 9.09 1.88 2.51
C TYR A 142 9.15 1.55 3.99
N GLY A 143 9.19 0.25 4.31
CA GLY A 143 9.24 -0.18 5.69
C GLY A 143 8.72 -1.58 5.88
N LEU A 144 9.57 -2.56 5.60
CA LEU A 144 9.19 -3.97 5.72
C LEU A 144 8.64 -4.29 7.10
N ASP A 145 8.89 -3.42 8.08
CA ASP A 145 8.40 -3.65 9.44
C ASP A 145 6.88 -3.71 9.45
N LYS A 146 6.25 -2.86 8.64
CA LYS A 146 4.79 -2.82 8.56
C LYS A 146 4.27 -4.10 7.91
N LYS A 147 5.00 -4.60 6.91
CA LYS A 147 4.62 -5.83 6.23
C LYS A 147 4.53 -6.98 7.21
N LYS A 148 5.38 -6.93 8.24
CA LYS A 148 5.40 -7.94 9.28
C LYS A 148 4.12 -7.85 10.11
N PHE A 149 3.82 -6.63 10.56
CA PHE A 149 2.64 -6.36 11.36
C PHE A 149 1.38 -6.83 10.66
N ILE A 150 1.15 -6.30 9.46
CA ILE A 150 -0.03 -6.66 8.68
C ILE A 150 -0.12 -8.16 8.43
N LEU A 151 1.03 -8.76 8.11
CA LEU A 151 1.09 -10.19 7.85
C LEU A 151 0.52 -10.99 9.02
N GLU A 152 0.56 -10.41 10.22
CA GLU A 152 0.04 -11.07 11.40
C GLU A 152 -1.40 -10.68 11.68
N ARG A 153 -1.69 -9.38 11.64
CA ARG A 153 -3.03 -8.88 11.89
C ARG A 153 -4.02 -9.48 10.89
N GLU A 154 -3.55 -9.75 9.68
CA GLU A 154 -4.40 -10.33 8.64
C GLU A 154 -5.06 -11.62 9.12
N ARG A 155 -4.25 -12.64 9.37
CA ARG A 155 -4.77 -13.93 9.84
C ARG A 155 -5.61 -13.76 11.09
N LEU A 156 -5.27 -12.76 11.90
CA LEU A 156 -6.00 -12.50 13.13
C LEU A 156 -7.27 -11.69 12.86
N ASN A 157 -8.00 -11.38 13.93
CA ASN A 157 -9.25 -10.61 13.81
C ASN A 157 -10.32 -11.42 13.09
N MET A 158 -10.15 -11.59 11.78
CA MET A 158 -11.10 -12.35 10.98
C MET A 158 -12.50 -11.73 11.07
N VAL A 159 -13.47 -12.38 10.43
CA VAL A 159 -14.84 -11.89 10.44
C VAL A 159 -15.73 -12.79 11.29
N SER A 160 -15.94 -12.40 12.54
CA SER A 160 -16.76 -13.16 13.46
C SER A 160 -17.70 -12.26 14.24
N PHE A 161 -18.96 -12.20 13.82
CA PHE A 161 -19.96 -11.36 14.48
C PHE A 161 -21.06 -12.22 15.10
N LYS A 162 -22.02 -11.56 15.73
CA LYS A 162 -23.14 -12.26 16.36
C LYS A 162 -24.48 -11.70 15.91
N PHE A 163 -24.56 -10.37 15.84
CA PHE A 163 -25.79 -9.69 15.42
C PHE A 163 -26.89 -9.87 16.45
N ASN A 164 -27.40 -11.10 16.56
CA ASN A 164 -28.47 -11.40 17.50
C ASN A 164 -27.90 -12.05 18.77
N LYS A 165 -28.47 -11.70 19.91
CA LYS A 165 -28.02 -12.25 21.19
C LYS A 165 -29.10 -12.10 22.25
N VAL A 166 -28.96 -12.83 23.35
CA VAL A 166 -29.92 -12.79 24.44
C VAL A 166 -29.30 -12.14 25.68
N TYR A 167 -29.87 -11.01 26.09
CA TYR A 167 -29.38 -10.29 27.26
C TYR A 167 -29.97 -10.88 28.55
#